data_8AJN
#
_entry.id   8AJN
#
_cell.length_a   1.00
_cell.length_b   1.00
_cell.length_c   1.00
_cell.angle_alpha   90.00
_cell.angle_beta   90.00
_cell.angle_gamma   90.00
#
_symmetry.space_group_name_H-M   'P 1'
#
loop_
_entity.id
_entity.type
_entity.pdbx_description
1 polymer 'DNA damage-binding protein 1'
2 polymer 'DDB1- and CUL4-associated factor 12'
#
loop_
_entity_poly.entity_id
_entity_poly.type
_entity_poly.pdbx_seq_one_letter_code
_entity_poly.pdbx_strand_id
1 'polypeptide(L)'
;MGSSHHHHHHSAVDENLYFQGGGRMSYNYVVTAQKPTAVNGCVTGHFTSAEDLNLLIAKNTRLEIYVVTAEGLRPVKEVG
MYGKIAVMELFRPKGESKDLLFILTAKYNACILEYKQSGESIDIITRAHGNVQDRIGRPSETGIIGIIDPECRMIGLRLY
DGLFKVIPLDRDNKELKAFNIRLEELHVIDVKFLYGCQAPTICFVYQDPQGRHVKTYEVSLREKEFNKGPWKQENVEAEA
SMVIAVPEPFGGAIIIGQESITYHNGDKYLAIAPPIIKQSTIVCHNRVDPNGSRYLLGDMEGRLFMLLLEKEEQMDGTVT
LKDLRVELLGETSIAECLTYLDNGVVFVGSRLGDSQLVKLNVDSNEQGSYVVAMETFTNLGPIVDMCVVDLERQGQGQLV
TCSGAFKEGSLRIIRNGIGIHEHASIDLPGIKGLWPLRSDPNRETDDTLVLSFVGQTRVLMLNGEEVEETELMGFVDDQQ
TFFCGNVAHQQLIQITSASVRLVSQEPKALVSEWKEPQAKNISVASCNSSQVVVAVGRALYYLQIHPQELRQISHTEMEH
EVACLDITPLGDSNGLSPLCAIGLWTDISARILKLPSFELLHKEMLGGEIIPRSILMTTFESSHYLLCALGDGALFYFGL
NIETGLLSDRKKVTLGTQPTVLRTFRSLSTTNVFACSDRPTVIYSSNHKLVFSNVNLKEVNYMCPLNSDGYPDSLALANN
STLTIGTIDEIQKLHIRTVPLYESPRKICYQEVSQCFGVLSSRIEVQDTSGGTTALRPSASTQALSSSVSSSKLFSSSTA
PHETSFGEEVEVHNLLIIDQHTFEVLHAHQFLQNEYALSLVSCKLGKDPNTYFIVGTAMVYPEEAEPKQGRIVVFQYSDG
KLQTVAEKEVKGAVYSMVEFNGKLLASINSTVRLYEWTTEKELRTECNHYNNIMALYLKTKGDFILVGDLMRSVLLLAYK
PMEGNFEEIARDFNPNWMSAVEILDDDNFLGAENAFNLFVCQKDSAATTDEERQHLQEVGLFHLGEFVNVFCHGSLVMQN
LGETSTPTQGSVLFGTVNGMIGLVTSLSESWYNLLLDMQNRLNKVIKSVGKIEHSFWRSFHTERKTEPATGFIDGDLIES
FLDISRPKMQEVVANLQYDDGSGMKREATADDLIKVVEELTRIH
;
A
2 'polypeptide(L)'
;MDWSHPQFEKSAVDENLYFQGGGRMARKVVSRKRKAPASPGAGSDAQGPQFGWDHSLHKRKRLPPVKRSLVYYLKNREVR
LQNETSYSRVLHGYAAQQLPSLLKEREFHLGTLNKVFASQWLNHRQVVCGTKCNTLFVVDVQTSQITKIPILKDREPGGV
TQQGCGIHAIELNPSRTLLATGGDNPNSLAIYRLPTLDPVCVGDDGHKDWIFSIAWISDTMAVSGSRDGSMGLWEVTDDV
LTKSDARHNVSRVPVYAHITHKALKDIPKEDTNPDNCKVRALAFNNKNKELGAVSLDGYFHLWKAENTLSKLLSTKLPYC
RENVCLAYGSEWSVYAVGSQAHVSFLDPRQPSYNVKSVCSRERGSGIRSVSFYEHIITVGTGQGSLLFYDIRAQRFLEER
LSACYGSKPRLAGENLKLTTGKGWLNHDETWRNYFSDIDFFPNAVYTHCYDSSGTKLFVAGGPLPSGLHGNYAGLWS
;
B
#
# COMPACT_ATOMS: atom_id res chain seq x y z
N MET A 25 13.87 -8.70 -21.63
CA MET A 25 13.96 -7.71 -20.56
C MET A 25 12.82 -6.69 -20.65
N SER A 26 12.49 -6.04 -19.53
CA SER A 26 11.25 -5.28 -19.38
C SER A 26 11.51 -3.90 -18.79
N TYR A 27 10.56 -3.00 -19.04
CA TYR A 27 10.80 -1.56 -19.02
C TYR A 27 9.56 -0.89 -18.43
N ASN A 28 9.60 -0.43 -17.17
CA ASN A 28 8.39 0.02 -16.46
C ASN A 28 8.69 1.14 -15.46
N TYR A 29 7.70 2.02 -15.21
CA TYR A 29 7.83 3.19 -14.33
C TYR A 29 6.65 3.25 -13.35
N VAL A 30 6.92 3.47 -12.05
CA VAL A 30 5.85 3.52 -11.03
C VAL A 30 5.97 4.79 -10.17
N VAL A 31 4.90 5.58 -10.10
CA VAL A 31 4.91 6.90 -9.45
C VAL A 31 3.68 7.11 -8.56
N THR A 32 3.85 7.90 -7.49
CA THR A 32 2.78 8.28 -6.57
C THR A 32 2.05 9.52 -7.05
N ALA A 33 0.76 9.38 -7.37
CA ALA A 33 -0.04 10.54 -7.71
C ALA A 33 -0.56 11.27 -6.47
N GLN A 34 -0.88 10.52 -5.42
CA GLN A 34 -1.39 11.09 -4.18
C GLN A 34 -0.71 10.40 -2.99
N LYS A 35 -0.19 11.21 -2.06
CA LYS A 35 0.50 10.72 -0.86
C LYS A 35 -0.42 9.88 0.03
N PRO A 36 0.14 9.01 0.89
CA PRO A 36 -0.67 8.39 1.94
C PRO A 36 -1.26 9.46 2.87
N THR A 37 -2.45 9.17 3.38
CA THR A 37 -3.19 10.12 4.22
C THR A 37 -3.64 9.54 5.56
N ALA A 38 -3.75 8.22 5.68
CA ALA A 38 -4.30 7.60 6.88
C ALA A 38 -3.28 7.59 8.02
N VAL A 39 -3.70 8.06 9.20
CA VAL A 39 -2.81 8.15 10.37
C VAL A 39 -2.59 6.76 10.96
N ASN A 40 -1.33 6.32 11.04
CA ASN A 40 -1.02 5.06 11.69
C ASN A 40 -0.46 5.23 13.10
N GLY A 41 -0.09 6.44 13.50
CA GLY A 41 0.35 6.71 14.85
C GLY A 41 0.48 8.19 15.13
N CYS A 42 0.26 8.60 16.37
CA CYS A 42 0.45 9.99 16.75
C CYS A 42 0.75 10.12 18.23
N VAL A 43 1.47 11.19 18.57
CA VAL A 43 1.93 11.47 19.93
C VAL A 43 1.89 12.97 20.14
N THR A 44 1.95 13.41 21.39
CA THR A 44 2.25 14.80 21.68
C THR A 44 3.44 14.91 22.62
N GLY A 45 4.19 15.98 22.40
CA GLY A 45 5.36 16.31 23.19
C GLY A 45 5.86 17.67 22.81
N HIS A 46 7.14 17.89 23.00
CA HIS A 46 7.76 19.20 22.86
C HIS A 46 9.00 19.08 22.00
N PHE A 47 8.77 18.78 20.72
CA PHE A 47 9.78 18.42 19.75
C PHE A 47 10.40 19.64 19.07
N THR A 48 9.56 20.56 18.58
CA THR A 48 10.07 21.76 17.91
C THR A 48 10.61 22.79 18.91
N SER A 49 10.12 22.76 20.15
CA SER A 49 10.67 23.51 21.28
C SER A 49 9.98 22.98 22.54
N ALA A 50 10.43 23.47 23.70
CA ALA A 50 9.76 23.17 24.97
C ALA A 50 8.34 23.76 25.00
N GLU A 51 8.14 24.92 24.38
CA GLU A 51 6.91 25.69 24.50
C GLU A 51 5.88 25.36 23.43
N ASP A 52 6.31 24.96 22.23
CA ASP A 52 5.39 24.32 21.31
C ASP A 52 4.90 23.03 21.93
N LEU A 53 3.60 22.89 22.09
CA LEU A 53 3.05 21.55 22.16
C LEU A 53 2.94 21.06 20.73
N ASN A 54 3.69 20.03 20.38
CA ASN A 54 3.55 19.43 19.07
C ASN A 54 2.58 18.27 19.12
N LEU A 55 1.85 18.12 18.04
CA LEU A 55 1.29 16.85 17.63
C LEU A 55 2.16 16.32 16.50
N LEU A 56 2.65 15.10 16.66
CA LEU A 56 3.36 14.41 15.58
C LEU A 56 2.45 13.32 15.04
N ILE A 57 2.29 13.30 13.72
CA ILE A 57 1.43 12.35 13.04
C ILE A 57 2.27 11.52 12.09
N ALA A 58 2.25 10.21 12.30
CA ALA A 58 2.78 9.26 11.33
C ALA A 58 1.62 8.76 10.46
N LYS A 59 1.78 8.96 9.16
CA LYS A 59 1.04 8.31 8.09
C LYS A 59 2.02 7.41 7.36
N ASN A 60 1.55 6.32 6.75
CA ASN A 60 2.35 5.11 6.54
C ASN A 60 3.84 5.28 6.16
N THR A 61 4.19 6.18 5.23
CA THR A 61 5.59 6.50 4.95
C THR A 61 5.90 7.98 5.20
N ARG A 62 4.96 8.72 5.79
CA ARG A 62 4.97 10.17 5.86
C ARG A 62 4.89 10.62 7.31
N LEU A 63 5.88 11.40 7.74
CA LEU A 63 5.92 12.02 9.06
C LEU A 63 5.46 13.47 8.95
N GLU A 64 4.51 13.88 9.80
CA GLU A 64 3.98 15.25 9.79
C GLU A 64 4.04 15.87 11.18
N ILE A 65 4.53 17.11 11.24
CA ILE A 65 4.80 17.83 12.48
C ILE A 65 3.88 19.05 12.55
N TYR A 66 3.04 19.12 13.58
CA TYR A 66 2.04 20.16 13.78
C TYR A 66 2.28 20.93 15.07
N VAL A 67 2.06 22.25 15.06
CA VAL A 67 2.11 23.07 16.27
C VAL A 67 0.68 23.33 16.75
N VAL A 68 0.46 23.17 18.05
CA VAL A 68 -0.83 23.38 18.68
C VAL A 68 -0.99 24.85 19.03
N THR A 69 -1.81 25.57 18.27
CA THR A 69 -2.18 26.95 18.57
C THR A 69 -3.60 27.00 19.13
N ALA A 70 -3.96 28.13 19.70
CA ALA A 70 -5.33 28.32 20.17
C ALA A 70 -6.32 28.23 19.02
N GLU A 71 -5.90 28.68 17.83
CA GLU A 71 -6.78 28.69 16.67
C GLU A 71 -6.93 27.30 16.05
N GLY A 72 -5.95 26.43 16.20
CA GLY A 72 -6.00 25.10 15.63
C GLY A 72 -4.62 24.56 15.34
N LEU A 73 -4.60 23.36 14.73
CA LEU A 73 -3.34 22.73 14.36
C LEU A 73 -2.73 23.41 13.13
N ARG A 74 -1.44 23.72 13.21
CA ARG A 74 -0.71 24.26 12.08
C ARG A 74 0.38 23.28 11.65
N PRO A 75 0.32 22.79 10.41
CA PRO A 75 1.38 21.95 9.87
C PRO A 75 2.65 22.76 9.64
N VAL A 76 3.79 22.20 10.04
CA VAL A 76 5.07 22.91 10.02
C VAL A 76 6.10 22.20 9.16
N LYS A 77 6.12 20.87 9.17
CA LYS A 77 7.05 20.08 8.38
C LYS A 77 6.46 18.71 8.07
N GLU A 78 6.73 18.21 6.86
CA GLU A 78 6.40 16.85 6.48
C GLU A 78 7.62 16.20 5.84
N VAL A 79 7.80 14.91 6.11
CA VAL A 79 8.93 14.12 5.61
C VAL A 79 8.39 12.80 5.08
N GLY A 80 8.84 12.41 3.89
CA GLY A 80 8.71 11.04 3.46
C GLY A 80 9.96 10.24 3.80
N MET A 81 9.81 9.14 4.52
CA MET A 81 10.92 8.25 4.81
C MET A 81 11.05 7.18 3.73
N TYR A 82 12.29 6.78 3.43
CA TYR A 82 12.52 5.56 2.66
C TYR A 82 12.32 4.35 3.59
N GLY A 83 11.08 4.22 4.05
CA GLY A 83 10.74 3.22 5.06
C GLY A 83 9.37 3.43 5.67
N LYS A 84 8.55 2.38 5.63
CA LYS A 84 7.28 2.35 6.33
C LYS A 84 7.50 2.47 7.85
N ILE A 85 6.72 3.32 8.52
CA ILE A 85 6.90 3.64 9.94
C ILE A 85 6.08 2.68 10.80
N ALA A 86 6.70 2.14 11.88
CA ALA A 86 6.06 1.16 12.74
C ALA A 86 6.05 1.55 14.22
N VAL A 87 7.05 2.31 14.67
CA VAL A 87 7.09 2.86 16.03
C VAL A 87 7.49 4.33 15.98
N MET A 88 6.83 5.14 16.80
CA MET A 88 7.18 6.54 16.96
C MET A 88 7.04 6.93 18.43
N GLU A 89 8.07 7.59 18.99
CA GLU A 89 8.06 8.01 20.39
C GLU A 89 8.82 9.31 20.57
N LEU A 90 8.33 10.17 21.45
CA LEU A 90 9.04 11.36 21.87
C LEU A 90 9.58 11.16 23.28
N PHE A 91 10.80 11.66 23.52
CA PHE A 91 11.48 11.53 24.80
C PHE A 91 12.45 12.69 24.96
N ARG A 92 12.82 12.99 26.21
CA ARG A 92 13.74 14.09 26.48
C ARG A 92 14.92 13.65 27.35
N PRO A 93 16.05 13.33 26.74
CA PRO A 93 17.27 13.06 27.50
C PRO A 93 17.64 14.25 28.37
N LYS A 94 18.22 13.95 29.52
CA LYS A 94 18.57 15.00 30.46
C LYS A 94 19.54 15.99 29.84
N GLY A 95 19.29 17.29 30.06
CA GLY A 95 20.09 18.33 29.48
C GLY A 95 19.60 18.85 28.14
N GLU A 96 18.69 18.12 27.50
CA GLU A 96 18.13 18.56 26.23
C GLU A 96 16.98 19.55 26.46
N SER A 97 16.95 20.62 25.66
CA SER A 97 15.95 21.66 25.78
C SER A 97 14.59 21.25 25.22
N LYS A 98 14.56 20.22 24.38
CA LYS A 98 13.40 19.79 23.63
C LYS A 98 13.51 18.29 23.42
N ASP A 99 12.40 17.65 23.08
CA ASP A 99 12.40 16.20 22.89
C ASP A 99 13.28 15.78 21.71
N LEU A 100 13.73 14.53 21.77
CA LEU A 100 14.17 13.77 20.62
C LEU A 100 13.05 12.83 20.18
N LEU A 101 13.09 12.45 18.90
CA LEU A 101 12.04 11.66 18.26
C LEU A 101 12.62 10.32 17.80
N PHE A 102 12.13 9.23 18.39
CA PHE A 102 12.58 7.90 17.99
C PHE A 102 11.63 7.30 16.96
N ILE A 103 12.19 6.79 15.86
CA ILE A 103 11.39 6.15 14.83
C ILE A 103 12.01 4.79 14.47
N LEU A 104 11.18 3.75 14.45
CA LEU A 104 11.59 2.44 13.96
C LEU A 104 10.73 2.06 12.76
N THR A 105 11.37 1.65 11.68
CA THR A 105 10.68 1.26 10.46
C THR A 105 10.38 -0.24 10.45
N ALA A 106 9.51 -0.64 9.51
CA ALA A 106 9.12 -2.03 9.39
C ALA A 106 10.27 -2.92 8.92
N LYS A 107 11.28 -2.36 8.27
CA LYS A 107 12.50 -3.08 7.96
C LYS A 107 13.49 -3.04 9.10
N TYR A 108 13.07 -2.54 10.26
CA TYR A 108 13.86 -2.48 11.48
C TYR A 108 15.02 -1.51 11.38
N ASN A 109 14.93 -0.53 10.49
CA ASN A 109 15.87 0.58 10.54
C ASN A 109 15.45 1.51 11.67
N ALA A 110 16.32 1.66 12.66
CA ALA A 110 16.03 2.51 13.80
C ALA A 110 16.80 3.82 13.68
N CYS A 111 16.20 4.89 14.21
CA CYS A 111 16.88 6.18 14.20
C CYS A 111 16.35 7.09 15.31
N ILE A 112 17.22 7.99 15.76
CA ILE A 112 16.85 9.06 16.67
C ILE A 112 16.97 10.39 15.94
N LEU A 113 15.89 11.18 15.98
CA LEU A 113 15.72 12.36 15.16
C LEU A 113 15.52 13.60 16.01
N GLU A 114 16.05 14.73 15.54
CA GLU A 114 15.87 16.03 16.16
C GLU A 114 15.38 17.03 15.12
N TYR A 115 14.28 17.72 15.42
CA TYR A 115 13.84 18.86 14.61
C TYR A 115 14.86 19.98 14.67
N LYS A 116 15.28 20.47 13.50
CA LYS A 116 16.04 21.70 13.39
C LYS A 116 15.36 22.66 12.43
N GLN A 117 15.51 23.95 12.71
CA GLN A 117 15.00 24.99 11.83
C GLN A 117 16.05 26.09 11.70
N SER A 118 16.24 26.56 10.47
CA SER A 118 17.15 27.67 10.18
C SER A 118 16.43 28.64 9.25
N GLY A 119 15.97 29.76 9.80
CA GLY A 119 15.09 30.61 9.03
C GLY A 119 13.83 29.84 8.69
N GLU A 120 13.44 29.88 7.42
CA GLU A 120 12.27 29.15 6.97
C GLU A 120 12.55 27.66 6.74
N SER A 121 13.82 27.29 6.57
CA SER A 121 14.16 25.91 6.23
C SER A 121 14.08 25.02 7.46
N ILE A 122 13.58 23.81 7.27
CA ILE A 122 13.43 22.85 8.36
C ILE A 122 13.99 21.49 7.94
N ASP A 123 14.84 20.92 8.78
CA ASP A 123 15.45 19.62 8.54
C ASP A 123 15.23 18.70 9.74
N ILE A 124 15.10 17.41 9.47
CA ILE A 124 14.96 16.40 10.52
C ILE A 124 16.29 15.64 10.59
N ILE A 125 17.16 16.01 11.54
CA ILE A 125 18.52 15.50 11.63
C ILE A 125 18.54 14.17 12.38
N THR A 126 19.30 13.22 11.86
CA THR A 126 19.42 11.90 12.49
C THR A 126 20.66 11.88 13.37
N ARG A 127 20.44 11.91 14.70
CA ARG A 127 21.54 11.85 15.65
C ARG A 127 22.12 10.46 15.75
N ALA A 128 21.28 9.43 15.60
CA ALA A 128 21.70 8.06 15.76
C ALA A 128 20.88 7.19 14.83
N HIS A 129 21.50 6.12 14.33
CA HIS A 129 20.79 5.24 13.41
C HIS A 129 21.45 3.87 13.38
N GLY A 130 20.71 2.91 12.83
CA GLY A 130 21.24 1.59 12.60
C GLY A 130 20.14 0.57 12.44
N ASN A 131 20.36 -0.43 11.61
CA ASN A 131 19.38 -1.49 11.45
C ASN A 131 19.51 -2.46 12.62
N VAL A 132 18.38 -2.75 13.26
CA VAL A 132 18.35 -3.60 14.43
C VAL A 132 17.66 -4.93 14.13
N GLN A 133 17.56 -5.28 12.85
CA GLN A 133 17.02 -6.58 12.48
C GLN A 133 17.96 -7.68 12.92
N ASP A 134 17.39 -8.75 13.46
CA ASP A 134 18.17 -9.94 13.77
C ASP A 134 18.05 -10.93 12.63
N ARG A 135 19.19 -11.53 12.26
CA ARG A 135 19.26 -12.36 11.06
C ARG A 135 18.30 -13.55 11.14
N ILE A 136 18.03 -14.04 12.35
CA ILE A 136 17.10 -15.14 12.59
C ILE A 136 16.23 -14.78 13.79
N GLY A 137 14.94 -15.06 13.70
CA GLY A 137 13.97 -14.79 14.73
C GLY A 137 12.61 -14.44 14.15
N ARG A 138 11.54 -15.00 14.70
CA ARG A 138 10.19 -14.74 14.17
C ARG A 138 9.71 -13.36 14.61
N PRO A 139 9.37 -12.46 13.67
CA PRO A 139 8.83 -11.15 14.06
C PRO A 139 7.62 -11.30 14.98
N SER A 140 7.50 -10.39 15.95
CA SER A 140 6.58 -10.62 17.06
C SER A 140 5.12 -10.66 16.61
N GLU A 141 4.35 -11.50 17.29
CA GLU A 141 2.95 -11.81 17.05
C GLU A 141 1.97 -10.65 17.39
N THR A 142 2.41 -9.43 17.69
CA THR A 142 1.50 -8.30 17.99
C THR A 142 2.25 -6.99 17.67
N GLY A 143 2.42 -6.74 16.37
CA GLY A 143 3.07 -5.55 15.86
C GLY A 143 4.50 -5.34 16.34
N ILE A 144 5.11 -4.22 15.96
CA ILE A 144 6.41 -3.84 16.49
C ILE A 144 6.20 -2.83 17.60
N ILE A 145 6.94 -2.98 18.70
CA ILE A 145 6.81 -2.09 19.85
C ILE A 145 8.15 -1.44 20.18
N GLY A 146 8.11 -0.14 20.48
CA GLY A 146 9.26 0.56 21.02
C GLY A 146 8.85 1.61 22.02
N ILE A 147 9.55 1.70 23.15
CA ILE A 147 9.19 2.59 24.24
C ILE A 147 10.44 3.23 24.81
N ILE A 148 10.27 4.34 25.53
CA ILE A 148 11.43 5.05 26.06
C ILE A 148 11.24 5.39 27.54
N ASP A 149 12.32 5.17 28.30
CA ASP A 149 12.34 5.42 29.73
C ASP A 149 12.11 6.90 30.05
N PRO A 150 11.31 7.20 31.08
CA PRO A 150 11.00 8.58 31.47
C PRO A 150 12.21 9.46 31.70
N GLU A 151 13.25 8.91 32.30
CA GLU A 151 14.51 9.64 32.46
C GLU A 151 15.39 9.44 31.25
N CYS A 152 14.91 8.71 30.25
CA CYS A 152 15.58 8.53 28.98
C CYS A 152 16.95 7.88 29.17
N ARG A 153 17.00 6.91 30.06
CA ARG A 153 18.22 6.13 30.25
C ARG A 153 18.38 5.05 29.19
N MET A 154 17.27 4.60 28.59
CA MET A 154 17.33 3.57 27.57
C MET A 154 16.06 3.55 26.72
N ILE A 155 16.18 2.91 25.54
CA ILE A 155 15.05 2.60 24.68
C ILE A 155 14.90 1.09 24.62
N GLY A 156 13.67 0.62 24.76
CA GLY A 156 13.36 -0.81 24.69
C GLY A 156 12.53 -1.14 23.46
N LEU A 157 12.92 -2.21 22.77
CA LEU A 157 12.24 -2.63 21.54
C LEU A 157 11.81 -4.09 21.64
N ARG A 158 10.63 -4.38 21.12
CA ARG A 158 10.12 -5.75 21.06
C ARG A 158 9.91 -6.10 19.60
N LEU A 159 10.99 -6.52 18.92
CA LEU A 159 10.94 -6.84 17.50
C LEU A 159 10.57 -8.29 17.26
N TYR A 160 11.08 -9.18 18.10
CA TYR A 160 10.92 -10.61 17.93
C TYR A 160 10.42 -11.23 19.22
N ASP A 161 9.66 -12.31 19.10
CA ASP A 161 9.19 -13.01 20.28
C ASP A 161 10.35 -13.60 21.07
N GLY A 162 10.26 -13.52 22.38
CA GLY A 162 11.28 -14.07 23.25
C GLY A 162 12.52 -13.23 23.39
N LEU A 163 12.57 -12.07 22.74
CA LEU A 163 13.75 -11.22 22.80
C LEU A 163 13.34 -9.80 23.11
N PHE A 164 13.92 -9.23 24.16
CA PHE A 164 13.73 -7.82 24.45
C PHE A 164 15.02 -7.09 24.14
N LYS A 165 14.97 -6.24 23.13
CA LYS A 165 16.17 -5.58 22.66
C LYS A 165 16.34 -4.24 23.35
N VAL A 166 17.50 -4.01 23.95
CA VAL A 166 17.75 -2.82 24.75
C VAL A 166 18.78 -1.94 24.06
N ILE A 167 18.44 -0.68 23.89
CA ILE A 167 19.37 0.34 23.40
C ILE A 167 19.67 1.30 24.54
N PRO A 168 20.86 1.25 25.10
CA PRO A 168 21.34 2.26 26.05
C PRO A 168 21.32 3.64 25.41
N LEU A 169 20.81 4.63 26.14
CA LEU A 169 20.86 6.00 25.61
C LEU A 169 22.14 6.71 26.04
N ASP A 170 23.24 5.99 25.92
CA ASP A 170 24.58 6.57 26.00
C ASP A 170 24.83 7.43 24.77
N ARG A 171 25.31 8.65 24.99
CA ARG A 171 25.57 9.55 23.87
C ARG A 171 26.60 8.97 22.91
N ASP A 172 27.45 8.07 23.38
CA ASP A 172 28.43 7.42 22.52
C ASP A 172 27.81 6.29 21.70
N ASN A 173 26.59 5.88 22.00
CA ASN A 173 25.90 4.84 21.25
C ASN A 173 25.19 5.45 20.04
N LYS A 174 25.98 6.17 19.23
CA LYS A 174 25.41 6.88 18.09
C LYS A 174 24.99 5.90 17.00
N GLU A 175 25.77 4.85 16.79
CA GLU A 175 25.24 3.70 16.09
C GLU A 175 24.29 3.00 17.06
N LEU A 176 23.07 2.70 16.62
CA LEU A 176 22.09 2.13 17.53
C LEU A 176 22.37 0.65 17.72
N LYS A 177 23.53 0.37 18.31
CA LYS A 177 23.87 -0.99 18.71
C LYS A 177 22.99 -1.41 19.86
N ALA A 178 22.60 -2.68 19.86
CA ALA A 178 21.68 -3.16 20.86
C ALA A 178 22.02 -4.60 21.21
N PHE A 179 21.63 -4.98 22.40
CA PHE A 179 21.80 -6.35 22.85
C PHE A 179 20.43 -6.91 23.23
N ASN A 180 20.29 -8.21 23.09
CA ASN A 180 19.04 -8.87 23.45
C ASN A 180 19.16 -9.47 24.83
N ILE A 181 18.24 -9.11 25.70
CA ILE A 181 18.05 -9.84 26.94
C ILE A 181 17.04 -10.94 26.65
N ARG A 182 17.45 -12.18 26.84
CA ARG A 182 16.52 -13.26 26.60
C ARG A 182 15.33 -13.13 27.53
N LEU A 183 14.14 -13.12 26.96
CA LEU A 183 12.92 -12.92 27.73
C LEU A 183 12.18 -14.24 27.80
N GLU A 184 12.08 -14.77 29.02
CA GLU A 184 11.38 -16.05 29.19
C GLU A 184 9.91 -15.91 28.85
N GLU A 185 9.37 -14.71 29.01
CA GLU A 185 8.02 -14.38 28.60
C GLU A 185 8.04 -14.10 27.10
N LEU A 186 7.67 -15.10 26.30
CA LEU A 186 7.88 -15.00 24.85
C LEU A 186 6.95 -13.97 24.22
N HIS A 187 5.66 -14.06 24.52
CA HIS A 187 4.67 -13.22 23.86
C HIS A 187 4.40 -11.98 24.70
N VAL A 188 4.87 -10.83 24.21
CA VAL A 188 4.71 -9.56 24.91
C VAL A 188 3.67 -8.72 24.19
N ILE A 189 2.63 -8.34 24.92
CA ILE A 189 1.48 -7.63 24.35
C ILE A 189 1.69 -6.12 24.38
N ASP A 190 2.17 -5.60 25.51
CA ASP A 190 2.46 -4.17 25.63
C ASP A 190 3.48 -3.94 26.73
N VAL A 191 4.20 -2.81 26.62
CA VAL A 191 5.36 -2.50 27.43
C VAL A 191 5.35 -1.00 27.74
N LYS A 192 5.82 -0.63 28.94
CA LYS A 192 6.15 0.76 29.29
C LYS A 192 7.26 0.78 30.32
N PHE A 193 7.89 1.95 30.47
CA PHE A 193 8.85 2.19 31.55
C PHE A 193 8.19 3.01 32.65
N LEU A 194 8.37 2.60 33.90
CA LEU A 194 7.72 3.22 35.06
C LEU A 194 8.45 4.49 35.49
N TYR A 195 7.68 5.42 36.07
CA TYR A 195 8.21 6.68 36.56
C TYR A 195 8.70 6.57 38.00
N GLY A 196 9.66 7.41 38.36
CA GLY A 196 10.09 7.56 39.74
C GLY A 196 10.97 6.44 40.27
N CYS A 197 11.49 5.58 39.39
CA CYS A 197 12.30 4.45 39.81
C CYS A 197 13.78 4.76 39.56
N GLN A 198 14.59 4.60 40.62
CA GLN A 198 16.02 4.91 40.53
C GLN A 198 16.70 4.05 39.47
N ALA A 199 16.30 2.80 39.39
CA ALA A 199 16.68 1.97 38.27
C ALA A 199 15.61 2.04 37.20
N PRO A 200 16.01 2.14 35.94
CA PRO A 200 15.06 2.08 34.83
C PRO A 200 14.32 0.75 34.88
N THR A 201 13.00 0.83 34.98
CA THR A 201 12.19 -0.33 35.36
C THR A 201 11.14 -0.59 34.30
N ILE A 202 11.24 -1.73 33.63
CA ILE A 202 10.30 -2.12 32.59
C ILE A 202 9.04 -2.69 33.23
N CYS A 203 7.89 -2.34 32.67
CA CYS A 203 6.61 -2.88 33.08
C CYS A 203 5.88 -3.33 31.82
N PHE A 204 5.38 -4.56 31.80
CA PHE A 204 4.82 -5.09 30.55
C PHE A 204 3.74 -6.12 30.80
N VAL A 205 2.79 -6.17 29.84
CA VAL A 205 1.82 -7.26 29.74
C VAL A 205 2.41 -8.32 28.81
N TYR A 206 2.38 -9.56 29.26
CA TYR A 206 2.78 -10.69 28.41
C TYR A 206 1.74 -11.78 28.52
N GLN A 207 1.79 -12.73 27.59
CA GLN A 207 0.86 -13.85 27.60
C GLN A 207 1.62 -15.17 27.71
N ASP A 208 1.03 -16.10 28.45
CA ASP A 208 1.60 -17.39 28.74
C ASP A 208 0.43 -18.37 28.84
N PRO A 209 0.69 -19.67 29.00
CA PRO A 209 -0.39 -20.66 29.15
C PRO A 209 -1.33 -20.35 30.31
N GLN A 210 -0.90 -19.57 31.28
CA GLN A 210 -1.71 -19.13 32.41
C GLN A 210 -2.56 -17.90 32.11
N GLY A 211 -2.52 -17.36 30.89
CA GLY A 211 -3.19 -16.10 30.57
C GLY A 211 -2.23 -14.93 30.50
N ARG A 212 -2.67 -13.72 30.86
CA ARG A 212 -1.83 -12.53 30.82
C ARG A 212 -1.47 -12.03 32.21
N HIS A 213 -0.29 -11.43 32.31
CA HIS A 213 0.33 -11.02 33.56
C HIS A 213 1.03 -9.69 33.36
N VAL A 214 1.15 -8.91 34.42
CA VAL A 214 1.99 -7.72 34.39
C VAL A 214 3.15 -7.94 35.34
N LYS A 215 4.36 -7.67 34.83
CA LYS A 215 5.59 -8.03 35.47
C LYS A 215 6.59 -6.91 35.24
N THR A 216 7.56 -6.78 36.14
CA THR A 216 8.55 -5.71 36.04
C THR A 216 9.96 -6.23 36.28
N TYR A 217 10.93 -5.55 35.67
CA TYR A 217 12.35 -5.82 35.88
C TYR A 217 13.09 -4.49 36.03
N GLU A 218 14.06 -4.46 36.94
CA GLU A 218 15.06 -3.39 36.93
C GLU A 218 16.09 -3.76 35.87
N VAL A 219 16.10 -3.03 34.76
CA VAL A 219 16.93 -3.37 33.62
C VAL A 219 18.34 -2.86 33.87
N SER A 220 19.30 -3.78 33.95
CA SER A 220 20.69 -3.43 34.21
C SER A 220 21.42 -3.34 32.87
N LEU A 221 21.80 -2.12 32.49
CA LEU A 221 22.63 -1.94 31.31
C LEU A 221 24.05 -2.42 31.56
N ARG A 222 24.44 -2.51 32.82
CA ARG A 222 25.75 -2.99 33.20
C ARG A 222 25.81 -4.51 33.15
N GLU A 223 24.82 -5.18 33.72
CA GLU A 223 24.75 -6.62 33.70
C GLU A 223 24.03 -7.14 32.47
N LYS A 224 23.39 -6.25 31.72
CA LYS A 224 22.69 -6.62 30.49
C LYS A 224 21.71 -7.76 30.75
N GLU A 225 20.95 -7.63 31.83
CA GLU A 225 19.99 -8.66 32.21
C GLU A 225 18.89 -8.04 33.06
N PHE A 226 17.86 -8.83 33.32
CA PHE A 226 16.75 -8.41 34.16
C PHE A 226 17.03 -8.78 35.63
N ASN A 227 17.39 -7.77 36.42
CA ASN A 227 17.25 -7.87 37.87
C ASN A 227 15.78 -7.74 38.24
N LYS A 228 15.38 -8.30 39.38
CA LYS A 228 13.96 -8.31 39.75
C LYS A 228 13.43 -6.88 39.93
N GLY A 229 12.22 -6.62 39.41
CA GLY A 229 11.60 -5.32 39.50
C GLY A 229 10.92 -5.10 40.84
N PRO A 230 10.32 -3.90 41.01
CA PRO A 230 9.76 -3.55 42.32
C PRO A 230 8.48 -4.31 42.68
N TRP A 231 7.76 -4.88 41.73
CA TRP A 231 6.54 -5.66 42.00
C TRP A 231 6.16 -6.49 40.78
N LYS A 232 5.21 -7.42 40.97
CA LYS A 232 4.54 -8.08 39.86
C LYS A 232 3.10 -8.41 40.22
N GLN A 233 2.25 -8.51 39.19
CA GLN A 233 0.86 -8.94 39.36
C GLN A 233 0.49 -9.95 38.26
N GLU A 234 0.45 -11.22 38.65
CA GLU A 234 -0.04 -12.27 37.76
C GLU A 234 -1.54 -12.06 37.49
N ASN A 235 -2.00 -12.60 36.36
CA ASN A 235 -3.42 -12.73 36.04
C ASN A 235 -4.16 -11.39 36.04
N VAL A 236 -3.76 -10.50 35.12
CA VAL A 236 -4.57 -9.34 34.76
C VAL A 236 -5.67 -9.80 33.81
N GLU A 237 -6.55 -8.88 33.41
CA GLU A 237 -7.66 -9.21 32.51
C GLU A 237 -7.14 -9.85 31.22
N ALA A 238 -7.82 -10.91 30.76
CA ALA A 238 -7.31 -11.70 29.63
C ALA A 238 -7.19 -10.87 28.35
N GLU A 239 -7.96 -9.80 28.22
CA GLU A 239 -7.92 -8.90 27.07
C GLU A 239 -6.98 -7.72 27.26
N ALA A 240 -6.26 -7.67 28.38
CA ALA A 240 -5.48 -6.49 28.75
C ALA A 240 -4.40 -6.17 27.74
N SER A 241 -4.19 -4.87 27.53
CA SER A 241 -3.12 -4.30 26.74
C SER A 241 -2.87 -2.90 27.29
N MET A 242 -2.49 -1.97 26.42
CA MET A 242 -2.52 -0.52 26.70
C MET A 242 -2.05 -0.17 28.13
N VAL A 243 -0.80 -0.51 28.41
CA VAL A 243 -0.18 -0.13 29.69
C VAL A 243 0.00 1.37 29.74
N ILE A 244 -0.45 2.01 30.81
CA ILE A 244 -0.16 3.41 31.09
C ILE A 244 0.77 3.46 32.30
N ALA A 245 1.99 3.97 32.10
CA ALA A 245 2.83 4.31 33.25
C ALA A 245 2.31 5.61 33.86
N VAL A 246 2.15 5.65 35.17
CA VAL A 246 1.52 6.77 35.87
C VAL A 246 2.60 7.58 36.58
N PRO A 247 2.73 8.88 36.33
CA PRO A 247 3.86 9.67 36.86
C PRO A 247 3.66 10.09 38.32
N GLU A 248 4.67 10.80 38.85
CA GLU A 248 4.60 11.35 40.20
C GLU A 248 3.51 12.42 40.28
N PRO A 249 2.89 12.61 41.46
CA PRO A 249 3.18 11.96 42.75
C PRO A 249 2.55 10.57 42.91
N PHE A 250 1.72 10.10 41.97
CA PHE A 250 1.06 8.81 42.12
C PHE A 250 2.03 7.64 41.95
N GLY A 251 2.78 7.61 40.84
CA GLY A 251 3.55 6.44 40.50
C GLY A 251 2.63 5.30 40.05
N GLY A 252 3.20 4.12 39.88
CA GLY A 252 2.43 2.94 39.50
C GLY A 252 2.11 2.88 38.02
N ALA A 253 1.09 2.07 37.69
CA ALA A 253 0.68 1.90 36.30
C ALA A 253 -0.80 1.56 36.21
N ILE A 254 -1.45 1.99 35.12
CA ILE A 254 -2.82 1.58 34.79
C ILE A 254 -2.76 0.53 33.69
N ILE A 255 -3.61 -0.49 33.82
CA ILE A 255 -3.77 -1.56 32.84
C ILE A 255 -5.18 -1.45 32.26
N ILE A 256 -5.28 -1.39 30.93
CA ILE A 256 -6.54 -1.19 30.23
C ILE A 256 -6.86 -2.43 29.40
N GLY A 257 -8.04 -3.01 29.64
CA GLY A 257 -8.51 -4.15 28.88
C GLY A 257 -9.66 -3.81 27.97
N GLN A 258 -10.44 -4.85 27.63
CA GLN A 258 -11.71 -4.67 26.93
C GLN A 258 -12.82 -4.27 27.90
N GLU A 259 -12.72 -4.69 29.16
CA GLU A 259 -13.83 -4.63 30.10
C GLU A 259 -13.52 -3.90 31.40
N SER A 260 -12.24 -3.70 31.74
CA SER A 260 -11.92 -3.07 33.02
C SER A 260 -10.64 -2.25 32.92
N ILE A 261 -10.45 -1.41 33.93
CA ILE A 261 -9.26 -0.57 34.07
C ILE A 261 -8.74 -0.75 35.49
N THR A 262 -7.45 -1.10 35.63
CA THR A 262 -6.86 -1.44 36.92
C THR A 262 -5.59 -0.62 37.17
N TYR A 263 -5.39 -0.15 38.40
CA TYR A 263 -4.20 0.57 38.81
C TYR A 263 -3.39 -0.24 39.82
N HIS A 264 -2.07 -0.26 39.62
CA HIS A 264 -1.15 -0.95 40.50
C HIS A 264 -0.05 0.00 40.95
N ASN A 265 0.31 -0.04 42.23
CA ASN A 265 1.46 0.72 42.71
C ASN A 265 2.03 0.04 43.95
N GLY A 266 3.06 -0.78 43.75
CA GLY A 266 3.58 -1.58 44.86
C GLY A 266 2.48 -2.50 45.36
N ASP A 267 2.12 -2.35 46.63
CA ASP A 267 1.09 -3.19 47.25
C ASP A 267 -0.33 -2.72 46.93
N LYS A 268 -0.51 -1.47 46.50
CA LYS A 268 -1.85 -0.93 46.31
C LYS A 268 -2.47 -1.37 44.99
N TYR A 269 -3.77 -1.68 45.03
CA TYR A 269 -4.54 -2.17 43.89
C TYR A 269 -5.90 -1.50 43.87
N LEU A 270 -6.32 -1.00 42.70
CA LEU A 270 -7.63 -0.39 42.48
C LEU A 270 -8.17 -0.77 41.11
N ALA A 271 -9.46 -1.12 41.03
CA ALA A 271 -10.03 -1.53 39.74
C ALA A 271 -11.48 -1.10 39.58
N ILE A 272 -11.84 -0.73 38.35
CA ILE A 272 -13.21 -0.38 37.96
C ILE A 272 -13.53 -1.08 36.66
N ALA A 273 -14.82 -1.31 36.40
CA ALA A 273 -15.27 -1.96 35.17
C ALA A 273 -16.55 -1.33 34.64
N PRO A 274 -16.45 -0.13 34.07
CA PRO A 274 -17.62 0.61 33.57
C PRO A 274 -18.31 -0.11 32.43
N PRO A 275 -19.62 -0.34 32.56
CA PRO A 275 -20.42 -0.94 31.48
C PRO A 275 -20.39 -0.12 30.20
N ILE A 276 -20.03 1.16 30.31
CA ILE A 276 -20.02 2.05 29.16
C ILE A 276 -18.86 1.76 28.23
N ILE A 277 -17.73 1.29 28.77
CA ILE A 277 -16.59 0.96 27.93
C ILE A 277 -16.69 -0.46 27.41
N LYS A 278 -17.44 -1.33 28.09
CA LYS A 278 -17.54 -2.72 27.68
C LYS A 278 -18.15 -2.87 26.29
N GLN A 279 -18.81 -1.82 25.79
CA GLN A 279 -19.42 -1.88 24.47
C GLN A 279 -18.38 -1.87 23.35
N SER A 280 -17.17 -1.38 23.63
CA SER A 280 -16.14 -1.29 22.58
C SER A 280 -14.75 -1.38 23.20
N THR A 281 -13.82 -1.91 22.42
CA THR A 281 -12.42 -1.96 22.83
C THR A 281 -11.81 -0.56 22.77
N ILE A 282 -11.26 -0.06 23.88
CA ILE A 282 -10.37 1.09 23.82
C ILE A 282 -9.13 0.69 23.04
N VAL A 283 -8.71 1.53 22.10
CA VAL A 283 -7.56 1.23 21.26
C VAL A 283 -6.46 2.28 21.36
N CYS A 284 -6.68 3.39 22.06
CA CYS A 284 -5.62 4.36 22.30
C CYS A 284 -5.99 5.22 23.51
N HIS A 285 -5.00 5.93 24.05
CA HIS A 285 -5.14 6.76 25.24
C HIS A 285 -4.17 7.94 25.14
N ASN A 286 -4.42 9.02 25.91
CA ASN A 286 -3.41 10.06 26.01
C ASN A 286 -3.46 10.79 27.36
N ARG A 287 -2.28 11.23 27.82
CA ARG A 287 -2.07 11.90 29.10
C ARG A 287 -2.57 13.34 29.05
N VAL A 288 -3.71 13.62 29.69
CA VAL A 288 -4.22 14.99 29.76
C VAL A 288 -3.37 15.81 30.72
N ASP A 289 -3.24 15.34 31.95
CA ASP A 289 -2.56 16.06 33.01
C ASP A 289 -1.15 15.54 33.22
N PRO A 290 -0.18 16.45 33.29
CA PRO A 290 1.23 16.08 33.54
C PRO A 290 1.42 15.20 34.76
N ASN A 291 0.56 15.32 35.76
CA ASN A 291 0.67 14.51 36.97
C ASN A 291 -0.16 13.24 36.89
N GLY A 292 -0.76 12.97 35.73
CA GLY A 292 -1.51 11.74 35.54
C GLY A 292 -2.90 11.73 36.12
N SER A 293 -3.44 12.90 36.48
CA SER A 293 -4.77 12.95 37.08
C SER A 293 -5.87 12.56 36.08
N ARG A 294 -5.68 12.85 34.80
CA ARG A 294 -6.70 12.58 33.79
C ARG A 294 -6.08 12.01 32.52
N TYR A 295 -6.81 11.09 31.89
CA TYR A 295 -6.37 10.42 30.67
C TYR A 295 -7.53 10.32 29.69
N LEU A 296 -7.28 10.68 28.42
CA LEU A 296 -8.22 10.38 27.34
C LEU A 296 -8.18 8.89 27.01
N LEU A 297 -9.32 8.33 26.61
CA LEU A 297 -9.41 6.99 26.04
C LEU A 297 -10.28 7.00 24.80
N GLY A 298 -9.87 6.26 23.76
CA GLY A 298 -10.63 6.21 22.50
C GLY A 298 -10.91 4.81 22.00
N ASP A 299 -12.17 4.49 21.72
CA ASP A 299 -12.55 3.16 21.31
C ASP A 299 -12.55 3.01 19.78
N MET A 300 -12.94 1.80 19.33
CA MET A 300 -13.08 1.50 17.91
C MET A 300 -13.97 2.49 17.17
N GLU A 301 -15.01 3.00 17.84
CA GLU A 301 -15.97 3.89 17.18
C GLU A 301 -15.45 5.31 17.04
N GLY A 302 -14.54 5.72 17.89
CA GLY A 302 -14.29 7.13 18.09
C GLY A 302 -15.13 7.76 19.19
N ARG A 303 -15.78 6.95 20.04
CA ARG A 303 -16.24 7.46 21.32
C ARG A 303 -15.01 7.80 22.16
N LEU A 304 -15.03 8.98 22.76
CA LEU A 304 -13.90 9.53 23.47
C LEU A 304 -14.26 9.70 24.95
N PHE A 305 -13.48 9.08 25.83
CA PHE A 305 -13.73 9.11 27.28
C PHE A 305 -12.69 9.96 28.00
N MET A 306 -13.04 10.36 29.23
CA MET A 306 -12.11 10.89 30.21
C MET A 306 -12.01 9.90 31.36
N LEU A 307 -10.81 9.41 31.64
CA LEU A 307 -10.54 8.57 32.79
C LEU A 307 -9.91 9.43 33.88
N LEU A 308 -10.58 9.50 35.03
CA LEU A 308 -10.15 10.28 36.17
C LEU A 308 -9.45 9.38 37.18
N LEU A 309 -8.26 9.79 37.61
CA LEU A 309 -7.56 9.21 38.76
C LEU A 309 -7.69 10.21 39.91
N GLU A 310 -8.62 9.95 40.82
CA GLU A 310 -8.94 10.88 41.90
C GLU A 310 -7.89 10.81 43.03
N LYS A 311 -7.31 11.95 43.39
CA LYS A 311 -6.27 11.95 44.42
C LYS A 311 -6.85 11.80 45.82
N GLU A 312 -6.11 11.09 46.68
CA GLU A 312 -6.28 11.15 48.12
C GLU A 312 -4.98 11.60 48.76
N GLU A 313 -5.05 12.69 49.53
CA GLU A 313 -3.94 13.12 50.38
C GLU A 313 -3.97 12.30 51.67
N GLN A 314 -2.91 11.52 51.91
CA GLN A 314 -2.79 10.68 53.10
C GLN A 314 -2.36 11.51 54.31
N MET A 315 -2.42 10.88 55.50
CA MET A 315 -2.19 11.57 56.77
C MET A 315 -0.74 12.01 56.96
N ASP A 316 0.21 11.42 56.23
CA ASP A 316 1.60 11.86 56.20
C ASP A 316 1.85 12.97 55.18
N GLY A 317 0.80 13.45 54.50
CA GLY A 317 0.91 14.48 53.49
C GLY A 317 1.11 13.97 52.07
N THR A 318 1.43 12.70 51.87
CA THR A 318 1.69 12.18 50.53
C THR A 318 0.38 12.05 49.74
N VAL A 319 0.50 11.95 48.40
CA VAL A 319 -0.65 11.87 47.50
C VAL A 319 -0.75 10.46 46.92
N THR A 320 -1.98 9.92 46.86
CA THR A 320 -2.27 8.55 46.47
C THR A 320 -3.54 8.51 45.61
N LEU A 321 -3.83 7.34 45.02
CA LEU A 321 -5.08 7.15 44.28
C LEU A 321 -6.22 6.78 45.22
N LYS A 322 -7.35 7.50 45.11
CA LYS A 322 -8.56 7.28 45.88
C LYS A 322 -9.56 6.39 45.14
N ASP A 323 -9.86 6.71 43.88
CA ASP A 323 -10.59 5.81 43.00
C ASP A 323 -10.42 6.25 41.55
N LEU A 324 -10.64 5.30 40.63
CA LEU A 324 -10.74 5.55 39.20
C LEU A 324 -12.18 5.93 38.84
N ARG A 325 -12.35 6.71 37.75
CA ARG A 325 -13.70 7.09 37.29
C ARG A 325 -13.71 7.45 35.81
N VAL A 326 -14.66 6.87 35.03
CA VAL A 326 -14.71 7.04 33.58
C VAL A 326 -15.96 7.81 33.16
N GLU A 327 -15.77 8.87 32.37
CA GLU A 327 -16.87 9.64 31.78
C GLU A 327 -16.80 9.56 30.26
N LEU A 328 -17.96 9.37 29.62
CA LEU A 328 -18.04 9.49 28.17
C LEU A 328 -18.17 10.95 27.79
N LEU A 329 -17.27 11.42 26.94
CA LEU A 329 -17.31 12.81 26.52
C LEU A 329 -18.18 13.02 25.29
N GLY A 330 -18.20 12.06 24.37
CA GLY A 330 -19.01 12.15 23.16
C GLY A 330 -18.37 11.34 22.04
N GLU A 331 -18.57 11.78 20.79
CA GLU A 331 -18.05 11.08 19.63
C GLU A 331 -17.18 11.94 18.74
N THR A 332 -16.22 11.26 18.09
CA THR A 332 -15.18 11.84 17.24
C THR A 332 -14.87 10.85 16.12
N SER A 333 -13.90 11.19 15.26
CA SER A 333 -13.39 10.25 14.26
C SER A 333 -12.93 8.95 14.91
N ILE A 334 -12.97 7.85 14.13
CA ILE A 334 -12.40 6.60 14.61
C ILE A 334 -10.93 6.84 14.95
N ALA A 335 -10.55 6.45 16.17
CA ALA A 335 -9.23 6.75 16.70
C ALA A 335 -8.27 5.60 16.44
N GLU A 336 -7.20 5.88 15.67
CA GLU A 336 -6.01 5.03 15.70
C GLU A 336 -5.14 5.41 16.90
N CYS A 337 -5.09 6.70 17.19
CA CYS A 337 -4.31 7.28 18.26
C CYS A 337 -5.01 8.56 18.71
N LEU A 338 -4.79 8.96 19.96
CA LEU A 338 -5.41 10.13 20.57
C LEU A 338 -4.35 11.08 21.07
N THR A 339 -4.73 12.36 21.19
CA THR A 339 -3.78 13.37 21.66
C THR A 339 -4.55 14.49 22.36
N TYR A 340 -4.43 14.62 23.68
CA TYR A 340 -4.86 15.84 24.33
C TYR A 340 -3.91 16.97 23.95
N LEU A 341 -4.45 18.17 23.77
CA LEU A 341 -3.63 19.27 23.29
C LEU A 341 -3.54 20.39 24.33
N ASP A 342 -4.22 21.50 24.07
CA ASP A 342 -4.08 22.77 24.80
C ASP A 342 -5.42 23.49 24.73
N ASN A 343 -5.71 24.34 25.72
CA ASN A 343 -6.96 25.11 25.78
C ASN A 343 -8.21 24.22 25.85
N GLY A 344 -8.07 22.95 26.24
CA GLY A 344 -9.18 22.01 26.23
C GLY A 344 -9.42 21.33 24.89
N VAL A 345 -8.58 21.55 23.89
CA VAL A 345 -8.72 20.94 22.58
C VAL A 345 -8.04 19.57 22.55
N VAL A 346 -8.53 18.67 21.68
CA VAL A 346 -8.02 17.32 21.50
C VAL A 346 -7.87 17.04 20.00
N PHE A 347 -6.81 16.31 19.62
CA PHE A 347 -6.70 15.77 18.27
C PHE A 347 -6.98 14.27 18.26
N VAL A 348 -7.75 13.82 17.27
CA VAL A 348 -7.99 12.40 17.03
C VAL A 348 -7.35 12.01 15.71
N GLY A 349 -6.33 11.15 15.78
CA GLY A 349 -5.69 10.61 14.60
C GLY A 349 -6.50 9.45 14.05
N SER A 350 -6.94 9.57 12.81
CA SER A 350 -7.82 8.57 12.22
C SER A 350 -7.14 7.92 11.03
N ARG A 351 -7.11 6.59 11.04
CA ARG A 351 -6.63 5.80 9.92
C ARG A 351 -7.75 5.47 8.93
N LEU A 352 -8.97 5.27 9.45
CA LEU A 352 -10.10 4.81 8.65
C LEU A 352 -11.03 5.92 8.19
N GLY A 353 -10.82 7.16 8.64
CA GLY A 353 -11.63 8.29 8.23
C GLY A 353 -10.87 9.60 8.31
N ASP A 354 -11.56 10.71 8.11
CA ASP A 354 -10.91 12.01 8.27
C ASP A 354 -10.47 12.19 9.73
N SER A 355 -9.29 12.76 9.93
CA SER A 355 -8.83 13.04 11.28
C SER A 355 -9.45 14.34 11.79
N GLN A 356 -9.51 14.48 13.11
CA GLN A 356 -10.33 15.51 13.73
C GLN A 356 -9.58 16.32 14.79
N LEU A 357 -9.96 17.59 14.88
CA LEU A 357 -9.69 18.46 16.01
C LEU A 357 -11.00 18.74 16.71
N VAL A 358 -11.07 18.55 18.04
CA VAL A 358 -12.31 18.73 18.79
C VAL A 358 -12.03 19.48 20.09
N LYS A 359 -13.01 20.25 20.56
CA LYS A 359 -12.90 20.99 21.82
C LYS A 359 -13.73 20.32 22.91
N LEU A 360 -13.12 20.10 24.07
CA LEU A 360 -13.83 19.56 25.22
C LEU A 360 -14.48 20.69 26.01
N ASN A 361 -15.70 20.44 26.50
CA ASN A 361 -16.43 21.44 27.27
C ASN A 361 -16.64 20.98 28.71
N VAL A 362 -16.72 21.95 29.62
CA VAL A 362 -17.01 21.64 31.01
C VAL A 362 -18.45 21.22 31.18
N ASP A 363 -19.35 21.90 30.49
CA ASP A 363 -20.78 21.59 30.51
C ASP A 363 -21.18 21.00 29.16
N SER A 364 -22.03 19.98 29.20
CA SER A 364 -22.49 19.33 27.98
C SER A 364 -23.50 20.20 27.24
N ASN A 365 -23.67 19.90 25.95
CA ASN A 365 -24.71 20.53 25.16
C ASN A 365 -26.05 19.85 25.42
N GLU A 366 -27.08 20.25 24.66
CA GLU A 366 -28.41 19.69 24.85
C GLU A 366 -28.47 18.21 24.54
N GLN A 367 -27.52 17.70 23.76
CA GLN A 367 -27.46 16.29 23.42
C GLN A 367 -26.71 15.48 24.47
N GLY A 368 -26.18 16.13 25.51
CA GLY A 368 -25.36 15.45 26.48
C GLY A 368 -23.93 15.24 26.04
N SER A 369 -23.45 16.02 25.07
CA SER A 369 -22.10 15.87 24.55
C SER A 369 -21.20 16.98 25.03
N TYR A 370 -20.00 16.62 25.46
CA TYR A 370 -18.98 17.56 25.87
C TYR A 370 -17.98 17.86 24.76
N VAL A 371 -18.13 17.22 23.60
CA VAL A 371 -17.15 17.25 22.52
C VAL A 371 -17.74 18.03 21.35
N VAL A 372 -17.07 19.09 20.93
CA VAL A 372 -17.51 19.90 19.80
C VAL A 372 -16.42 19.92 18.74
N ALA A 373 -16.78 19.57 17.51
CA ALA A 373 -15.82 19.56 16.42
C ALA A 373 -15.28 20.96 16.15
N MET A 374 -13.99 21.04 15.91
CA MET A 374 -13.30 22.31 15.70
C MET A 374 -12.65 22.41 14.33
N GLU A 375 -12.16 21.29 13.78
CA GLU A 375 -11.53 21.24 12.47
C GLU A 375 -11.50 19.79 12.00
N THR A 376 -11.38 19.58 10.68
CA THR A 376 -11.29 18.23 10.14
C THR A 376 -10.30 18.16 8.97
N PHE A 377 -9.60 17.02 8.88
CA PHE A 377 -8.45 16.81 7.99
C PHE A 377 -8.71 15.60 7.07
N THR A 378 -8.51 15.76 5.76
CA THR A 378 -8.97 14.80 4.74
C THR A 378 -8.12 13.52 4.69
N ASN A 379 -8.79 12.35 4.61
CA ASN A 379 -8.12 11.06 4.52
C ASN A 379 -8.78 10.18 3.45
N LEU A 380 -8.00 9.81 2.42
CA LEU A 380 -8.46 8.88 1.39
C LEU A 380 -8.34 7.41 1.78
N GLY A 381 -7.45 7.07 2.71
CA GLY A 381 -7.21 5.69 3.04
C GLY A 381 -8.34 5.05 3.81
N PRO A 382 -8.50 3.73 3.71
CA PRO A 382 -7.87 2.83 2.75
C PRO A 382 -8.53 2.92 1.38
N ILE A 383 -7.78 3.12 0.29
CA ILE A 383 -8.39 3.09 -1.03
C ILE A 383 -8.53 1.63 -1.44
N VAL A 384 -9.76 1.14 -1.37
CA VAL A 384 -10.03 -0.26 -1.62
C VAL A 384 -10.48 -0.53 -3.07
N ASP A 385 -10.84 0.51 -3.82
CA ASP A 385 -11.09 0.37 -5.25
C ASP A 385 -11.20 1.75 -5.92
N MET A 386 -11.20 1.74 -7.24
CA MET A 386 -11.36 2.96 -8.02
C MET A 386 -11.58 2.64 -9.49
N CYS A 387 -12.13 3.63 -10.22
CA CYS A 387 -12.29 3.52 -11.66
C CYS A 387 -12.12 4.90 -12.28
N VAL A 388 -11.76 4.93 -13.56
CA VAL A 388 -11.54 6.18 -14.28
C VAL A 388 -12.71 6.45 -15.20
N VAL A 389 -13.22 7.68 -15.16
CA VAL A 389 -14.47 8.03 -15.84
C VAL A 389 -14.35 9.39 -16.51
N ASP A 390 -15.24 9.61 -17.47
CA ASP A 390 -15.43 10.93 -18.06
C ASP A 390 -16.90 11.29 -17.93
N LEU A 391 -17.24 11.95 -16.83
CA LEU A 391 -18.62 12.33 -16.56
C LEU A 391 -19.06 13.45 -17.50
N GLU A 392 -18.17 14.39 -17.76
CA GLU A 392 -18.37 15.40 -18.78
C GLU A 392 -18.12 14.84 -20.16
N ARG A 393 -17.74 13.57 -20.21
CA ARG A 393 -17.42 12.80 -21.42
C ARG A 393 -16.40 13.52 -22.30
N GLN A 394 -15.57 14.35 -21.69
CA GLN A 394 -14.54 15.07 -22.43
C GLN A 394 -13.39 14.17 -22.83
N GLY A 395 -13.15 13.11 -22.08
CA GLY A 395 -12.03 12.23 -22.33
C GLY A 395 -10.82 12.48 -21.46
N GLN A 396 -10.92 13.41 -20.51
CA GLN A 396 -9.80 13.67 -19.61
C GLN A 396 -9.57 12.50 -18.67
N GLY A 397 -10.64 11.99 -18.06
CA GLY A 397 -10.53 10.98 -17.02
C GLY A 397 -10.58 11.57 -15.63
N GLN A 398 -11.50 11.06 -14.80
CA GLN A 398 -11.58 11.38 -13.38
C GLN A 398 -11.62 10.07 -12.60
N LEU A 399 -11.09 10.08 -11.39
CA LEU A 399 -10.97 8.86 -10.59
C LEU A 399 -11.96 8.92 -9.44
N VAL A 400 -12.86 7.95 -9.34
CA VAL A 400 -13.72 7.88 -8.17
C VAL A 400 -13.33 6.65 -7.37
N THR A 401 -13.05 6.87 -6.08
CA THR A 401 -12.45 5.85 -5.22
C THR A 401 -13.38 5.47 -4.10
N CYS A 402 -13.32 4.20 -3.73
CA CYS A 402 -13.80 3.73 -2.45
C CYS A 402 -12.78 4.07 -1.37
N SER A 403 -13.16 4.91 -0.40
CA SER A 403 -12.24 5.39 0.63
C SER A 403 -12.85 5.30 2.02
N GLY A 404 -11.98 5.25 3.04
CA GLY A 404 -12.39 5.14 4.43
C GLY A 404 -13.09 3.83 4.77
N ALA A 405 -13.45 3.62 6.04
CA ALA A 405 -14.17 2.42 6.44
C ALA A 405 -15.09 2.74 7.62
N PHE A 406 -16.03 1.83 7.88
CA PHE A 406 -17.03 1.93 8.98
C PHE A 406 -17.81 3.25 8.81
N LYS A 407 -18.15 3.93 9.90
CA LYS A 407 -18.88 5.19 9.87
C LYS A 407 -18.16 6.31 9.12
N GLU A 408 -16.90 6.10 8.73
CA GLU A 408 -16.11 7.07 7.98
C GLU A 408 -16.10 6.81 6.48
N GLY A 409 -16.73 5.74 6.03
CA GLY A 409 -16.61 5.31 4.64
C GLY A 409 -17.30 6.28 3.70
N SER A 410 -16.63 6.58 2.59
CA SER A 410 -16.90 7.77 1.80
C SER A 410 -16.36 7.59 0.38
N LEU A 411 -17.14 8.04 -0.60
CA LEU A 411 -16.59 8.13 -1.94
C LEU A 411 -15.81 9.43 -2.09
N ARG A 412 -14.74 9.37 -2.85
CA ARG A 412 -13.88 10.53 -3.07
C ARG A 412 -13.73 10.68 -4.57
N ILE A 413 -14.28 11.77 -5.10
CA ILE A 413 -14.34 12.01 -6.53
C ILE A 413 -13.10 12.84 -6.85
N ILE A 414 -12.04 12.17 -7.31
CA ILE A 414 -10.71 12.74 -7.45
C ILE A 414 -10.45 13.06 -8.90
N ARG A 415 -9.79 14.19 -9.18
CA ARG A 415 -9.72 14.67 -10.54
C ARG A 415 -8.61 15.71 -10.68
N ASN A 416 -7.78 15.57 -11.72
CA ASN A 416 -6.80 16.60 -12.01
C ASN A 416 -7.53 17.84 -12.47
N GLY A 417 -7.57 18.85 -11.63
CA GLY A 417 -8.32 20.04 -11.89
C GLY A 417 -9.02 20.56 -10.65
N ILE A 418 -9.40 21.82 -10.69
CA ILE A 418 -9.92 22.53 -9.53
C ILE A 418 -11.44 22.47 -9.49
N GLY A 419 -11.98 22.08 -8.34
CA GLY A 419 -13.43 22.02 -8.19
C GLY A 419 -14.07 23.36 -7.96
N ILE A 420 -15.40 23.40 -8.14
CA ILE A 420 -16.20 24.59 -7.90
C ILE A 420 -17.32 24.24 -6.92
N HIS A 421 -17.44 25.01 -5.85
CA HIS A 421 -18.52 24.84 -4.89
C HIS A 421 -19.71 25.68 -5.32
N GLU A 422 -20.76 25.03 -5.81
CA GLU A 422 -21.93 25.73 -6.33
C GLU A 422 -22.81 26.22 -5.19
N HIS A 423 -22.99 27.53 -5.11
CA HIS A 423 -23.90 28.13 -4.14
C HIS A 423 -25.26 28.44 -4.75
N ALA A 424 -25.31 28.72 -6.04
CA ALA A 424 -26.56 29.04 -6.74
C ALA A 424 -26.42 28.71 -8.21
N SER A 425 -27.57 28.46 -8.85
CA SER A 425 -27.63 28.21 -10.28
C SER A 425 -28.90 28.83 -10.86
N ILE A 426 -28.76 29.48 -12.02
CA ILE A 426 -29.87 30.19 -12.65
C ILE A 426 -29.95 29.79 -14.12
N ASP A 427 -31.15 29.47 -14.60
CA ASP A 427 -31.37 28.99 -15.97
C ASP A 427 -31.48 30.15 -16.94
N LEU A 428 -30.35 30.84 -17.16
CA LEU A 428 -30.29 31.93 -18.13
C LEU A 428 -29.38 31.55 -19.30
N PRO A 429 -29.96 31.10 -20.40
CA PRO A 429 -29.19 30.59 -21.55
C PRO A 429 -28.69 31.71 -22.46
N GLY A 430 -27.70 31.36 -23.29
CA GLY A 430 -27.22 32.29 -24.31
C GLY A 430 -26.36 33.42 -23.79
N ILE A 431 -25.69 33.22 -22.66
CA ILE A 431 -24.87 34.28 -22.07
C ILE A 431 -23.62 34.48 -22.92
N LYS A 432 -23.33 35.74 -23.25
CA LYS A 432 -22.17 36.10 -24.06
C LYS A 432 -21.12 36.88 -23.26
N GLY A 433 -21.29 36.97 -21.95
CA GLY A 433 -20.32 37.67 -21.13
C GLY A 433 -20.73 37.80 -19.68
N LEU A 434 -19.75 38.04 -18.80
CA LEU A 434 -19.97 38.11 -17.36
C LEU A 434 -19.09 39.19 -16.75
N TRP A 435 -19.69 40.04 -15.90
CA TRP A 435 -18.95 41.05 -15.18
C TRP A 435 -19.61 41.37 -13.84
N PRO A 436 -18.80 41.61 -12.81
CA PRO A 436 -19.30 42.10 -11.53
C PRO A 436 -19.51 43.60 -11.54
N LEU A 437 -20.39 44.09 -10.67
CA LEU A 437 -20.53 45.52 -10.45
C LEU A 437 -20.79 45.82 -8.98
N ARG A 438 -20.35 47.00 -8.56
CA ARG A 438 -20.68 47.55 -7.23
C ARG A 438 -21.55 48.79 -7.46
N SER A 439 -22.87 48.59 -7.44
CA SER A 439 -23.78 49.71 -7.65
C SER A 439 -23.78 50.66 -6.46
N ASP A 440 -23.60 50.11 -5.26
CA ASP A 440 -23.54 50.93 -4.05
C ASP A 440 -22.12 51.45 -3.87
N PRO A 441 -21.93 52.77 -3.94
CA PRO A 441 -20.59 53.37 -3.78
C PRO A 441 -20.01 53.20 -2.39
N ASN A 442 -20.84 52.85 -1.42
CA ASN A 442 -20.40 52.63 -0.05
C ASN A 442 -19.92 51.23 0.20
N ARG A 443 -20.02 50.34 -0.79
CA ARG A 443 -19.66 48.94 -0.62
C ARG A 443 -18.37 48.62 -1.35
N GLU A 444 -17.44 47.97 -0.63
CA GLU A 444 -16.26 47.41 -1.27
C GLU A 444 -16.60 46.11 -1.99
N THR A 445 -17.66 45.44 -1.56
CA THR A 445 -18.08 44.17 -2.13
C THR A 445 -19.06 44.37 -3.28
N ASP A 446 -19.10 43.39 -4.17
CA ASP A 446 -19.99 43.43 -5.33
C ASP A 446 -21.43 43.20 -4.90
N ASP A 447 -22.34 43.98 -5.50
CA ASP A 447 -23.76 43.84 -5.22
C ASP A 447 -24.57 43.57 -6.48
N THR A 448 -23.90 43.44 -7.62
CA THR A 448 -24.57 43.30 -8.91
C THR A 448 -23.72 42.43 -9.83
N LEU A 449 -24.41 41.64 -10.67
CA LEU A 449 -23.76 40.83 -11.69
C LEU A 449 -24.43 41.10 -13.04
N VAL A 450 -23.65 41.27 -14.10
CA VAL A 450 -24.18 41.63 -15.41
C VAL A 450 -23.98 40.50 -16.40
N LEU A 451 -25.06 40.18 -17.14
CA LEU A 451 -25.05 39.16 -18.17
C LEU A 451 -25.31 39.78 -19.53
N SER A 452 -24.55 39.37 -20.53
CA SER A 452 -24.76 39.85 -21.89
C SER A 452 -25.36 38.76 -22.77
N PHE A 453 -26.19 39.19 -23.71
CA PHE A 453 -26.84 38.29 -24.66
C PHE A 453 -26.86 38.98 -26.02
N VAL A 454 -27.03 38.20 -27.08
CA VAL A 454 -27.09 38.80 -28.42
C VAL A 454 -28.36 39.62 -28.55
N GLY A 455 -28.21 40.91 -28.83
CA GLY A 455 -29.34 41.81 -28.98
C GLY A 455 -29.93 42.31 -27.69
N GLN A 456 -29.35 41.96 -26.52
CA GLN A 456 -29.92 42.41 -25.26
C GLN A 456 -28.92 42.24 -24.12
N THR A 457 -29.20 42.94 -23.02
CA THR A 457 -28.43 42.84 -21.79
C THR A 457 -29.36 42.66 -20.60
N ARG A 458 -28.94 41.83 -19.64
CA ARG A 458 -29.71 41.64 -18.42
C ARG A 458 -28.79 41.81 -17.23
N VAL A 459 -29.36 42.22 -16.10
CA VAL A 459 -28.59 42.46 -14.89
C VAL A 459 -29.22 41.73 -13.71
N LEU A 460 -28.39 41.07 -12.91
CA LEU A 460 -28.84 40.36 -11.72
C LEU A 460 -28.38 41.11 -10.48
N MET A 461 -29.34 41.49 -9.63
CA MET A 461 -29.01 42.15 -8.38
C MET A 461 -28.67 41.12 -7.32
N LEU A 462 -27.70 41.45 -6.48
CA LEU A 462 -27.26 40.55 -5.41
C LEU A 462 -27.68 41.14 -4.07
N ASN A 463 -28.45 40.37 -3.30
CA ASN A 463 -28.94 40.81 -2.00
C ASN A 463 -28.60 39.71 -0.99
N GLY A 464 -27.40 39.80 -0.42
CA GLY A 464 -26.87 38.67 0.31
C GLY A 464 -26.72 37.51 -0.66
N GLU A 465 -27.26 36.35 -0.27
CA GLU A 465 -27.22 35.18 -1.14
C GLU A 465 -28.28 35.22 -2.23
N GLU A 466 -29.32 36.04 -2.07
CA GLU A 466 -30.42 36.05 -3.02
C GLU A 466 -30.03 36.78 -4.31
N VAL A 467 -30.39 36.20 -5.45
CA VAL A 467 -30.10 36.79 -6.76
C VAL A 467 -31.41 37.01 -7.49
N GLU A 468 -31.64 38.25 -7.93
CA GLU A 468 -32.88 38.60 -8.62
C GLU A 468 -32.58 39.43 -9.86
N GLU A 469 -33.26 39.11 -10.96
CA GLU A 469 -33.09 39.87 -12.19
C GLU A 469 -33.64 41.28 -12.00
N THR A 470 -32.88 42.28 -12.47
CA THR A 470 -33.23 43.68 -12.27
C THR A 470 -32.86 44.48 -13.51
N GLU A 471 -33.30 45.73 -13.54
CA GLU A 471 -32.92 46.67 -14.58
C GLU A 471 -31.95 47.69 -13.99
N LEU A 472 -30.73 47.71 -14.53
CA LEU A 472 -29.72 48.65 -14.07
C LEU A 472 -29.80 49.93 -14.91
N MET A 473 -30.16 51.03 -14.25
CA MET A 473 -30.35 52.28 -14.97
C MET A 473 -29.01 52.78 -15.50
N GLY A 474 -29.06 53.46 -16.65
CA GLY A 474 -27.89 53.88 -17.36
C GLY A 474 -27.33 52.85 -18.31
N PHE A 475 -27.66 51.58 -18.09
CA PHE A 475 -27.26 50.51 -18.98
C PHE A 475 -28.31 50.32 -20.07
N VAL A 476 -27.88 49.82 -21.22
CA VAL A 476 -28.75 49.56 -22.35
C VAL A 476 -29.21 48.11 -22.32
N ASP A 477 -30.52 47.90 -22.36
CA ASP A 477 -31.10 46.57 -22.31
C ASP A 477 -31.32 45.97 -23.69
N ASP A 478 -31.48 46.80 -24.73
CA ASP A 478 -31.79 46.31 -26.06
C ASP A 478 -30.54 46.12 -26.92
N GLN A 479 -29.37 46.07 -26.31
CA GLN A 479 -28.12 45.85 -27.04
C GLN A 479 -27.22 44.89 -26.28
N GLN A 480 -26.37 44.20 -27.03
CA GLN A 480 -25.41 43.27 -26.43
C GLN A 480 -24.29 44.05 -25.74
N THR A 481 -24.01 43.68 -24.49
CA THR A 481 -22.88 44.24 -23.77
C THR A 481 -21.61 43.47 -24.12
N PHE A 482 -20.57 44.19 -24.49
CA PHE A 482 -19.29 43.55 -24.74
C PHE A 482 -18.35 43.66 -23.56
N PHE A 483 -18.53 44.69 -22.74
CA PHE A 483 -17.82 44.78 -21.48
C PHE A 483 -18.56 45.72 -20.54
N CYS A 484 -18.45 45.42 -19.24
CA CYS A 484 -18.86 46.38 -18.22
C CYS A 484 -18.09 46.12 -16.94
N GLY A 485 -18.02 47.13 -16.07
CA GLY A 485 -17.30 47.00 -14.82
C GLY A 485 -17.30 48.31 -14.05
N ASN A 486 -16.80 48.23 -12.81
CA ASN A 486 -16.64 49.44 -12.01
C ASN A 486 -15.44 50.23 -12.47
N VAL A 487 -15.57 51.55 -12.46
CA VAL A 487 -14.51 52.44 -12.93
C VAL A 487 -14.31 53.57 -11.92
N ALA A 488 -13.24 54.32 -12.13
CA ALA A 488 -12.81 55.34 -11.19
C ALA A 488 -13.85 56.44 -11.04
N HIS A 489 -13.73 57.20 -9.95
CA HIS A 489 -14.61 58.31 -9.62
C HIS A 489 -16.02 57.84 -9.26
N GLN A 490 -16.11 56.65 -8.66
CA GLN A 490 -17.38 56.08 -8.21
C GLN A 490 -18.39 55.94 -9.36
N GLN A 491 -17.97 55.27 -10.42
CA GLN A 491 -18.80 55.13 -11.61
C GLN A 491 -18.80 53.70 -12.13
N LEU A 492 -19.83 53.37 -12.89
CA LEU A 492 -19.95 52.09 -13.58
C LEU A 492 -19.85 52.34 -15.09
N ILE A 493 -19.31 51.39 -15.83
CA ILE A 493 -19.22 51.56 -17.28
C ILE A 493 -19.84 50.36 -17.98
N GLN A 494 -20.54 50.64 -19.09
CA GLN A 494 -21.05 49.60 -19.98
C GLN A 494 -20.58 49.89 -21.39
N ILE A 495 -20.24 48.84 -22.13
CA ILE A 495 -19.88 49.00 -23.54
C ILE A 495 -20.80 48.12 -24.39
N THR A 496 -21.39 48.74 -25.40
CA THR A 496 -22.38 48.11 -26.27
C THR A 496 -21.96 48.30 -27.71
N SER A 497 -22.73 47.72 -28.62
CA SER A 497 -22.44 47.86 -30.05
C SER A 497 -22.56 49.30 -30.50
N ALA A 498 -23.54 50.03 -29.96
CA ALA A 498 -23.76 51.40 -30.38
C ALA A 498 -22.84 52.39 -29.69
N SER A 499 -22.46 52.15 -28.43
CA SER A 499 -21.80 53.21 -27.67
C SER A 499 -21.06 52.68 -26.45
N VAL A 500 -20.16 53.52 -25.94
CA VAL A 500 -19.55 53.37 -24.62
C VAL A 500 -20.30 54.27 -23.66
N ARG A 501 -20.79 53.71 -22.56
CA ARG A 501 -21.67 54.43 -21.65
C ARG A 501 -21.10 54.46 -20.25
N LEU A 502 -20.96 55.67 -19.72
CA LEU A 502 -20.46 55.88 -18.36
C LEU A 502 -21.64 56.21 -17.45
N VAL A 503 -21.79 55.42 -16.39
CA VAL A 503 -22.96 55.47 -15.51
C VAL A 503 -22.47 55.66 -14.08
N SER A 504 -23.07 56.61 -13.37
CA SER A 504 -22.71 56.82 -11.97
C SER A 504 -23.19 55.64 -11.13
N GLN A 505 -22.44 55.33 -10.06
CA GLN A 505 -22.90 54.31 -9.13
C GLN A 505 -24.23 54.72 -8.52
N GLU A 506 -24.38 56.01 -8.23
CA GLU A 506 -25.61 56.55 -7.68
C GLU A 506 -25.98 57.83 -8.40
N PRO A 507 -27.24 58.01 -8.80
CA PRO A 507 -28.36 57.08 -8.72
C PRO A 507 -28.44 56.18 -9.95
N LYS A 508 -27.37 55.49 -10.31
CA LYS A 508 -27.35 54.63 -11.49
C LYS A 508 -27.72 55.41 -12.75
N ALA A 509 -27.19 56.62 -12.89
CA ALA A 509 -27.58 57.49 -13.99
C ALA A 509 -26.47 57.57 -15.03
N LEU A 510 -26.87 57.64 -16.30
CA LEU A 510 -25.92 57.88 -17.38
C LEU A 510 -25.34 59.28 -17.23
N VAL A 511 -24.02 59.37 -17.15
CA VAL A 511 -23.35 60.65 -17.03
C VAL A 511 -22.63 61.04 -18.32
N SER A 512 -22.20 60.07 -19.12
CA SER A 512 -21.52 60.37 -20.37
C SER A 512 -21.68 59.20 -21.34
N GLU A 513 -21.67 59.52 -22.63
CA GLU A 513 -21.75 58.49 -23.67
C GLU A 513 -20.86 58.85 -24.85
N TRP A 514 -20.11 57.86 -25.34
CA TRP A 514 -19.26 58.02 -26.51
C TRP A 514 -19.73 57.13 -27.64
N LYS A 515 -19.69 57.67 -28.87
CA LYS A 515 -20.09 56.91 -30.05
C LYS A 515 -19.02 57.02 -31.14
N GLU A 516 -18.93 55.97 -31.94
CA GLU A 516 -17.96 55.93 -33.03
C GLU A 516 -18.33 56.93 -34.13
N PRO A 517 -17.35 57.66 -34.66
CA PRO A 517 -17.61 58.73 -35.66
C PRO A 517 -18.34 58.30 -36.91
N GLN A 518 -18.19 57.04 -37.32
CA GLN A 518 -18.87 56.53 -38.51
C GLN A 518 -20.12 55.74 -38.14
N ALA A 519 -20.51 55.76 -36.87
CA ALA A 519 -21.67 55.03 -36.36
C ALA A 519 -21.54 53.53 -36.58
N LYS A 520 -20.32 53.03 -36.73
CA LYS A 520 -20.11 51.61 -36.93
C LYS A 520 -20.15 50.88 -35.59
N ASN A 521 -20.70 49.67 -35.61
CA ASN A 521 -20.96 48.93 -34.38
C ASN A 521 -19.69 48.35 -33.77
N ILE A 522 -19.57 48.50 -32.45
CA ILE A 522 -18.51 47.85 -31.69
C ILE A 522 -18.75 46.35 -31.68
N SER A 523 -17.71 45.55 -31.94
CA SER A 523 -17.83 44.10 -31.93
C SER A 523 -17.15 43.43 -30.75
N VAL A 524 -16.10 44.04 -30.18
CA VAL A 524 -15.45 43.57 -28.96
C VAL A 524 -15.03 44.80 -28.15
N ALA A 525 -14.80 44.60 -26.84
CA ALA A 525 -14.43 45.72 -25.98
C ALA A 525 -13.70 45.25 -24.72
N SER A 526 -12.87 46.13 -24.16
CA SER A 526 -12.19 45.91 -22.90
C SER A 526 -12.02 47.26 -22.20
N CYS A 527 -12.14 47.25 -20.87
CA CYS A 527 -12.10 48.48 -20.10
C CYS A 527 -11.57 48.20 -18.70
N ASN A 528 -10.87 49.19 -18.13
CA ASN A 528 -10.39 49.09 -16.76
C ASN A 528 -10.91 50.29 -15.96
N SER A 529 -10.29 50.61 -14.82
CA SER A 529 -10.85 51.64 -13.95
C SER A 529 -10.65 53.05 -14.47
N SER A 530 -9.77 53.27 -15.44
CA SER A 530 -9.51 54.61 -15.94
C SER A 530 -9.46 54.72 -17.47
N GLN A 531 -9.48 53.61 -18.20
CA GLN A 531 -9.36 53.59 -19.66
C GLN A 531 -10.41 52.69 -20.32
N VAL A 532 -10.83 53.07 -21.52
CA VAL A 532 -11.76 52.30 -22.36
C VAL A 532 -11.12 52.07 -23.73
N VAL A 533 -11.11 50.83 -24.22
CA VAL A 533 -10.71 50.58 -25.62
C VAL A 533 -11.72 49.64 -26.28
N VAL A 534 -12.15 50.00 -27.50
CA VAL A 534 -13.21 49.29 -28.21
C VAL A 534 -12.76 48.97 -29.63
N ALA A 535 -13.24 47.83 -30.14
CA ALA A 535 -12.94 47.34 -31.48
C ALA A 535 -14.17 47.51 -32.37
N VAL A 536 -14.01 48.28 -33.45
CA VAL A 536 -15.07 48.57 -34.41
C VAL A 536 -14.53 48.19 -35.78
N GLY A 537 -14.86 46.99 -36.26
CA GLY A 537 -14.28 46.54 -37.53
C GLY A 537 -12.77 46.47 -37.40
N ARG A 538 -12.05 47.23 -38.25
CA ARG A 538 -10.60 47.32 -38.15
C ARG A 538 -10.13 48.46 -37.26
N ALA A 539 -11.02 49.31 -36.74
CA ALA A 539 -10.64 50.49 -35.96
C ALA A 539 -10.63 50.22 -34.45
N LEU A 540 -9.71 50.90 -33.74
CA LEU A 540 -9.59 50.86 -32.29
C LEU A 540 -9.65 52.28 -31.74
N TYR A 541 -10.47 52.50 -30.72
CA TYR A 541 -10.63 53.81 -30.08
C TYR A 541 -10.26 53.74 -28.61
N TYR A 542 -9.52 54.73 -28.12
CA TYR A 542 -9.09 54.78 -26.73
C TYR A 542 -9.70 56.00 -26.05
N LEU A 543 -10.42 55.76 -24.95
CA LEU A 543 -11.09 56.79 -24.18
C LEU A 543 -10.54 56.82 -22.76
N GLN A 544 -10.50 57.99 -22.15
CA GLN A 544 -10.17 58.12 -20.75
C GLN A 544 -11.43 58.31 -19.92
N ILE A 545 -11.47 57.70 -18.74
CA ILE A 545 -12.62 57.79 -17.85
C ILE A 545 -12.38 58.90 -16.84
N HIS A 546 -13.07 60.00 -17.01
CA HIS A 546 -13.03 61.13 -16.10
C HIS A 546 -14.36 61.23 -15.36
N PRO A 547 -14.40 61.99 -14.27
CA PRO A 547 -15.65 62.16 -13.52
C PRO A 547 -16.78 62.66 -14.39
N GLN A 548 -17.78 61.81 -14.61
CA GLN A 548 -18.95 62.12 -15.43
C GLN A 548 -18.58 62.48 -16.86
N GLU A 549 -17.46 61.96 -17.38
CA GLU A 549 -17.06 62.30 -18.74
C GLU A 549 -16.21 61.20 -19.38
N LEU A 550 -16.55 60.87 -20.62
CA LEU A 550 -15.72 60.00 -21.45
C LEU A 550 -15.01 60.85 -22.49
N ARG A 551 -13.68 60.80 -22.51
CA ARG A 551 -12.89 61.61 -23.43
C ARG A 551 -12.17 60.73 -24.44
N GLN A 552 -12.44 60.97 -25.73
CA GLN A 552 -11.69 60.28 -26.78
C GLN A 552 -10.34 60.97 -26.92
N ILE A 553 -9.28 60.25 -26.55
CA ILE A 553 -7.94 60.78 -26.64
C ILE A 553 -7.29 60.44 -27.96
N SER A 554 -7.57 59.25 -28.49
CA SER A 554 -6.88 58.78 -29.68
C SER A 554 -7.69 57.71 -30.39
N HIS A 555 -7.30 57.45 -31.63
CA HIS A 555 -7.89 56.37 -32.43
C HIS A 555 -6.85 55.86 -33.41
N THR A 556 -7.06 54.64 -33.91
CA THR A 556 -6.20 54.07 -34.93
C THR A 556 -7.00 53.12 -35.81
N GLU A 557 -6.44 52.81 -36.97
CA GLU A 557 -7.03 51.82 -37.88
C GLU A 557 -6.05 50.68 -38.08
N MET A 558 -6.46 49.46 -37.74
CA MET A 558 -5.61 48.31 -37.91
C MET A 558 -5.67 47.80 -39.35
N GLU A 559 -4.64 47.04 -39.73
CA GLU A 559 -4.56 46.46 -41.06
C GLU A 559 -5.68 45.46 -41.31
N HIS A 560 -6.17 44.78 -40.26
CA HIS A 560 -7.20 43.77 -40.40
C HIS A 560 -8.26 43.94 -39.31
N GLU A 561 -9.41 43.29 -39.49
CA GLU A 561 -10.51 43.37 -38.52
C GLU A 561 -10.05 42.79 -37.18
N VAL A 562 -10.44 43.46 -36.08
CA VAL A 562 -9.99 43.06 -34.75
C VAL A 562 -10.88 41.93 -34.25
N ALA A 563 -10.25 40.81 -33.87
CA ALA A 563 -10.94 39.64 -33.37
C ALA A 563 -11.08 39.65 -31.84
N CYS A 564 -10.15 40.29 -31.12
CA CYS A 564 -10.19 40.43 -29.66
C CYS A 564 -9.26 41.55 -29.22
N LEU A 565 -9.51 42.12 -28.02
CA LEU A 565 -8.65 43.17 -27.46
C LEU A 565 -8.74 43.24 -25.94
N ASP A 566 -7.66 43.72 -25.30
CA ASP A 566 -7.63 43.86 -23.83
C ASP A 566 -6.72 44.97 -23.33
N ILE A 567 -7.14 45.62 -22.23
CA ILE A 567 -6.38 46.67 -21.54
C ILE A 567 -6.35 46.48 -20.01
N THR A 568 -6.31 45.23 -19.54
CA THR A 568 -6.22 44.94 -18.11
C THR A 568 -4.99 45.61 -17.50
N PRO A 569 -5.13 46.31 -16.36
CA PRO A 569 -3.98 47.00 -15.77
C PRO A 569 -2.98 46.04 -15.14
N LEU A 570 -1.71 46.46 -15.09
CA LEU A 570 -0.62 45.64 -14.57
C LEU A 570 0.19 46.41 -13.52
N GLY A 571 0.72 45.67 -12.55
CA GLY A 571 1.60 46.23 -11.54
C GLY A 571 0.89 47.16 -10.58
N ASP A 572 1.63 48.16 -10.09
CA ASP A 572 1.12 49.13 -9.14
C ASP A 572 0.46 50.33 -9.82
N SER A 573 0.27 50.27 -11.13
CA SER A 573 -0.35 51.37 -11.86
C SER A 573 -1.78 51.59 -11.36
N ASN A 574 -2.18 52.86 -11.30
CA ASN A 574 -3.50 53.22 -10.77
C ASN A 574 -4.59 53.10 -11.83
N GLY A 575 -4.74 51.88 -12.35
CA GLY A 575 -5.73 51.61 -13.36
C GLY A 575 -5.37 52.13 -14.74
N LEU A 576 -4.14 52.56 -14.94
CA LEU A 576 -3.70 53.14 -16.20
C LEU A 576 -2.73 52.21 -16.90
N SER A 577 -3.17 51.67 -18.03
CA SER A 577 -2.36 50.73 -18.78
C SER A 577 -1.61 51.46 -19.88
N PRO A 578 -0.29 51.36 -19.90
CA PRO A 578 0.50 51.87 -21.03
C PRO A 578 0.36 51.01 -22.27
N LEU A 579 -0.31 49.86 -22.17
CA LEU A 579 -0.41 48.87 -23.24
C LEU A 579 -1.85 48.51 -23.55
N CYS A 580 -2.06 48.10 -24.81
CA CYS A 580 -3.29 47.50 -25.29
C CYS A 580 -2.91 46.26 -26.08
N ALA A 581 -3.53 45.13 -25.78
CA ALA A 581 -3.25 43.87 -26.46
C ALA A 581 -4.41 43.53 -27.40
N ILE A 582 -4.10 43.12 -28.64
CA ILE A 582 -5.14 42.83 -29.64
C ILE A 582 -4.82 41.59 -30.46
N GLY A 583 -5.87 41.01 -31.05
CA GLY A 583 -5.73 39.95 -32.05
C GLY A 583 -6.59 40.26 -33.26
N LEU A 584 -6.18 39.72 -34.42
CA LEU A 584 -6.79 40.09 -35.70
C LEU A 584 -7.34 38.88 -36.47
N TRP A 585 -8.35 39.12 -37.34
CA TRP A 585 -9.04 38.06 -38.06
C TRP A 585 -8.26 37.47 -39.24
N THR A 586 -7.38 38.21 -39.91
CA THR A 586 -6.82 37.73 -41.17
C THR A 586 -5.42 37.16 -41.05
N ASP A 587 -4.51 37.84 -40.36
CA ASP A 587 -3.14 37.35 -40.23
C ASP A 587 -2.96 36.47 -38.99
N ILE A 588 -3.98 36.35 -38.16
CA ILE A 588 -3.93 35.53 -36.96
C ILE A 588 -2.73 35.93 -36.11
N SER A 589 -2.50 37.23 -35.98
CA SER A 589 -1.40 37.74 -35.16
C SER A 589 -1.93 38.32 -33.85
N ALA A 590 -1.07 38.27 -32.82
CA ALA A 590 -1.28 39.02 -31.60
C ALA A 590 -0.38 40.25 -31.61
N ARG A 591 -0.89 41.38 -31.12
CA ARG A 591 -0.12 42.61 -31.16
C ARG A 591 -0.25 43.40 -29.87
N ILE A 592 0.83 44.06 -29.48
CA ILE A 592 0.85 44.98 -28.35
C ILE A 592 0.99 46.40 -28.89
N LEU A 593 0.03 47.25 -28.53
CA LEU A 593 0.03 48.65 -28.94
C LEU A 593 0.21 49.54 -27.71
N LYS A 594 0.99 50.61 -27.88
CA LYS A 594 1.14 51.59 -26.81
C LYS A 594 -0.11 52.45 -26.70
N LEU A 595 -0.55 52.72 -25.48
CA LEU A 595 -1.59 53.72 -25.29
C LEU A 595 -0.95 55.05 -24.89
N PRO A 596 -1.49 56.21 -25.31
CA PRO A 596 -2.67 56.42 -26.17
C PRO A 596 -2.35 56.35 -27.66
N SER A 597 -1.08 56.26 -28.03
CA SER A 597 -0.69 56.45 -29.42
C SER A 597 -1.09 55.29 -30.33
N PHE A 598 -1.40 54.13 -29.75
CA PHE A 598 -1.64 52.90 -30.50
C PHE A 598 -0.44 52.49 -31.35
N GLU A 599 0.76 52.98 -30.99
CA GLU A 599 1.97 52.61 -31.71
C GLU A 599 2.25 51.13 -31.52
N LEU A 600 2.55 50.44 -32.61
CA LEU A 600 2.84 49.01 -32.54
C LEU A 600 4.19 48.79 -31.88
N LEU A 601 4.17 48.11 -30.74
CA LEU A 601 5.39 47.78 -30.02
C LEU A 601 5.89 46.38 -30.34
N HIS A 602 4.97 45.44 -30.53
CA HIS A 602 5.35 44.06 -30.80
C HIS A 602 4.27 43.36 -31.62
N LYS A 603 4.71 42.54 -32.58
CA LYS A 603 3.80 41.71 -33.38
C LYS A 603 4.26 40.27 -33.31
N GLU A 604 3.39 39.38 -32.85
CA GLU A 604 3.71 37.96 -32.67
C GLU A 604 2.75 37.11 -33.48
N MET A 605 3.30 36.27 -34.37
CA MET A 605 2.48 35.44 -35.25
C MET A 605 2.09 34.15 -34.52
N LEU A 606 0.79 33.96 -34.33
CA LEU A 606 0.30 32.78 -33.64
C LEU A 606 0.23 31.57 -34.57
N GLY A 607 0.03 31.81 -35.86
CA GLY A 607 0.02 30.75 -36.84
C GLY A 607 -1.30 30.02 -36.90
N GLY A 608 -1.31 28.92 -37.66
CA GLY A 608 -2.52 28.15 -37.86
C GLY A 608 -3.43 28.78 -38.89
N GLU A 609 -4.69 28.35 -38.89
CA GLU A 609 -5.70 28.86 -39.81
C GLU A 609 -6.89 29.47 -39.10
N ILE A 610 -6.88 29.50 -37.76
CA ILE A 610 -8.03 29.92 -36.96
C ILE A 610 -7.68 31.19 -36.20
N ILE A 611 -8.60 32.15 -36.20
CA ILE A 611 -8.42 33.49 -35.62
C ILE A 611 -8.26 33.47 -34.10
N PRO A 612 -7.56 34.46 -33.52
CA PRO A 612 -7.56 34.59 -32.05
C PRO A 612 -8.93 35.05 -31.58
N ARG A 613 -9.42 34.42 -30.51
CA ARG A 613 -10.74 34.74 -29.99
C ARG A 613 -10.71 35.50 -28.67
N SER A 614 -9.58 35.49 -27.97
CA SER A 614 -9.42 36.25 -26.74
C SER A 614 -7.95 36.54 -26.48
N ILE A 615 -7.68 37.72 -25.92
CA ILE A 615 -6.34 38.15 -25.53
C ILE A 615 -6.44 38.81 -24.16
N LEU A 616 -5.42 38.64 -23.31
CA LEU A 616 -5.50 39.12 -21.93
C LEU A 616 -4.11 39.43 -21.37
N MET A 617 -3.99 40.54 -20.66
CA MET A 617 -2.77 40.90 -19.95
C MET A 617 -2.97 40.65 -18.45
N THR A 618 -1.98 40.02 -17.80
CA THR A 618 -2.16 39.61 -16.41
C THR A 618 -0.83 39.62 -15.66
N THR A 619 -0.90 39.46 -14.33
CA THR A 619 0.29 39.35 -13.49
C THR A 619 0.21 38.09 -12.63
N PHE A 620 1.29 37.30 -12.65
CA PHE A 620 1.42 36.13 -11.78
C PHE A 620 2.73 36.23 -11.01
N GLU A 621 2.68 35.99 -9.70
CA GLU A 621 3.89 36.03 -8.86
C GLU A 621 4.69 37.31 -9.12
N SER A 622 3.97 38.44 -9.24
CA SER A 622 4.57 39.74 -9.50
C SER A 622 5.32 39.79 -10.83
N SER A 623 5.03 38.86 -11.73
CA SER A 623 5.60 38.83 -13.07
C SER A 623 4.48 39.01 -14.09
N HIS A 624 4.78 39.67 -15.19
CA HIS A 624 3.74 40.06 -16.14
C HIS A 624 3.75 39.16 -17.37
N TYR A 625 2.55 38.76 -17.80
CA TYR A 625 2.37 37.84 -18.90
C TYR A 625 1.27 38.31 -19.84
N LEU A 626 1.44 37.95 -21.12
CA LEU A 626 0.41 38.10 -22.13
C LEU A 626 -0.13 36.71 -22.47
N LEU A 627 -1.45 36.60 -22.59
CA LEU A 627 -2.08 35.35 -23.03
C LEU A 627 -2.99 35.64 -24.21
N CYS A 628 -2.95 34.78 -25.22
CA CYS A 628 -3.85 34.90 -26.37
C CYS A 628 -4.27 33.52 -26.84
N ALA A 629 -5.59 33.33 -26.97
CA ALA A 629 -6.16 32.02 -27.29
C ALA A 629 -6.85 32.05 -28.65
N LEU A 630 -6.68 30.96 -29.40
CA LEU A 630 -7.25 30.82 -30.73
C LEU A 630 -8.61 30.12 -30.67
N GLY A 631 -9.38 30.28 -31.75
CA GLY A 631 -10.67 29.63 -31.87
C GLY A 631 -10.59 28.12 -31.94
N ASP A 632 -9.41 27.57 -32.17
CA ASP A 632 -9.22 26.13 -32.19
C ASP A 632 -8.93 25.57 -30.81
N GLY A 633 -8.96 26.41 -29.77
CA GLY A 633 -8.69 26.00 -28.42
C GLY A 633 -7.24 26.02 -28.03
N ALA A 634 -6.35 26.39 -28.95
CA ALA A 634 -4.93 26.51 -28.63
C ALA A 634 -4.66 27.81 -27.88
N LEU A 635 -3.81 27.74 -26.87
CA LEU A 635 -3.46 28.92 -26.08
C LEU A 635 -1.97 29.22 -26.21
N PHE A 636 -1.66 30.45 -26.62
CA PHE A 636 -0.31 30.96 -26.59
C PHE A 636 -0.12 31.91 -25.41
N TYR A 637 1.03 31.83 -24.76
CA TYR A 637 1.32 32.77 -23.69
C TYR A 637 2.77 33.19 -23.73
N PHE A 638 3.03 34.38 -23.20
CA PHE A 638 4.32 35.05 -23.33
C PHE A 638 4.62 35.84 -22.06
N GLY A 639 5.90 35.96 -21.74
CA GLY A 639 6.30 36.97 -20.78
C GLY A 639 6.08 38.35 -21.40
N LEU A 640 5.61 39.29 -20.60
CA LEU A 640 5.25 40.61 -21.10
C LEU A 640 6.08 41.69 -20.41
N ASN A 641 6.81 42.47 -21.21
CA ASN A 641 7.57 43.61 -20.71
C ASN A 641 6.72 44.86 -20.84
N ILE A 642 6.33 45.44 -19.69
CA ILE A 642 5.38 46.57 -19.70
C ILE A 642 5.99 47.79 -20.37
N GLU A 643 7.26 48.08 -20.07
CA GLU A 643 7.88 49.33 -20.53
C GLU A 643 8.08 49.33 -22.04
N THR A 644 8.32 48.17 -22.65
CA THR A 644 8.59 48.10 -24.07
C THR A 644 7.48 47.41 -24.86
N GLY A 645 6.58 46.68 -24.19
CA GLY A 645 5.55 45.93 -24.87
C GLY A 645 6.06 44.67 -25.53
N LEU A 646 7.33 44.34 -25.34
CA LEU A 646 7.92 43.17 -25.98
C LEU A 646 7.49 41.88 -25.30
N LEU A 647 7.42 40.82 -26.09
CA LEU A 647 7.05 39.50 -25.61
C LEU A 647 8.25 38.57 -25.64
N SER A 648 8.33 37.67 -24.66
CA SER A 648 9.45 36.74 -24.56
C SER A 648 8.97 35.39 -24.03
N ASP A 649 9.83 34.37 -24.19
CA ASP A 649 9.59 33.05 -23.62
C ASP A 649 8.27 32.45 -24.12
N ARG A 650 8.03 32.57 -25.43
CA ARG A 650 6.79 32.07 -26.03
C ARG A 650 6.63 30.57 -25.80
N LYS A 651 5.45 30.18 -25.30
CA LYS A 651 5.11 28.78 -25.08
C LYS A 651 3.68 28.51 -25.53
N LYS A 652 3.39 27.25 -25.85
CA LYS A 652 2.08 26.88 -26.35
C LYS A 652 1.52 25.67 -25.62
N VAL A 653 0.25 25.76 -25.20
CA VAL A 653 -0.47 24.65 -24.59
C VAL A 653 -1.87 24.61 -25.21
N THR A 654 -2.28 23.43 -25.67
CA THR A 654 -3.63 23.27 -26.18
C THR A 654 -4.57 22.95 -25.02
N LEU A 655 -5.52 23.84 -24.76
CA LEU A 655 -6.44 23.66 -23.65
C LEU A 655 -7.78 23.08 -24.07
N GLY A 656 -8.30 23.49 -25.22
CA GLY A 656 -9.60 23.02 -25.66
C GLY A 656 -9.68 22.79 -27.15
N THR A 657 -10.90 22.62 -27.65
CA THR A 657 -11.17 22.50 -29.07
C THR A 657 -12.10 23.59 -29.57
N GLN A 658 -12.77 24.27 -28.66
CA GLN A 658 -13.70 25.34 -28.94
C GLN A 658 -13.09 26.68 -28.58
N PRO A 659 -13.68 27.77 -29.07
CA PRO A 659 -13.16 29.13 -28.77
C PRO A 659 -12.99 29.38 -27.28
N THR A 660 -11.87 29.99 -26.92
CA THR A 660 -11.49 30.18 -25.52
C THR A 660 -11.52 31.67 -25.15
N VAL A 661 -12.11 31.97 -23.99
CA VAL A 661 -12.19 33.34 -23.49
C VAL A 661 -11.35 33.45 -22.23
N LEU A 662 -10.42 34.41 -22.23
CA LEU A 662 -9.48 34.60 -21.13
C LEU A 662 -9.92 35.76 -20.23
N ARG A 663 -10.00 35.50 -18.93
CA ARG A 663 -10.38 36.51 -17.95
C ARG A 663 -9.55 36.36 -16.68
N THR A 664 -9.26 37.49 -16.01
CA THR A 664 -8.61 37.46 -14.70
C THR A 664 -9.63 37.20 -13.59
N PHE A 665 -9.16 36.60 -12.49
CA PHE A 665 -9.96 36.44 -11.29
C PHE A 665 -9.05 36.43 -10.07
N ARG A 666 -9.65 36.57 -8.88
CA ARG A 666 -8.88 36.58 -7.64
C ARG A 666 -9.27 35.40 -6.75
N SER A 667 -8.26 34.80 -6.13
CA SER A 667 -8.46 33.68 -5.21
C SER A 667 -7.42 33.77 -4.11
N LEU A 668 -7.89 33.86 -2.86
CA LEU A 668 -6.98 34.00 -1.73
C LEU A 668 -6.07 35.20 -1.92
N SER A 669 -6.61 36.26 -2.50
CA SER A 669 -5.93 37.52 -2.80
C SER A 669 -4.92 37.41 -3.95
N THR A 670 -4.71 36.23 -4.52
CA THR A 670 -3.80 36.09 -5.63
C THR A 670 -4.50 36.39 -6.95
N THR A 671 -3.70 36.70 -7.98
CA THR A 671 -4.22 36.96 -9.32
C THR A 671 -4.04 35.74 -10.20
N ASN A 672 -5.12 35.33 -10.86
CA ASN A 672 -5.11 34.14 -11.70
C ASN A 672 -5.94 34.37 -12.96
N VAL A 673 -5.70 33.54 -13.98
CA VAL A 673 -6.41 33.66 -15.25
C VAL A 673 -7.19 32.38 -15.52
N PHE A 674 -8.43 32.54 -15.96
CA PHE A 674 -9.29 31.43 -16.31
C PHE A 674 -9.49 31.38 -17.81
N ALA A 675 -9.33 30.19 -18.38
CA ALA A 675 -9.53 29.96 -19.81
C ALA A 675 -10.89 29.28 -19.98
N CYS A 676 -11.90 30.06 -20.39
CA CYS A 676 -13.23 29.52 -20.62
C CYS A 676 -13.24 28.71 -21.92
N SER A 677 -13.59 27.44 -21.83
CA SER A 677 -13.61 26.61 -23.04
C SER A 677 -14.45 25.36 -22.79
N ASP A 678 -14.49 24.48 -23.79
CA ASP A 678 -15.08 23.16 -23.61
C ASP A 678 -14.27 22.32 -22.63
N ARG A 679 -13.08 22.77 -22.27
CA ARG A 679 -12.23 22.12 -21.27
C ARG A 679 -11.67 23.19 -20.34
N PRO A 680 -12.51 23.74 -19.49
CA PRO A 680 -12.18 24.94 -18.70
C PRO A 680 -10.91 24.74 -17.87
N THR A 681 -10.05 25.77 -17.85
CA THR A 681 -8.73 25.66 -17.25
C THR A 681 -8.34 26.90 -16.46
N VAL A 682 -7.67 26.69 -15.32
CA VAL A 682 -7.11 27.79 -14.53
C VAL A 682 -5.61 27.89 -14.80
N ILE A 683 -5.14 29.13 -14.98
CA ILE A 683 -3.74 29.42 -15.28
C ILE A 683 -3.14 30.19 -14.11
N TYR A 684 -2.04 29.68 -13.56
CA TYR A 684 -1.36 30.29 -12.43
C TYR A 684 0.12 29.99 -12.54
N SER A 685 0.95 30.78 -11.85
CA SER A 685 2.39 30.63 -11.96
C SER A 685 2.99 29.96 -10.72
N SER A 686 3.91 29.04 -10.96
CA SER A 686 4.67 28.40 -9.91
C SER A 686 6.12 28.30 -10.35
N ASN A 687 7.03 28.75 -9.49
CA ASN A 687 8.46 28.77 -9.80
C ASN A 687 8.75 29.55 -11.08
N HIS A 688 7.95 30.58 -11.32
CA HIS A 688 8.07 31.48 -12.49
C HIS A 688 7.64 30.84 -13.80
N LYS A 689 6.90 29.73 -13.76
CA LYS A 689 6.35 29.13 -14.97
C LYS A 689 4.84 28.97 -14.83
N LEU A 690 4.12 29.18 -15.93
CA LEU A 690 2.67 29.05 -15.88
C LEU A 690 2.28 27.57 -15.82
N VAL A 691 1.41 27.24 -14.88
CA VAL A 691 0.91 25.89 -14.67
C VAL A 691 -0.54 25.85 -15.11
N PHE A 692 -0.91 24.83 -15.86
CA PHE A 692 -2.25 24.71 -16.40
C PHE A 692 -2.98 23.55 -15.74
N SER A 693 -4.07 23.88 -15.05
CA SER A 693 -4.88 22.89 -14.35
C SER A 693 -6.32 22.98 -14.81
N ASN A 694 -6.90 21.84 -15.17
CA ASN A 694 -8.27 21.80 -15.64
C ASN A 694 -9.22 22.24 -14.52
N VAL A 695 -10.44 22.57 -14.91
CA VAL A 695 -11.47 22.90 -13.95
C VAL A 695 -12.61 21.91 -14.12
N ASN A 696 -13.17 21.49 -13.00
CA ASN A 696 -14.12 20.37 -13.01
C ASN A 696 -15.52 20.87 -13.34
N LEU A 697 -15.66 21.35 -14.58
CA LEU A 697 -16.90 21.89 -15.10
C LEU A 697 -17.16 21.30 -16.48
N LYS A 698 -18.44 21.09 -16.81
CA LYS A 698 -18.78 20.50 -18.10
C LYS A 698 -18.34 21.41 -19.24
N GLU A 699 -18.64 22.71 -19.11
CA GLU A 699 -18.25 23.68 -20.13
C GLU A 699 -18.40 25.09 -19.56
N VAL A 700 -17.50 25.98 -19.96
CA VAL A 700 -17.60 27.40 -19.62
C VAL A 700 -17.32 28.22 -20.87
N ASN A 701 -18.23 29.13 -21.20
CA ASN A 701 -17.98 30.06 -22.29
C ASN A 701 -17.46 31.40 -21.78
N TYR A 702 -17.96 31.84 -20.63
CA TYR A 702 -17.57 33.11 -20.04
C TYR A 702 -17.57 32.99 -18.52
N MET A 703 -16.68 33.76 -17.88
CA MET A 703 -16.71 33.83 -16.43
C MET A 703 -16.17 35.18 -15.97
N CYS A 704 -16.48 35.52 -14.73
CA CYS A 704 -15.93 36.71 -14.10
C CYS A 704 -15.76 36.45 -12.62
N PRO A 705 -14.82 37.14 -11.98
CA PRO A 705 -14.71 37.15 -10.52
C PRO A 705 -15.90 37.87 -9.90
N LEU A 706 -16.26 37.44 -8.69
CA LEU A 706 -17.37 38.06 -7.97
C LEU A 706 -17.06 38.04 -6.48
N ASN A 707 -17.02 39.21 -5.85
CA ASN A 707 -16.74 39.30 -4.41
C ASN A 707 -17.91 40.01 -3.74
N SER A 708 -19.00 39.27 -3.53
CA SER A 708 -20.21 39.81 -2.94
C SER A 708 -20.35 39.34 -1.49
N ASP A 709 -21.34 39.92 -0.80
CA ASP A 709 -21.59 39.55 0.59
C ASP A 709 -22.09 38.11 0.69
N GLY A 710 -22.93 37.68 -0.25
CA GLY A 710 -23.43 36.33 -0.27
C GLY A 710 -22.50 35.37 -0.98
N TYR A 711 -21.72 35.90 -1.92
CA TYR A 711 -20.77 35.11 -2.69
C TYR A 711 -19.39 35.76 -2.66
N PRO A 712 -18.74 35.74 -1.49
CA PRO A 712 -17.38 36.29 -1.36
C PRO A 712 -16.36 35.41 -2.05
N ASP A 713 -15.29 36.04 -2.56
CA ASP A 713 -14.21 35.30 -3.21
C ASP A 713 -14.74 34.26 -4.19
N SER A 714 -15.81 34.63 -4.89
CA SER A 714 -16.55 33.69 -5.72
C SER A 714 -16.32 33.99 -7.19
N LEU A 715 -16.70 33.04 -8.03
CA LEU A 715 -16.66 33.20 -9.47
C LEU A 715 -18.06 33.03 -10.04
N ALA A 716 -18.36 33.79 -11.08
CA ALA A 716 -19.58 33.59 -11.86
C ALA A 716 -19.21 32.88 -13.15
N LEU A 717 -19.90 31.78 -13.43
CA LEU A 717 -19.57 30.91 -14.55
C LEU A 717 -20.78 30.76 -15.46
N ALA A 718 -20.59 30.95 -16.76
CA ALA A 718 -21.68 30.82 -17.71
C ALA A 718 -21.35 29.83 -18.81
N ASN A 719 -22.33 29.01 -19.16
CA ASN A 719 -22.21 28.08 -20.28
C ASN A 719 -23.38 28.32 -21.23
N ASN A 720 -23.65 27.35 -22.10
CA ASN A 720 -24.61 27.55 -23.17
C ASN A 720 -26.04 27.67 -22.67
N SER A 721 -26.34 27.09 -21.52
CA SER A 721 -27.72 27.06 -21.04
C SER A 721 -27.92 27.59 -19.63
N THR A 722 -26.86 27.75 -18.83
CA THR A 722 -27.03 28.07 -17.42
C THR A 722 -25.95 29.02 -16.91
N LEU A 723 -26.28 29.71 -15.82
CA LEU A 723 -25.35 30.51 -15.04
C LEU A 723 -25.12 29.83 -13.70
N THR A 724 -23.84 29.65 -13.33
CA THR A 724 -23.48 29.04 -12.05
C THR A 724 -22.68 30.01 -11.21
N ILE A 725 -23.05 30.17 -9.94
CA ILE A 725 -22.32 31.00 -9.01
C ILE A 725 -21.79 30.13 -7.88
N GLY A 726 -20.47 30.20 -7.65
CA GLY A 726 -19.87 29.39 -6.61
C GLY A 726 -18.46 29.85 -6.29
N THR A 727 -17.85 29.20 -5.31
CA THR A 727 -16.49 29.53 -4.90
C THR A 727 -15.51 28.48 -5.41
N ILE A 728 -14.43 28.95 -6.04
CA ILE A 728 -13.39 28.06 -6.54
C ILE A 728 -12.60 27.49 -5.36
N ASP A 729 -12.27 26.21 -5.45
CA ASP A 729 -11.41 25.59 -4.45
C ASP A 729 -10.00 26.15 -4.56
N GLU A 730 -9.14 25.73 -3.63
CA GLU A 730 -7.73 26.09 -3.71
C GLU A 730 -7.16 25.62 -5.04
N ILE A 731 -6.22 26.40 -5.56
CA ILE A 731 -5.63 26.11 -6.86
C ILE A 731 -4.65 24.97 -6.71
N GLN A 732 -5.17 23.80 -6.30
CA GLN A 732 -4.44 22.56 -6.26
C GLN A 732 -4.54 21.87 -7.62
N LYS A 733 -3.66 20.89 -7.84
CA LYS A 733 -3.79 20.11 -9.06
C LYS A 733 -4.84 19.00 -8.90
N LEU A 734 -4.77 18.24 -7.81
CA LEU A 734 -5.77 17.20 -7.55
C LEU A 734 -6.84 17.71 -6.59
N HIS A 735 -8.09 17.70 -7.02
CA HIS A 735 -9.23 18.01 -6.17
C HIS A 735 -9.89 16.71 -5.68
N ILE A 736 -10.69 16.82 -4.61
CA ILE A 736 -11.47 15.71 -4.06
C ILE A 736 -12.86 16.17 -3.63
N ARG A 737 -13.87 15.93 -4.46
CA ARG A 737 -15.26 16.13 -4.03
C ARG A 737 -15.65 14.95 -3.15
N THR A 738 -15.58 15.14 -1.82
CA THR A 738 -15.95 14.07 -0.89
C THR A 738 -17.46 13.88 -0.86
N VAL A 739 -17.88 12.62 -0.81
CA VAL A 739 -19.26 12.23 -0.55
C VAL A 739 -19.23 11.27 0.63
N PRO A 740 -19.71 11.66 1.81
CA PRO A 740 -19.78 10.70 2.92
C PRO A 740 -20.89 9.67 2.67
N LEU A 741 -20.52 8.40 2.71
CA LEU A 741 -21.51 7.34 2.77
C LEU A 741 -21.88 6.96 4.20
N TYR A 742 -21.03 7.26 5.16
CA TYR A 742 -21.07 6.71 6.52
C TYR A 742 -21.06 5.19 6.50
N GLU A 743 -20.51 4.59 5.45
CA GLU A 743 -20.33 3.15 5.34
C GLU A 743 -19.18 2.88 4.38
N SER A 744 -18.48 1.78 4.63
CA SER A 744 -17.24 1.49 3.91
C SER A 744 -17.51 1.14 2.45
N PRO A 745 -17.15 1.98 1.48
CA PRO A 745 -17.20 1.56 0.08
C PRO A 745 -16.20 0.45 -0.15
N ARG A 746 -16.46 -0.40 -1.15
CA ARG A 746 -15.59 -1.56 -1.41
C ARG A 746 -15.11 -1.61 -2.86
N LYS A 747 -15.99 -1.43 -3.85
CA LYS A 747 -15.63 -1.44 -5.27
C LYS A 747 -16.48 -0.42 -6.02
N ILE A 748 -15.99 0.05 -7.18
CA ILE A 748 -16.67 1.09 -7.96
C ILE A 748 -16.43 0.91 -9.46
N CYS A 749 -17.47 1.18 -10.25
CA CYS A 749 -17.38 1.19 -11.71
C CYS A 749 -18.39 2.15 -12.29
N TYR A 750 -18.20 2.52 -13.55
CA TYR A 750 -18.98 3.56 -14.18
C TYR A 750 -19.78 3.04 -15.37
N GLN A 751 -20.97 3.60 -15.56
CA GLN A 751 -21.88 3.21 -16.64
C GLN A 751 -22.25 4.45 -17.44
N GLU A 752 -21.48 4.73 -18.49
CA GLU A 752 -21.69 5.93 -19.31
C GLU A 752 -23.10 5.98 -19.88
N VAL A 753 -23.64 4.82 -20.26
CA VAL A 753 -24.96 4.77 -20.87
C VAL A 753 -26.03 5.34 -19.96
N SER A 754 -25.89 5.15 -18.65
CA SER A 754 -26.87 5.65 -17.70
C SER A 754 -26.34 6.81 -16.88
N GLN A 755 -25.10 7.24 -17.12
CA GLN A 755 -24.48 8.34 -16.39
C GLN A 755 -24.47 8.06 -14.89
N CYS A 756 -24.19 6.82 -14.52
CA CYS A 756 -24.25 6.38 -13.13
C CYS A 756 -22.97 5.68 -12.71
N PHE A 757 -22.65 5.78 -11.41
CA PHE A 757 -21.66 4.93 -10.78
C PHE A 757 -22.34 3.78 -10.04
N GLY A 758 -21.77 2.59 -10.15
CA GLY A 758 -22.11 1.50 -9.25
C GLY A 758 -21.04 1.43 -8.17
N VAL A 759 -21.48 1.38 -6.91
CA VAL A 759 -20.55 1.34 -5.79
C VAL A 759 -20.97 0.27 -4.80
N LEU A 760 -20.10 -0.71 -4.59
CA LEU A 760 -20.25 -1.59 -3.44
C LEU A 760 -19.85 -0.86 -2.17
N SER A 761 -20.58 -1.10 -1.08
CA SER A 761 -20.30 -0.47 0.20
C SER A 761 -20.77 -1.39 1.33
N SER A 762 -20.41 -1.04 2.57
CA SER A 762 -20.73 -1.86 3.73
C SER A 762 -20.74 -1.06 5.02
N ARG A 763 -21.89 -1.02 5.69
CA ARG A 763 -22.06 -0.44 7.01
C ARG A 763 -21.95 -1.53 8.07
N ILE A 764 -21.72 -1.13 9.32
CA ILE A 764 -21.76 -2.06 10.45
C ILE A 764 -23.11 -1.95 11.13
N GLU A 765 -23.70 -3.11 11.46
CA GLU A 765 -24.85 -3.19 12.33
C GLU A 765 -24.60 -4.27 13.36
N VAL A 766 -24.65 -3.91 14.64
CA VAL A 766 -24.47 -4.93 15.68
C VAL A 766 -25.73 -5.76 15.78
N GLN A 767 -25.56 -7.09 15.84
CA GLN A 767 -26.65 -8.04 16.02
C GLN A 767 -27.18 -7.96 17.45
N ASP A 768 -27.77 -6.82 17.82
CA ASP A 768 -28.22 -6.58 19.19
C ASP A 768 -29.58 -7.23 19.48
N THR A 769 -30.27 -6.78 20.52
CA THR A 769 -31.56 -7.35 20.91
C THR A 769 -32.66 -7.13 19.87
N SER A 770 -32.34 -6.49 18.73
CA SER A 770 -33.25 -6.50 17.58
C SER A 770 -33.39 -7.88 16.96
N GLY A 771 -32.53 -8.83 17.33
CA GLY A 771 -32.57 -10.20 16.80
C GLY A 771 -31.93 -10.31 15.44
N GLY A 772 -32.32 -9.44 14.52
CA GLY A 772 -31.49 -9.09 13.38
C GLY A 772 -30.32 -8.23 13.82
N THR A 773 -30.04 -7.13 13.11
CA THR A 773 -28.94 -6.24 13.43
C THR A 773 -29.43 -4.79 13.50
N THR A 774 -28.75 -3.98 14.32
CA THR A 774 -29.06 -2.55 14.47
C THR A 774 -27.84 -1.73 14.08
N ALA A 775 -28.03 -0.73 13.22
CA ALA A 775 -26.92 0.08 12.74
C ALA A 775 -26.30 0.92 13.87
N LEU A 776 -24.99 1.17 13.76
CA LEU A 776 -24.35 2.17 14.61
C LEU A 776 -25.00 3.54 14.41
N ARG A 777 -25.22 3.92 13.15
CA ARG A 777 -25.92 5.14 12.75
C ARG A 777 -26.31 5.00 11.27
N PRO A 778 -27.23 5.86 10.77
CA PRO A 778 -27.61 5.80 9.35
C PRO A 778 -26.44 6.02 8.40
N SER A 779 -26.53 5.36 7.22
CA SER A 779 -25.53 5.42 6.17
C SER A 779 -26.22 5.37 4.82
N ALA A 780 -25.45 5.59 3.74
CA ALA A 780 -25.95 5.78 2.38
C ALA A 780 -27.05 4.80 1.97
N SER A 781 -26.87 3.52 2.29
CA SER A 781 -27.85 2.50 1.95
C SER A 781 -29.17 2.69 2.70
N THR A 782 -29.13 3.15 3.95
CA THR A 782 -30.33 3.48 4.71
C THR A 782 -30.93 4.82 4.30
N GLN A 783 -30.09 5.72 3.78
CA GLN A 783 -30.45 7.10 3.46
C GLN A 783 -30.85 7.30 1.99
N ALA A 784 -30.72 6.28 1.15
CA ALA A 784 -30.85 6.39 -0.29
C ALA A 784 -32.24 6.86 -0.74
N LEU A 785 -32.27 7.50 -1.92
CA LEU A 785 -33.54 7.97 -2.50
C LEU A 785 -34.46 6.80 -2.86
N SER A 786 -33.89 5.63 -3.13
CA SER A 786 -34.63 4.37 -3.23
C SER A 786 -33.70 3.23 -2.80
N SER A 787 -34.30 2.10 -2.43
CA SER A 787 -33.50 0.94 -2.01
C SER A 787 -34.21 -0.36 -2.37
N SER A 788 -33.43 -1.45 -2.35
CA SER A 788 -33.92 -2.81 -2.58
C SER A 788 -33.01 -3.78 -1.84
N VAL A 789 -33.41 -5.06 -1.80
CA VAL A 789 -32.63 -6.13 -1.17
C VAL A 789 -32.60 -7.31 -2.14
N SER A 790 -31.48 -8.04 -2.19
CA SER A 790 -31.32 -9.14 -3.16
C SER A 790 -32.41 -10.19 -3.01
N SER A 791 -33.22 -10.37 -4.04
CA SER A 791 -34.38 -11.25 -4.04
C SER A 791 -34.09 -12.64 -4.63
N SER A 792 -32.85 -13.12 -4.53
CA SER A 792 -32.41 -14.29 -5.26
C SER A 792 -32.85 -15.60 -4.60
N LYS A 793 -33.10 -16.61 -5.45
CA LYS A 793 -33.56 -17.93 -5.03
C LYS A 793 -32.45 -18.98 -5.00
N LEU A 794 -31.23 -18.59 -5.38
CA LEU A 794 -30.11 -19.53 -5.50
C LEU A 794 -29.63 -20.04 -4.13
N PHE A 795 -29.57 -19.16 -3.11
CA PHE A 795 -28.92 -19.46 -1.83
C PHE A 795 -29.90 -19.96 -0.76
N SER A 796 -31.06 -20.48 -1.17
CA SER A 796 -32.12 -20.95 -0.28
C SER A 796 -31.86 -22.32 0.35
N SER A 797 -30.85 -23.06 -0.12
CA SER A 797 -30.83 -24.51 0.04
C SER A 797 -30.45 -25.03 1.43
N SER A 798 -29.85 -24.20 2.31
CA SER A 798 -29.73 -24.59 3.73
C SER A 798 -29.54 -23.40 4.66
N THR A 799 -30.15 -23.49 5.86
CA THR A 799 -29.79 -22.70 7.04
C THR A 799 -29.99 -23.55 8.30
N ALA A 800 -29.18 -23.28 9.35
CA ALA A 800 -29.58 -23.69 10.70
C ALA A 800 -30.49 -22.63 11.32
N PRO A 801 -31.48 -23.02 12.14
CA PRO A 801 -32.46 -22.04 12.66
C PRO A 801 -31.95 -21.16 13.82
N HIS A 802 -30.87 -21.53 14.51
CA HIS A 802 -30.45 -20.88 15.75
C HIS A 802 -29.13 -20.08 15.63
N GLU A 803 -28.78 -19.63 14.41
CA GLU A 803 -27.45 -19.09 14.12
C GLU A 803 -27.13 -17.71 14.71
N THR A 804 -28.12 -16.85 14.99
CA THR A 804 -27.86 -15.40 14.95
C THR A 804 -27.53 -14.84 16.33
N SER A 805 -26.27 -15.01 16.75
CA SER A 805 -25.84 -14.73 18.11
C SER A 805 -25.80 -13.23 18.43
N PHE A 806 -26.23 -12.88 19.64
CA PHE A 806 -26.31 -11.49 20.08
C PHE A 806 -24.94 -10.83 20.16
N GLY A 807 -24.89 -9.53 19.81
CA GLY A 807 -23.68 -8.74 19.90
C GLY A 807 -22.73 -8.87 18.72
N GLU A 808 -23.01 -9.73 17.76
CA GLU A 808 -22.11 -9.91 16.61
C GLU A 808 -22.07 -8.64 15.76
N GLU A 809 -20.85 -8.19 15.44
CA GLU A 809 -20.65 -6.91 14.75
C GLU A 809 -20.69 -7.12 13.22
N VAL A 810 -21.93 -7.33 12.73
CA VAL A 810 -22.17 -7.70 11.33
C VAL A 810 -21.85 -6.56 10.37
N GLU A 811 -21.25 -6.89 9.24
CA GLU A 811 -21.00 -5.96 8.16
C GLU A 811 -22.01 -6.20 7.04
N VAL A 812 -22.89 -5.24 6.79
CA VAL A 812 -23.98 -5.38 5.83
C VAL A 812 -23.59 -4.65 4.55
N HIS A 813 -23.49 -5.38 3.44
CA HIS A 813 -23.02 -4.84 2.17
C HIS A 813 -24.18 -4.39 1.27
N ASN A 814 -23.90 -3.37 0.45
CA ASN A 814 -24.88 -2.73 -0.42
C ASN A 814 -24.24 -2.33 -1.74
N LEU A 815 -25.06 -2.25 -2.78
CA LEU A 815 -24.68 -1.63 -4.06
C LEU A 815 -25.42 -0.32 -4.19
N LEU A 816 -24.68 0.77 -4.27
CA LEU A 816 -25.22 2.11 -4.38
C LEU A 816 -25.13 2.57 -5.83
N ILE A 817 -26.24 2.99 -6.41
CA ILE A 817 -26.23 3.65 -7.72
C ILE A 817 -26.23 5.14 -7.47
N ILE A 818 -25.28 5.84 -8.07
CA ILE A 818 -24.94 7.19 -7.66
C ILE A 818 -24.92 8.10 -8.88
N ASP A 819 -25.76 9.12 -8.87
CA ASP A 819 -25.84 10.04 -10.01
C ASP A 819 -24.53 10.78 -10.19
N GLN A 820 -24.02 10.78 -11.42
CA GLN A 820 -22.69 11.33 -11.66
C GLN A 820 -22.61 12.83 -11.51
N HIS A 821 -23.74 13.54 -11.55
CA HIS A 821 -23.71 14.99 -11.45
C HIS A 821 -23.99 15.50 -10.04
N THR A 822 -24.91 14.85 -9.34
CA THR A 822 -25.30 15.25 -8.00
C THR A 822 -24.77 14.34 -6.91
N PHE A 823 -24.33 13.13 -7.26
CA PHE A 823 -23.90 12.09 -6.32
C PHE A 823 -24.97 11.78 -5.27
N GLU A 824 -26.22 12.05 -5.63
CA GLU A 824 -27.37 11.41 -5.00
C GLU A 824 -27.25 9.91 -5.07
N VAL A 825 -27.46 9.23 -3.95
CA VAL A 825 -27.58 7.78 -3.94
C VAL A 825 -28.96 7.44 -4.49
N LEU A 826 -29.06 7.45 -5.82
CA LEU A 826 -30.30 7.18 -6.53
C LEU A 826 -30.91 5.85 -6.10
N HIS A 827 -30.07 4.86 -5.86
CA HIS A 827 -30.54 3.55 -5.46
C HIS A 827 -29.53 2.91 -4.51
N ALA A 828 -30.01 1.98 -3.67
CA ALA A 828 -29.15 1.21 -2.78
C ALA A 828 -29.70 -0.20 -2.61
N HIS A 829 -29.02 -1.16 -3.21
CA HIS A 829 -29.43 -2.56 -3.20
C HIS A 829 -28.62 -3.25 -2.10
N GLN A 830 -29.31 -3.84 -1.13
CA GLN A 830 -28.62 -4.52 -0.03
C GLN A 830 -28.41 -5.97 -0.42
N PHE A 831 -27.18 -6.46 -0.24
CA PHE A 831 -26.85 -7.83 -0.58
C PHE A 831 -27.40 -8.78 0.48
N LEU A 832 -27.26 -10.09 0.24
CA LEU A 832 -27.78 -11.06 1.20
C LEU A 832 -27.04 -10.94 2.53
N GLN A 833 -27.62 -11.51 3.58
CA GLN A 833 -26.97 -11.49 4.89
C GLN A 833 -25.58 -12.14 4.79
N ASN A 834 -24.58 -11.47 5.37
CA ASN A 834 -23.19 -11.89 5.37
C ASN A 834 -22.55 -11.91 3.98
N GLU A 835 -23.23 -11.43 2.95
CA GLU A 835 -22.70 -11.55 1.59
C GLU A 835 -21.79 -10.36 1.32
N TYR A 836 -20.50 -10.55 1.52
CA TYR A 836 -19.52 -9.58 1.09
C TYR A 836 -19.56 -9.49 -0.44
N ALA A 837 -19.92 -8.32 -0.95
CA ALA A 837 -19.82 -8.09 -2.38
C ALA A 837 -18.38 -7.68 -2.69
N LEU A 838 -17.73 -8.48 -3.53
CA LEU A 838 -16.27 -8.52 -3.66
C LEU A 838 -15.74 -7.78 -4.88
N SER A 839 -16.44 -7.83 -6.01
CA SER A 839 -15.93 -7.26 -7.25
C SER A 839 -17.06 -6.64 -8.05
N LEU A 840 -16.71 -5.60 -8.81
CA LEU A 840 -17.69 -4.85 -9.58
C LEU A 840 -17.06 -4.31 -10.86
N VAL A 841 -17.72 -4.55 -12.00
CA VAL A 841 -17.26 -4.06 -13.28
C VAL A 841 -18.46 -3.60 -14.11
N SER A 842 -18.24 -2.57 -14.93
CA SER A 842 -19.25 -2.09 -15.87
C SER A 842 -18.73 -2.21 -17.30
N CYS A 843 -19.45 -2.95 -18.14
CA CYS A 843 -18.98 -3.21 -19.49
C CYS A 843 -20.13 -3.67 -20.37
N LYS A 844 -19.90 -3.64 -21.69
CA LYS A 844 -20.77 -4.30 -22.64
C LYS A 844 -20.39 -5.77 -22.73
N LEU A 845 -21.35 -6.62 -23.10
CA LEU A 845 -21.09 -8.05 -23.25
C LEU A 845 -21.87 -8.61 -24.44
N GLY A 846 -21.28 -9.61 -25.09
CA GLY A 846 -21.76 -10.17 -26.35
C GLY A 846 -21.88 -9.13 -27.45
N LYS A 847 -22.83 -9.38 -28.36
CA LYS A 847 -23.27 -8.41 -29.37
C LYS A 847 -24.39 -7.50 -28.86
N ASP A 848 -24.80 -7.68 -27.60
CA ASP A 848 -25.85 -6.87 -26.97
C ASP A 848 -25.35 -5.44 -26.71
N PRO A 849 -26.13 -4.40 -27.10
CA PRO A 849 -25.60 -3.02 -27.05
C PRO A 849 -25.54 -2.41 -25.65
N ASN A 850 -26.22 -2.98 -24.66
CA ASN A 850 -26.36 -2.38 -23.33
C ASN A 850 -25.04 -2.42 -22.54
N THR A 851 -24.85 -1.41 -21.68
CA THR A 851 -23.78 -1.46 -20.68
C THR A 851 -24.37 -1.93 -19.36
N TYR A 852 -23.71 -2.88 -18.72
CA TYR A 852 -24.23 -3.56 -17.56
C TYR A 852 -23.32 -3.36 -16.36
N PHE A 853 -23.92 -3.27 -15.17
CA PHE A 853 -23.17 -3.41 -13.93
C PHE A 853 -23.06 -4.89 -13.60
N ILE A 854 -21.86 -5.36 -13.30
CA ILE A 854 -21.67 -6.78 -12.99
C ILE A 854 -20.93 -6.91 -11.66
N VAL A 855 -21.51 -7.66 -10.73
CA VAL A 855 -20.99 -7.81 -9.36
C VAL A 855 -20.62 -9.26 -9.13
N GLY A 856 -19.46 -9.49 -8.53
CA GLY A 856 -19.07 -10.79 -7.98
C GLY A 856 -19.02 -10.75 -6.46
N THR A 857 -19.55 -11.80 -5.83
CA THR A 857 -19.78 -11.82 -4.38
C THR A 857 -19.24 -13.09 -3.70
N ALA A 858 -19.38 -13.12 -2.37
CA ALA A 858 -19.12 -14.28 -1.52
C ALA A 858 -19.95 -14.20 -0.24
N MET A 859 -20.41 -15.36 0.22
CA MET A 859 -20.94 -15.47 1.59
C MET A 859 -19.78 -15.73 2.54
N VAL A 860 -19.65 -14.91 3.57
CA VAL A 860 -18.51 -14.97 4.49
C VAL A 860 -18.99 -15.34 5.88
N TYR A 861 -18.35 -16.36 6.46
CA TYR A 861 -18.70 -16.92 7.75
C TYR A 861 -17.43 -17.08 8.58
N PRO A 862 -17.52 -16.98 9.92
CA PRO A 862 -16.29 -16.79 10.73
C PRO A 862 -15.23 -17.86 10.56
N GLU A 863 -15.63 -19.12 10.38
CA GLU A 863 -14.73 -20.25 10.53
C GLU A 863 -14.07 -20.69 9.24
N GLU A 864 -14.67 -20.45 8.07
CA GLU A 864 -14.18 -21.03 6.83
C GLU A 864 -13.07 -20.18 6.23
N ALA A 865 -11.88 -20.76 6.15
CA ALA A 865 -10.73 -20.07 5.58
C ALA A 865 -10.98 -19.64 4.14
N GLU A 866 -11.56 -20.51 3.31
CA GLU A 866 -11.81 -20.14 1.92
C GLU A 866 -13.30 -20.08 1.66
N PRO A 867 -13.78 -19.12 0.85
CA PRO A 867 -15.21 -19.07 0.53
C PRO A 867 -15.60 -20.23 -0.37
N LYS A 868 -16.69 -20.89 -0.02
CA LYS A 868 -17.21 -21.98 -0.83
C LYS A 868 -18.48 -21.60 -1.57
N GLN A 869 -18.95 -20.36 -1.38
CA GLN A 869 -20.21 -19.84 -1.89
C GLN A 869 -20.03 -18.40 -2.39
N GLY A 870 -20.67 -18.07 -3.51
CA GLY A 870 -20.64 -16.72 -4.09
C GLY A 870 -21.54 -16.68 -5.31
N ARG A 871 -21.63 -15.49 -5.94
CA ARG A 871 -22.38 -15.39 -7.20
C ARG A 871 -21.88 -14.22 -8.05
N ILE A 872 -22.21 -14.27 -9.33
CA ILE A 872 -22.05 -13.17 -10.28
C ILE A 872 -23.43 -12.65 -10.65
N VAL A 873 -23.63 -11.33 -10.51
CA VAL A 873 -24.92 -10.68 -10.76
C VAL A 873 -24.71 -9.59 -11.81
N VAL A 874 -25.59 -9.57 -12.81
CA VAL A 874 -25.62 -8.53 -13.85
C VAL A 874 -26.86 -7.64 -13.63
N PHE A 875 -26.64 -6.33 -13.48
CA PHE A 875 -27.71 -5.33 -13.36
C PHE A 875 -27.64 -4.31 -14.51
N GLN A 876 -28.76 -3.62 -14.77
CA GLN A 876 -28.78 -2.44 -15.63
C GLN A 876 -29.54 -1.31 -14.93
N TYR A 877 -29.04 -0.08 -15.06
CA TYR A 877 -29.75 1.07 -14.50
C TYR A 877 -30.36 1.90 -15.63
N SER A 878 -31.68 1.94 -15.69
CA SER A 878 -32.37 2.66 -16.74
C SER A 878 -33.68 3.24 -16.22
N ASP A 879 -34.01 4.44 -16.69
CA ASP A 879 -35.27 5.10 -16.34
C ASP A 879 -35.44 5.22 -14.83
N GLY A 880 -34.31 5.45 -14.13
CA GLY A 880 -34.33 5.58 -12.70
C GLY A 880 -34.30 4.27 -11.92
N LYS A 881 -34.45 3.14 -12.60
CA LYS A 881 -34.57 1.82 -11.96
C LYS A 881 -33.30 1.01 -12.16
N LEU A 882 -32.72 0.53 -11.06
CA LEU A 882 -31.78 -0.58 -11.14
C LEU A 882 -32.57 -1.88 -11.28
N GLN A 883 -32.22 -2.71 -12.25
CA GLN A 883 -32.91 -3.95 -12.52
C GLN A 883 -31.92 -5.09 -12.61
N THR A 884 -32.27 -6.25 -12.03
CA THR A 884 -31.38 -7.40 -12.15
C THR A 884 -31.60 -8.08 -13.50
N VAL A 885 -30.56 -8.09 -14.32
CA VAL A 885 -30.58 -8.70 -15.64
C VAL A 885 -30.31 -10.20 -15.56
N ALA A 886 -29.31 -10.60 -14.76
CA ALA A 886 -28.88 -12.00 -14.73
C ALA A 886 -28.14 -12.35 -13.43
N GLU A 887 -28.11 -13.66 -13.12
CA GLU A 887 -27.33 -14.22 -12.02
C GLU A 887 -26.69 -15.54 -12.43
N LYS A 888 -25.49 -15.82 -11.88
CA LYS A 888 -24.94 -17.18 -11.83
C LYS A 888 -24.27 -17.43 -10.48
N GLU A 889 -24.67 -18.51 -9.80
CA GLU A 889 -24.09 -18.92 -8.52
C GLU A 889 -22.78 -19.67 -8.75
N VAL A 890 -21.76 -19.40 -7.93
CA VAL A 890 -20.41 -19.89 -8.20
C VAL A 890 -19.82 -20.66 -7.02
N LYS A 891 -18.88 -21.56 -7.35
CA LYS A 891 -18.17 -22.40 -6.39
C LYS A 891 -16.92 -21.69 -5.87
N GLY A 892 -17.15 -20.58 -5.16
CA GLY A 892 -16.07 -19.79 -4.58
C GLY A 892 -16.48 -18.34 -4.44
N ALA A 893 -15.57 -17.55 -3.88
CA ALA A 893 -15.69 -16.10 -3.88
C ALA A 893 -15.27 -15.55 -5.24
N VAL A 894 -16.05 -14.63 -5.81
CA VAL A 894 -15.67 -14.03 -7.09
C VAL A 894 -14.73 -12.87 -6.78
N TYR A 895 -13.44 -13.14 -6.78
CA TYR A 895 -12.50 -12.14 -6.32
C TYR A 895 -12.26 -11.05 -7.35
N SER A 896 -12.47 -11.35 -8.64
CA SER A 896 -12.23 -10.34 -9.67
C SER A 896 -12.93 -10.75 -10.97
N MET A 897 -13.31 -9.74 -11.77
CA MET A 897 -13.94 -9.96 -13.07
C MET A 897 -13.48 -8.90 -14.06
N VAL A 898 -13.28 -9.29 -15.32
CA VAL A 898 -12.91 -8.37 -16.40
C VAL A 898 -13.64 -8.74 -17.68
N GLU A 899 -13.76 -7.74 -18.57
CA GLU A 899 -14.32 -7.97 -19.89
C GLU A 899 -13.27 -8.56 -20.81
N PHE A 900 -13.65 -9.59 -21.56
CA PHE A 900 -12.69 -10.35 -22.38
C PHE A 900 -13.35 -10.74 -23.70
N ASN A 901 -13.04 -10.00 -24.76
CA ASN A 901 -13.58 -10.30 -26.09
C ASN A 901 -15.10 -10.37 -26.08
N GLY A 902 -15.77 -9.55 -25.26
CA GLY A 902 -17.21 -9.59 -25.10
C GLY A 902 -17.73 -10.75 -24.29
N LYS A 903 -16.89 -11.73 -23.99
CA LYS A 903 -17.11 -12.75 -22.98
C LYS A 903 -16.61 -12.18 -21.65
N LEU A 904 -17.10 -12.75 -20.54
CA LEU A 904 -16.73 -12.25 -19.21
C LEU A 904 -15.82 -13.26 -18.53
N LEU A 905 -14.69 -12.79 -18.02
CA LEU A 905 -13.74 -13.63 -17.32
C LEU A 905 -13.76 -13.31 -15.82
N ALA A 906 -14.00 -14.34 -15.01
CA ALA A 906 -14.19 -14.19 -13.56
C ALA A 906 -13.33 -15.19 -12.80
N SER A 907 -12.69 -14.76 -11.73
CA SER A 907 -11.85 -15.66 -10.94
C SER A 907 -12.55 -16.01 -9.64
N ILE A 908 -12.62 -17.30 -9.36
CA ILE A 908 -13.45 -17.87 -8.31
C ILE A 908 -12.56 -18.85 -7.55
N ASN A 909 -12.19 -18.48 -6.32
CA ASN A 909 -11.21 -19.21 -5.49
C ASN A 909 -9.98 -19.64 -6.29
N SER A 910 -9.78 -20.94 -6.44
CA SER A 910 -8.59 -21.53 -7.06
C SER A 910 -8.72 -21.70 -8.57
N THR A 911 -9.81 -21.24 -9.17
CA THR A 911 -10.07 -21.42 -10.59
C THR A 911 -10.35 -20.09 -11.27
N VAL A 912 -10.15 -20.07 -12.58
CA VAL A 912 -10.53 -18.95 -13.43
C VAL A 912 -11.52 -19.46 -14.46
N ARG A 913 -12.62 -18.76 -14.65
CA ARG A 913 -13.73 -19.28 -15.42
C ARG A 913 -14.13 -18.28 -16.50
N LEU A 914 -14.43 -18.79 -17.68
CA LEU A 914 -14.80 -17.97 -18.82
C LEU A 914 -16.26 -18.19 -19.17
N TYR A 915 -17.03 -17.12 -19.11
CA TYR A 915 -18.43 -17.16 -19.44
C TYR A 915 -18.66 -16.45 -20.76
N GLU A 916 -19.26 -17.17 -21.69
CA GLU A 916 -19.79 -16.61 -22.91
C GLU A 916 -21.09 -15.88 -22.60
N TRP A 917 -21.26 -14.69 -23.16
CA TRP A 917 -22.52 -13.96 -23.06
C TRP A 917 -23.50 -14.52 -24.09
N THR A 918 -24.54 -15.21 -23.61
CA THR A 918 -25.56 -15.71 -24.53
C THR A 918 -26.34 -14.56 -25.15
N THR A 919 -26.90 -14.80 -26.34
CA THR A 919 -27.91 -13.89 -26.88
C THR A 919 -29.10 -13.76 -25.94
N GLU A 920 -29.27 -14.68 -25.00
CA GLU A 920 -30.28 -14.60 -23.96
C GLU A 920 -29.84 -13.72 -22.80
N LYS A 921 -28.76 -12.96 -22.98
CA LYS A 921 -28.26 -11.91 -22.09
C LYS A 921 -27.83 -12.45 -20.72
N GLU A 922 -27.55 -13.75 -20.65
CA GLU A 922 -27.09 -14.42 -19.45
C GLU A 922 -25.79 -15.16 -19.75
N LEU A 923 -24.98 -15.34 -18.71
CA LEU A 923 -23.69 -16.01 -18.85
C LEU A 923 -23.85 -17.52 -18.91
N ARG A 924 -23.00 -18.18 -19.71
CA ARG A 924 -22.96 -19.63 -19.85
C ARG A 924 -21.52 -20.11 -19.92
N THR A 925 -21.26 -21.31 -19.38
CA THR A 925 -19.93 -21.91 -19.33
C THR A 925 -19.34 -22.14 -20.72
N GLU A 926 -18.32 -21.36 -21.10
CA GLU A 926 -17.49 -21.81 -22.21
C GLU A 926 -16.38 -22.75 -21.72
N CYS A 927 -15.55 -22.30 -20.78
CA CYS A 927 -14.40 -23.10 -20.35
C CYS A 927 -13.89 -22.65 -18.98
N ASN A 928 -12.88 -23.37 -18.49
CA ASN A 928 -12.27 -23.15 -17.19
C ASN A 928 -10.74 -23.23 -17.30
N HIS A 929 -10.06 -22.55 -16.39
CA HIS A 929 -8.64 -22.72 -16.12
C HIS A 929 -8.41 -23.03 -14.65
N TYR A 930 -7.49 -23.92 -14.35
CA TYR A 930 -7.19 -24.27 -12.96
C TYR A 930 -5.76 -23.90 -12.60
N ASN A 931 -5.05 -24.83 -11.97
CA ASN A 931 -3.62 -24.69 -11.71
C ASN A 931 -3.29 -23.42 -10.92
N ASN A 932 -4.09 -23.16 -9.86
CA ASN A 932 -3.85 -22.04 -8.97
C ASN A 932 -4.16 -22.43 -7.53
N ILE A 933 -3.55 -21.71 -6.58
CA ILE A 933 -3.96 -21.79 -5.19
C ILE A 933 -5.23 -20.99 -4.97
N MET A 934 -5.21 -19.72 -5.39
CA MET A 934 -6.38 -18.85 -5.32
C MET A 934 -6.16 -17.67 -6.26
N ALA A 935 -6.94 -17.63 -7.34
CA ALA A 935 -6.79 -16.65 -8.41
C ALA A 935 -7.46 -15.33 -8.03
N LEU A 936 -6.81 -14.59 -7.13
CA LEU A 936 -7.44 -13.40 -6.56
C LEU A 936 -7.69 -12.30 -7.60
N TYR A 937 -6.83 -12.15 -8.61
CA TYR A 937 -6.91 -11.03 -9.53
C TYR A 937 -6.92 -11.49 -10.98
N LEU A 938 -7.67 -10.79 -11.83
CA LEU A 938 -7.72 -11.04 -13.26
C LEU A 938 -7.56 -9.77 -14.06
N LYS A 939 -6.82 -9.89 -15.16
CA LYS A 939 -6.71 -8.81 -16.14
C LYS A 939 -6.50 -9.42 -17.52
N THR A 940 -6.97 -8.73 -18.56
CA THR A 940 -6.91 -9.30 -19.91
C THR A 940 -6.59 -8.25 -20.95
N LYS A 941 -5.98 -8.72 -22.05
CA LYS A 941 -5.75 -7.89 -23.24
C LYS A 941 -5.63 -8.81 -24.45
N GLY A 942 -6.38 -8.49 -25.51
CA GLY A 942 -6.40 -9.37 -26.67
C GLY A 942 -6.88 -10.75 -26.28
N ASP A 943 -6.13 -11.77 -26.68
CA ASP A 943 -6.43 -13.15 -26.33
C ASP A 943 -5.64 -13.62 -25.12
N PHE A 944 -4.99 -12.71 -24.41
CA PHE A 944 -4.12 -13.07 -23.29
C PHE A 944 -4.77 -12.72 -21.96
N ILE A 945 -4.59 -13.61 -20.99
CA ILE A 945 -5.15 -13.45 -19.66
C ILE A 945 -4.04 -13.50 -18.62
N LEU A 946 -4.01 -12.49 -17.75
CA LEU A 946 -3.07 -12.45 -16.64
C LEU A 946 -3.81 -12.77 -15.34
N VAL A 947 -3.29 -13.71 -14.56
CA VAL A 947 -3.93 -14.14 -13.34
C VAL A 947 -2.96 -13.99 -12.17
N GLY A 948 -3.46 -13.45 -11.06
CA GLY A 948 -2.68 -13.32 -9.84
C GLY A 948 -3.09 -14.31 -8.78
N ASP A 949 -2.13 -15.12 -8.32
CA ASP A 949 -2.39 -16.16 -7.32
C ASP A 949 -2.12 -15.63 -5.91
N LEU A 950 -2.73 -16.29 -4.92
CA LEU A 950 -2.52 -15.91 -3.52
C LEU A 950 -1.07 -16.08 -3.08
N MET A 951 -0.33 -17.04 -3.64
CA MET A 951 1.08 -17.25 -3.30
C MET A 951 1.99 -17.57 -4.48
N ARG A 952 1.44 -18.00 -5.62
CA ARG A 952 2.24 -18.48 -6.73
C ARG A 952 2.48 -17.42 -7.80
N SER A 953 2.43 -16.15 -7.43
CA SER A 953 2.75 -15.04 -8.35
C SER A 953 1.75 -15.04 -9.51
N VAL A 954 2.23 -14.83 -10.73
CA VAL A 954 1.37 -14.60 -11.89
C VAL A 954 1.59 -15.67 -12.94
N LEU A 955 0.55 -15.88 -13.75
CA LEU A 955 0.61 -16.77 -14.89
C LEU A 955 -0.14 -16.14 -16.06
N LEU A 956 0.23 -16.52 -17.27
CA LEU A 956 -0.38 -15.99 -18.48
C LEU A 956 -1.08 -17.09 -19.26
N LEU A 957 -2.34 -16.86 -19.61
CA LEU A 957 -3.11 -17.80 -20.41
C LEU A 957 -3.32 -17.26 -21.83
N ALA A 958 -3.57 -18.19 -22.75
CA ALA A 958 -4.09 -17.84 -24.06
C ALA A 958 -5.46 -18.46 -24.23
N TYR A 959 -6.36 -17.72 -24.83
CA TYR A 959 -7.67 -18.24 -25.17
C TYR A 959 -7.61 -18.90 -26.55
N LYS A 960 -8.25 -20.07 -26.67
CA LYS A 960 -8.23 -20.85 -27.91
C LYS A 960 -9.64 -20.99 -28.47
N PRO A 961 -10.06 -20.07 -29.34
CA PRO A 961 -11.40 -20.10 -29.95
C PRO A 961 -11.66 -21.36 -30.74
N MET A 962 -10.62 -21.97 -31.28
CA MET A 962 -10.76 -23.17 -32.09
C MET A 962 -10.84 -24.44 -31.25
N GLU A 963 -10.56 -24.35 -29.97
CA GLU A 963 -10.65 -25.49 -29.07
C GLU A 963 -11.69 -25.31 -27.98
N GLY A 964 -12.04 -24.07 -27.66
CA GLY A 964 -12.94 -23.80 -26.55
C GLY A 964 -12.28 -24.03 -25.21
N ASN A 965 -11.00 -23.67 -25.09
CA ASN A 965 -10.28 -23.88 -23.85
C ASN A 965 -9.18 -22.83 -23.70
N PHE A 966 -8.51 -22.86 -22.54
CA PHE A 966 -7.34 -22.03 -22.30
C PHE A 966 -6.07 -22.86 -22.38
N GLU A 967 -5.03 -22.27 -22.95
CA GLU A 967 -3.70 -22.84 -22.92
C GLU A 967 -2.82 -21.95 -22.05
N GLU A 968 -2.22 -22.52 -21.02
CA GLU A 968 -1.34 -21.76 -20.13
C GLU A 968 -0.03 -21.49 -20.88
N ILE A 969 0.19 -20.22 -21.22
CA ILE A 969 1.38 -19.85 -22.00
C ILE A 969 2.64 -20.04 -21.18
N ALA A 970 2.67 -19.42 -20.00
CA ALA A 970 3.85 -19.41 -19.16
C ALA A 970 3.44 -18.96 -17.78
N ARG A 971 4.24 -19.32 -16.78
CA ARG A 971 3.96 -18.84 -15.43
C ARG A 971 5.26 -18.53 -14.69
N ASP A 972 5.13 -17.66 -13.71
CA ASP A 972 6.22 -17.39 -12.79
C ASP A 972 6.21 -18.46 -11.71
N PHE A 973 7.33 -19.15 -11.56
CA PHE A 973 7.43 -20.19 -10.55
C PHE A 973 7.95 -19.67 -9.22
N ASN A 974 8.26 -18.39 -9.15
CA ASN A 974 8.64 -17.78 -7.89
C ASN A 974 7.39 -17.49 -7.04
N PRO A 975 7.51 -17.61 -5.71
CA PRO A 975 6.39 -17.29 -4.84
C PRO A 975 6.22 -15.78 -4.66
N ASN A 976 4.96 -15.34 -4.70
CA ASN A 976 4.59 -13.96 -4.41
C ASN A 976 3.16 -13.93 -3.88
N TRP A 977 2.96 -13.17 -2.80
CA TRP A 977 1.67 -13.06 -2.10
C TRP A 977 0.82 -11.96 -2.75
N MET A 978 0.13 -12.28 -3.85
CA MET A 978 -0.34 -11.21 -4.71
C MET A 978 -1.39 -10.32 -4.05
N SER A 979 -1.21 -9.01 -4.19
CA SER A 979 -2.20 -8.01 -3.82
C SER A 979 -2.93 -7.42 -5.02
N ALA A 980 -2.34 -7.46 -6.23
CA ALA A 980 -2.99 -6.97 -7.44
C ALA A 980 -2.13 -7.30 -8.66
N VAL A 981 -2.76 -7.34 -9.84
CA VAL A 981 -2.06 -7.58 -11.10
C VAL A 981 -2.61 -6.67 -12.21
N GLU A 982 -1.78 -6.45 -13.24
CA GLU A 982 -2.24 -5.74 -14.42
C GLU A 982 -1.35 -6.04 -15.63
N ILE A 983 -1.93 -5.94 -16.81
CA ILE A 983 -1.21 -6.11 -18.07
C ILE A 983 -0.85 -4.73 -18.61
N LEU A 984 0.46 -4.43 -18.66
CA LEU A 984 0.92 -3.17 -19.23
C LEU A 984 0.95 -3.20 -20.75
N ASP A 985 1.32 -4.34 -21.33
CA ASP A 985 1.28 -4.53 -22.77
C ASP A 985 1.18 -6.04 -23.04
N ASP A 986 1.36 -6.43 -24.31
CA ASP A 986 1.11 -7.81 -24.69
C ASP A 986 2.07 -8.79 -24.03
N ASP A 987 3.29 -8.35 -23.69
CA ASP A 987 4.31 -9.25 -23.17
C ASP A 987 4.70 -8.96 -21.73
N ASN A 988 4.40 -7.78 -21.20
CA ASN A 988 4.83 -7.35 -19.87
C ASN A 988 3.68 -7.42 -18.87
N PHE A 989 3.87 -8.16 -17.78
CA PHE A 989 2.85 -8.32 -16.76
C PHE A 989 3.34 -7.75 -15.44
N LEU A 990 2.52 -6.89 -14.83
CA LEU A 990 2.82 -6.17 -13.61
C LEU A 990 2.12 -6.85 -12.42
N GLY A 991 2.86 -7.06 -11.34
CA GLY A 991 2.30 -7.64 -10.14
C GLY A 991 2.69 -6.88 -8.89
N ALA A 992 1.82 -6.99 -7.87
CA ALA A 992 2.06 -6.44 -6.54
C ALA A 992 1.78 -7.51 -5.49
N GLU A 993 2.48 -7.47 -4.37
CA GLU A 993 2.34 -8.52 -3.36
C GLU A 993 2.27 -7.93 -1.96
N ASN A 994 1.93 -8.79 -0.98
CA ASN A 994 1.55 -8.34 0.35
C ASN A 994 2.72 -7.80 1.16
N ALA A 995 3.96 -8.10 0.77
CA ALA A 995 5.12 -7.51 1.42
C ALA A 995 5.44 -6.15 0.86
N PHE A 996 4.47 -5.55 0.15
CA PHE A 996 4.53 -4.21 -0.42
C PHE A 996 5.57 -4.13 -1.54
N ASN A 997 5.81 -5.23 -2.25
CA ASN A 997 6.69 -5.23 -3.40
C ASN A 997 5.91 -5.33 -4.70
N LEU A 998 6.46 -4.70 -5.73
CA LEU A 998 6.02 -4.89 -7.11
C LEU A 998 7.02 -5.76 -7.85
N PHE A 999 6.55 -6.41 -8.91
CA PHE A 999 7.45 -7.14 -9.79
C PHE A 999 6.86 -7.17 -11.19
N VAL A 1000 7.72 -7.29 -12.20
CA VAL A 1000 7.27 -7.48 -13.57
C VAL A 1000 7.90 -8.75 -14.12
N CYS A 1001 7.04 -9.63 -14.62
CA CYS A 1001 7.43 -10.88 -15.24
C CYS A 1001 6.96 -10.87 -16.68
N GLN A 1002 7.76 -11.47 -17.57
CA GLN A 1002 7.66 -11.21 -18.98
C GLN A 1002 7.85 -12.49 -19.77
N LYS A 1003 7.15 -12.57 -20.90
CA LYS A 1003 7.15 -13.74 -21.76
C LYS A 1003 8.36 -13.68 -22.71
N ASP A 1004 9.18 -14.72 -22.71
CA ASP A 1004 10.39 -14.72 -23.53
C ASP A 1004 10.11 -15.41 -24.87
N SER A 1005 9.85 -14.60 -25.89
CA SER A 1005 9.63 -15.10 -27.24
C SER A 1005 10.89 -15.69 -27.85
N ALA A 1006 12.05 -15.43 -27.26
CA ALA A 1006 13.31 -15.96 -27.74
C ALA A 1006 13.65 -17.29 -27.09
N ALA A 1007 12.76 -17.81 -26.24
CA ALA A 1007 12.99 -19.10 -25.63
C ALA A 1007 13.02 -20.19 -26.69
N THR A 1008 13.91 -21.17 -26.49
CA THR A 1008 14.16 -22.19 -27.50
C THR A 1008 13.53 -23.54 -27.17
N THR A 1009 13.17 -23.78 -25.91
CA THR A 1009 12.56 -25.04 -25.50
C THR A 1009 11.22 -24.77 -24.84
N ASP A 1010 10.40 -25.81 -24.79
CA ASP A 1010 9.09 -25.68 -24.15
C ASP A 1010 9.23 -25.36 -22.68
N GLU A 1011 10.24 -25.94 -22.02
CA GLU A 1011 10.46 -25.69 -20.60
C GLU A 1011 10.83 -24.24 -20.34
N GLU A 1012 11.64 -23.66 -21.23
CA GLU A 1012 11.95 -22.23 -21.15
C GLU A 1012 10.73 -21.38 -21.42
N ARG A 1013 9.94 -21.77 -22.43
CA ARG A 1013 8.78 -20.99 -22.82
C ARG A 1013 7.72 -20.99 -21.73
N GLN A 1014 7.57 -22.11 -21.02
CA GLN A 1014 6.60 -22.22 -19.94
C GLN A 1014 6.98 -21.37 -18.73
N HIS A 1015 8.20 -20.84 -18.69
CA HIS A 1015 8.69 -20.09 -17.54
C HIS A 1015 8.69 -18.59 -17.85
N LEU A 1016 7.93 -17.84 -17.06
CA LEU A 1016 8.01 -16.38 -17.13
C LEU A 1016 9.26 -15.89 -16.42
N GLN A 1017 10.06 -15.09 -17.11
CA GLN A 1017 11.28 -14.53 -16.54
C GLN A 1017 10.95 -13.37 -15.60
N GLU A 1018 11.54 -13.38 -14.41
CA GLU A 1018 11.49 -12.19 -13.56
C GLU A 1018 12.38 -11.13 -14.17
N VAL A 1019 11.80 -10.00 -14.56
CA VAL A 1019 12.57 -8.97 -15.26
C VAL A 1019 12.44 -7.62 -14.56
N GLY A 1020 11.61 -7.54 -13.53
CA GLY A 1020 11.60 -6.41 -12.62
C GLY A 1020 11.19 -6.77 -11.20
N LEU A 1021 11.86 -6.21 -10.19
CA LEU A 1021 11.55 -6.40 -8.78
C LEU A 1021 11.65 -5.05 -8.07
N PHE A 1022 10.70 -4.75 -7.18
CA PHE A 1022 10.63 -3.40 -6.63
C PHE A 1022 9.81 -3.37 -5.34
N HIS A 1023 10.41 -2.84 -4.26
CA HIS A 1023 9.71 -2.66 -3.00
C HIS A 1023 9.03 -1.30 -2.99
N LEU A 1024 7.70 -1.32 -3.02
CA LEU A 1024 6.89 -0.11 -3.05
C LEU A 1024 6.71 0.48 -1.66
N GLY A 1025 6.54 -0.38 -0.64
CA GLY A 1025 6.31 0.05 0.73
C GLY A 1025 4.86 0.20 1.11
N GLU A 1026 3.96 0.27 0.13
CA GLU A 1026 2.52 0.38 0.33
C GLU A 1026 1.85 -0.91 -0.12
N PHE A 1027 0.84 -1.35 0.62
CA PHE A 1027 0.01 -2.45 0.14
C PHE A 1027 -0.94 -1.95 -0.94
N VAL A 1028 -0.89 -2.51 -2.14
CA VAL A 1028 -1.72 -2.06 -3.26
C VAL A 1028 -3.03 -2.84 -3.28
N ASN A 1029 -4.14 -2.12 -3.21
CA ASN A 1029 -5.46 -2.73 -3.23
C ASN A 1029 -6.00 -2.97 -4.63
N VAL A 1030 -5.59 -2.17 -5.62
CA VAL A 1030 -6.25 -2.23 -6.92
C VAL A 1030 -5.34 -1.66 -8.00
N PHE A 1031 -5.31 -2.30 -9.17
CA PHE A 1031 -4.79 -1.73 -10.40
C PHE A 1031 -5.94 -1.46 -11.36
N CYS A 1032 -5.87 -0.32 -12.06
CA CYS A 1032 -6.89 0.02 -13.05
C CYS A 1032 -6.26 0.77 -14.24
N HIS A 1033 -6.66 0.38 -15.45
CA HIS A 1033 -6.25 1.11 -16.64
C HIS A 1033 -6.91 2.47 -16.69
N GLY A 1034 -6.16 3.48 -17.10
CA GLY A 1034 -6.71 4.81 -17.26
C GLY A 1034 -5.75 5.89 -16.84
N SER A 1035 -6.08 7.14 -17.15
CA SER A 1035 -5.27 8.28 -16.77
C SER A 1035 -6.18 9.44 -16.41
N LEU A 1036 -5.74 10.23 -15.44
CA LEU A 1036 -6.51 11.39 -15.02
C LEU A 1036 -6.06 12.65 -15.74
N VAL A 1037 -5.02 12.55 -16.56
CA VAL A 1037 -4.52 13.68 -17.31
C VAL A 1037 -4.99 13.53 -18.75
N MET A 1038 -5.50 14.61 -19.32
CA MET A 1038 -6.07 14.54 -20.65
C MET A 1038 -4.98 14.27 -21.67
N GLN A 1039 -5.31 13.45 -22.67
CA GLN A 1039 -4.35 13.02 -23.67
C GLN A 1039 -4.17 14.08 -24.74
N ASN A 1040 -2.91 14.41 -25.04
CA ASN A 1040 -2.59 15.30 -26.15
C ASN A 1040 -2.45 14.45 -27.41
N LEU A 1041 -3.59 14.20 -28.05
CA LEU A 1041 -3.60 13.39 -29.26
C LEU A 1041 -2.83 14.10 -30.37
N GLY A 1042 -1.98 13.36 -31.06
CA GLY A 1042 -1.06 13.92 -32.03
C GLY A 1042 0.33 14.12 -31.49
N GLU A 1043 0.54 13.93 -30.19
CA GLU A 1043 1.84 14.06 -29.56
C GLU A 1043 2.22 12.69 -29.00
N THR A 1044 3.01 11.94 -29.77
CA THR A 1044 3.35 10.56 -29.46
C THR A 1044 4.80 10.41 -29.03
N SER A 1045 5.44 11.49 -28.62
CA SER A 1045 6.80 11.48 -28.08
C SER A 1045 6.84 11.08 -26.60
N THR A 1046 5.69 10.75 -26.01
CA THR A 1046 5.60 10.39 -24.59
C THR A 1046 6.51 9.21 -24.26
N PRO A 1047 7.36 9.32 -23.23
CA PRO A 1047 8.27 8.20 -22.89
C PRO A 1047 7.54 6.96 -22.41
N THR A 1048 6.25 7.05 -22.12
CA THR A 1048 5.51 6.01 -21.42
C THR A 1048 4.39 5.46 -22.29
N GLN A 1049 4.10 4.17 -22.11
CA GLN A 1049 3.10 3.46 -22.89
C GLN A 1049 2.13 2.76 -21.96
N GLY A 1050 0.83 2.94 -22.19
CA GLY A 1050 -0.19 2.42 -21.29
C GLY A 1050 -0.23 3.22 -20.01
N SER A 1051 -1.25 2.95 -19.18
CA SER A 1051 -1.39 3.70 -17.94
C SER A 1051 -2.23 2.91 -16.95
N VAL A 1052 -1.62 2.48 -15.85
CA VAL A 1052 -2.30 1.68 -14.83
C VAL A 1052 -2.24 2.41 -13.49
N LEU A 1053 -3.38 2.94 -13.06
CA LEU A 1053 -3.46 3.58 -11.75
C LEU A 1053 -3.67 2.54 -10.66
N PHE A 1054 -3.16 2.83 -9.46
CA PHE A 1054 -3.37 1.91 -8.35
C PHE A 1054 -3.55 2.64 -7.04
N GLY A 1055 -4.32 2.02 -6.14
CA GLY A 1055 -4.58 2.58 -4.83
C GLY A 1055 -4.13 1.68 -3.68
N THR A 1056 -3.99 2.24 -2.48
CA THR A 1056 -3.41 1.55 -1.34
C THR A 1056 -4.21 1.76 -0.06
N VAL A 1057 -3.96 0.87 0.91
CA VAL A 1057 -4.65 0.88 2.20
C VAL A 1057 -4.38 2.14 3.00
N ASN A 1058 -3.38 2.93 2.63
CA ASN A 1058 -3.05 4.14 3.34
C ASN A 1058 -3.50 5.41 2.60
N GLY A 1059 -4.28 5.25 1.53
CA GLY A 1059 -4.75 6.38 0.76
C GLY A 1059 -3.79 6.90 -0.27
N MET A 1060 -2.70 6.19 -0.54
CA MET A 1060 -1.80 6.54 -1.62
C MET A 1060 -2.35 6.05 -2.95
N ILE A 1061 -2.21 6.86 -3.99
CA ILE A 1061 -2.56 6.50 -5.36
C ILE A 1061 -1.33 6.63 -6.23
N GLY A 1062 -1.03 5.59 -7.00
CA GLY A 1062 0.11 5.61 -7.89
C GLY A 1062 -0.26 5.20 -9.31
N LEU A 1063 0.73 5.24 -10.19
CA LEU A 1063 0.56 4.90 -11.60
C LEU A 1063 1.74 4.09 -12.10
N VAL A 1064 1.47 2.99 -12.81
CA VAL A 1064 2.51 2.20 -13.47
C VAL A 1064 2.28 2.20 -14.97
N THR A 1065 3.36 2.20 -15.73
CA THR A 1065 3.32 2.29 -17.19
C THR A 1065 4.56 1.61 -17.76
N SER A 1066 4.47 1.12 -19.00
CA SER A 1066 5.66 0.61 -19.67
C SER A 1066 6.54 1.75 -20.17
N LEU A 1067 7.74 1.37 -20.61
CA LEU A 1067 8.74 2.23 -21.22
C LEU A 1067 9.31 1.52 -22.44
N SER A 1068 10.04 2.25 -23.28
CA SER A 1068 10.96 1.57 -24.18
C SER A 1068 12.17 1.08 -23.39
N GLU A 1069 12.97 0.23 -24.04
CA GLU A 1069 14.21 -0.19 -23.43
C GLU A 1069 15.12 1.01 -23.14
N SER A 1070 15.33 1.89 -24.12
CA SER A 1070 16.28 2.99 -23.87
C SER A 1070 15.76 3.97 -22.84
N TRP A 1071 14.43 4.14 -22.73
CA TRP A 1071 13.87 4.91 -21.62
C TRP A 1071 14.17 4.26 -20.27
N TYR A 1072 13.96 2.95 -20.15
CA TYR A 1072 14.18 2.28 -18.87
C TYR A 1072 15.66 2.14 -18.54
N ASN A 1073 16.51 1.84 -19.52
CA ASN A 1073 17.95 1.70 -19.33
C ASN A 1073 18.59 3.05 -18.99
N LEU A 1074 17.97 4.15 -19.44
CA LEU A 1074 18.26 5.47 -18.90
C LEU A 1074 17.75 5.61 -17.47
N LEU A 1075 16.51 5.20 -17.22
CA LEU A 1075 15.84 5.60 -15.99
C LEU A 1075 16.24 4.80 -14.75
N LEU A 1076 16.61 3.51 -14.87
CA LEU A 1076 17.03 2.79 -13.67
C LEU A 1076 18.42 3.23 -13.22
N ASP A 1077 19.28 3.54 -14.19
CA ASP A 1077 20.54 4.23 -13.93
C ASP A 1077 20.29 5.54 -13.18
N MET A 1078 19.36 6.35 -13.68
CA MET A 1078 18.97 7.58 -12.99
C MET A 1078 18.49 7.32 -11.56
N GLN A 1079 17.73 6.23 -11.35
CA GLN A 1079 17.26 5.89 -10.01
C GLN A 1079 18.43 5.55 -9.08
N ASN A 1080 19.33 4.65 -9.50
CA ASN A 1080 20.44 4.28 -8.60
C ASN A 1080 21.32 5.50 -8.25
N ARG A 1081 21.48 6.42 -9.21
CA ARG A 1081 22.22 7.66 -8.92
C ARG A 1081 21.49 8.50 -7.88
N LEU A 1082 20.18 8.66 -8.05
CA LEU A 1082 19.39 9.40 -7.06
C LEU A 1082 19.41 8.70 -5.69
N ASN A 1083 19.42 7.37 -5.69
CA ASN A 1083 19.42 6.61 -4.45
C ASN A 1083 20.59 7.01 -3.59
N LYS A 1084 21.73 7.23 -4.23
CA LYS A 1084 22.92 7.61 -3.49
C LYS A 1084 23.03 9.11 -3.21
N VAL A 1085 22.36 9.95 -4.02
CA VAL A 1085 22.48 11.40 -3.84
C VAL A 1085 21.53 11.94 -2.78
N ILE A 1086 20.33 11.38 -2.70
CA ILE A 1086 19.32 11.90 -1.77
C ILE A 1086 19.43 11.19 -0.43
N LYS A 1087 19.51 11.96 0.64
CA LYS A 1087 19.66 11.43 1.99
C LYS A 1087 18.29 11.31 2.64
N SER A 1088 17.97 10.11 3.08
CA SER A 1088 16.70 9.86 3.74
C SER A 1088 16.81 10.21 5.22
N VAL A 1089 15.65 10.44 5.82
CA VAL A 1089 15.57 10.59 7.27
C VAL A 1089 15.75 9.21 7.91
N GLY A 1090 16.61 9.14 8.92
CA GLY A 1090 17.04 7.86 9.46
C GLY A 1090 18.16 7.22 8.68
N LYS A 1091 18.65 7.90 7.63
CA LYS A 1091 19.81 7.47 6.85
C LYS A 1091 19.64 6.05 6.33
N ILE A 1092 18.44 5.73 5.88
CA ILE A 1092 18.17 4.45 5.24
C ILE A 1092 18.50 4.54 3.77
N GLU A 1093 19.32 3.61 3.28
CA GLU A 1093 19.67 3.59 1.87
C GLU A 1093 18.44 3.33 1.03
N HIS A 1094 18.27 4.12 -0.04
CA HIS A 1094 17.12 3.93 -0.90
C HIS A 1094 17.15 2.56 -1.56
N SER A 1095 18.31 2.13 -2.03
CA SER A 1095 18.41 0.83 -2.67
C SER A 1095 17.94 -0.26 -1.73
N PHE A 1096 18.29 -0.13 -0.45
CA PHE A 1096 17.80 -1.07 0.55
C PHE A 1096 16.30 -0.95 0.72
N TRP A 1097 15.81 0.28 0.87
CA TRP A 1097 14.37 0.49 1.00
C TRP A 1097 13.62 -0.15 -0.16
N ARG A 1098 14.01 0.17 -1.38
CA ARG A 1098 13.36 -0.33 -2.57
C ARG A 1098 13.77 -1.75 -2.92
N SER A 1099 14.85 -2.26 -2.36
CA SER A 1099 15.22 -3.63 -2.66
C SER A 1099 14.04 -4.53 -2.37
N PHE A 1100 13.70 -5.38 -3.34
CA PHE A 1100 12.61 -6.31 -3.14
C PHE A 1100 12.84 -7.04 -1.83
N HIS A 1101 11.85 -7.01 -0.96
CA HIS A 1101 12.10 -7.54 0.38
C HIS A 1101 10.94 -8.38 0.87
N THR A 1102 11.26 -9.59 1.31
CA THR A 1102 10.33 -10.49 1.94
C THR A 1102 11.04 -11.15 3.11
N GLU A 1103 10.28 -11.95 3.87
CA GLU A 1103 10.87 -12.70 4.98
C GLU A 1103 11.97 -13.63 4.48
N ARG A 1104 11.87 -14.03 3.22
CA ARG A 1104 12.64 -15.12 2.62
C ARG A 1104 13.82 -14.63 1.79
N LYS A 1105 13.76 -13.42 1.24
CA LYS A 1105 14.82 -12.97 0.34
C LYS A 1105 14.82 -11.46 0.17
N THR A 1106 15.99 -10.93 -0.20
CA THR A 1106 16.12 -9.53 -0.58
C THR A 1106 16.84 -9.47 -1.92
N GLU A 1107 16.31 -8.66 -2.84
CA GLU A 1107 16.91 -8.50 -4.15
C GLU A 1107 16.88 -7.04 -4.61
N PRO A 1108 17.92 -6.61 -5.30
CA PRO A 1108 18.04 -5.21 -5.75
C PRO A 1108 16.98 -4.86 -6.78
N ALA A 1109 16.63 -3.57 -6.83
CA ALA A 1109 15.55 -3.13 -7.70
C ALA A 1109 15.96 -3.16 -9.18
N THR A 1110 15.09 -3.75 -10.01
CA THR A 1110 15.24 -3.87 -11.46
C THR A 1110 13.88 -3.74 -12.13
N GLY A 1111 13.88 -3.43 -13.43
CA GLY A 1111 12.66 -3.46 -14.24
C GLY A 1111 11.69 -2.32 -14.00
N PHE A 1112 11.62 -1.86 -12.77
CA PHE A 1112 10.90 -0.67 -12.37
C PHE A 1112 11.81 0.53 -12.27
N ILE A 1113 11.19 1.70 -12.35
CA ILE A 1113 11.77 2.99 -12.00
C ILE A 1113 10.96 3.54 -10.84
N ASP A 1114 11.63 4.11 -9.84
CA ASP A 1114 10.94 4.72 -8.70
C ASP A 1114 10.51 6.13 -9.10
N GLY A 1115 9.23 6.28 -9.45
CA GLY A 1115 8.74 7.56 -9.93
C GLY A 1115 8.72 8.62 -8.86
N ASP A 1116 8.49 8.22 -7.61
CA ASP A 1116 8.59 9.15 -6.48
C ASP A 1116 9.99 9.71 -6.38
N LEU A 1117 10.98 8.83 -6.47
CA LEU A 1117 12.37 9.25 -6.47
C LEU A 1117 12.68 10.07 -7.71
N ILE A 1118 12.19 9.63 -8.86
CA ILE A 1118 12.41 10.37 -10.09
C ILE A 1118 11.80 11.76 -10.00
N GLU A 1119 10.61 11.87 -9.39
CA GLU A 1119 10.04 13.20 -9.20
C GLU A 1119 10.70 13.96 -8.07
N SER A 1120 11.32 13.25 -7.11
CA SER A 1120 12.13 13.95 -6.13
C SER A 1120 13.33 14.61 -6.78
N PHE A 1121 13.65 14.23 -8.01
CA PHE A 1121 14.66 14.94 -8.80
C PHE A 1121 14.30 16.40 -8.96
N LEU A 1122 13.01 16.72 -8.94
CA LEU A 1122 12.55 18.10 -9.00
C LEU A 1122 12.43 18.71 -7.62
N ASP A 1123 12.64 17.92 -6.57
CA ASP A 1123 12.61 18.38 -5.19
C ASP A 1123 14.00 18.55 -4.63
N ILE A 1124 15.00 18.57 -5.50
CA ILE A 1124 16.39 18.77 -5.10
C ILE A 1124 16.95 19.93 -5.92
N SER A 1125 17.94 20.59 -5.33
CA SER A 1125 18.57 21.72 -5.99
C SER A 1125 19.43 21.24 -7.17
N ARG A 1126 19.72 22.16 -8.08
CA ARG A 1126 20.51 21.83 -9.26
C ARG A 1126 21.85 21.15 -8.95
N PRO A 1127 22.60 21.55 -7.92
CA PRO A 1127 23.85 20.83 -7.57
C PRO A 1127 23.65 19.32 -7.38
N LYS A 1128 22.51 18.94 -6.79
CA LYS A 1128 22.20 17.53 -6.65
C LYS A 1128 21.78 16.91 -7.98
N MET A 1129 21.01 17.66 -8.77
CA MET A 1129 20.68 17.21 -10.11
C MET A 1129 21.94 16.91 -10.90
N GLN A 1130 22.91 17.81 -10.83
CA GLN A 1130 24.15 17.67 -11.57
C GLN A 1130 24.90 16.41 -11.14
N GLU A 1131 24.86 16.10 -9.83
CA GLU A 1131 25.49 14.86 -9.38
C GLU A 1131 24.83 13.64 -10.01
N VAL A 1132 23.50 13.65 -10.15
CA VAL A 1132 22.78 12.54 -10.78
C VAL A 1132 23.04 12.50 -12.29
N VAL A 1133 23.09 13.67 -12.92
CA VAL A 1133 23.10 13.78 -14.37
C VAL A 1133 24.43 13.36 -14.96
N ALA A 1134 25.53 13.71 -14.28
CA ALA A 1134 26.85 13.49 -14.84
C ALA A 1134 27.02 12.05 -15.29
N ASN A 1135 27.44 11.88 -16.55
CA ASN A 1135 27.75 10.57 -17.12
C ASN A 1135 26.53 9.65 -17.19
N LEU A 1136 25.33 10.18 -17.44
CA LEU A 1136 24.14 9.35 -17.69
C LEU A 1136 23.82 9.34 -19.19
N GLN A 1137 23.52 8.15 -19.73
CA GLN A 1137 23.33 7.97 -21.17
C GLN A 1137 21.86 8.08 -21.57
N TYR A 1138 21.56 9.03 -22.45
CA TYR A 1138 20.19 9.44 -22.79
C TYR A 1138 19.99 9.34 -24.30
N ASP A 1139 18.94 8.61 -24.70
CA ASP A 1139 18.54 8.40 -26.09
C ASP A 1139 17.55 9.51 -26.46
N ASP A 1140 18.07 10.65 -26.98
CA ASP A 1140 17.30 11.89 -27.19
C ASP A 1140 16.27 11.82 -28.35
N GLY A 1141 16.06 10.61 -28.90
CA GLY A 1141 15.16 10.38 -30.01
C GLY A 1141 15.87 10.25 -31.34
N SER A 1142 17.11 10.73 -31.43
CA SER A 1142 17.92 10.56 -32.63
C SER A 1142 18.39 9.13 -32.80
N GLY A 1143 18.24 8.30 -31.77
CA GLY A 1143 18.80 6.97 -31.77
C GLY A 1143 20.22 6.92 -31.29
N MET A 1144 20.85 8.07 -31.10
CA MET A 1144 22.21 8.17 -30.59
C MET A 1144 22.15 8.57 -29.12
N LYS A 1145 22.76 7.75 -28.27
CA LYS A 1145 22.82 8.09 -26.85
C LYS A 1145 23.86 9.17 -26.62
N ARG A 1146 23.52 10.12 -25.74
CA ARG A 1146 24.39 11.23 -25.40
C ARG A 1146 24.31 11.47 -23.90
N GLU A 1147 25.31 12.17 -23.36
CA GLU A 1147 25.25 12.54 -21.96
C GLU A 1147 24.03 13.44 -21.72
N ALA A 1148 23.18 13.03 -20.79
CA ALA A 1148 22.00 13.82 -20.44
C ALA A 1148 22.41 15.14 -19.81
N THR A 1149 21.54 16.14 -19.92
CA THR A 1149 21.62 17.36 -19.12
C THR A 1149 20.50 17.35 -18.10
N ALA A 1150 20.64 18.19 -17.07
CA ALA A 1150 19.59 18.29 -16.06
C ALA A 1150 18.29 18.76 -16.68
N ASP A 1151 18.37 19.65 -17.66
CA ASP A 1151 17.16 20.15 -18.32
C ASP A 1151 16.47 19.06 -19.12
N ASP A 1152 17.25 18.18 -19.75
CA ASP A 1152 16.66 17.04 -20.46
C ASP A 1152 15.91 16.14 -19.49
N LEU A 1153 16.57 15.79 -18.39
CA LEU A 1153 15.91 14.96 -17.41
C LEU A 1153 14.71 15.67 -16.82
N ILE A 1154 14.79 17.00 -16.60
CA ILE A 1154 13.64 17.74 -16.08
C ILE A 1154 12.48 17.63 -17.04
N LYS A 1155 12.75 17.80 -18.34
CA LYS A 1155 11.69 17.66 -19.33
C LYS A 1155 11.09 16.26 -19.29
N VAL A 1156 11.94 15.24 -19.20
CA VAL A 1156 11.47 13.86 -19.13
C VAL A 1156 10.66 13.63 -17.86
N VAL A 1157 11.12 14.16 -16.74
CA VAL A 1157 10.40 14.00 -15.49
C VAL A 1157 9.10 14.77 -15.53
N GLU A 1158 9.11 15.98 -16.09
CA GLU A 1158 7.87 16.74 -16.26
C GLU A 1158 6.87 15.95 -17.09
N GLU A 1159 7.34 15.34 -18.17
CA GLU A 1159 6.51 14.43 -18.94
C GLU A 1159 5.99 13.30 -18.06
N LEU A 1160 6.87 12.74 -17.22
CA LEU A 1160 6.48 11.70 -16.27
C LEU A 1160 5.59 12.20 -15.13
N THR A 1161 5.55 13.51 -14.84
CA THR A 1161 4.60 14.00 -13.85
C THR A 1161 3.21 14.06 -14.48
N ARG A 1162 3.17 14.41 -15.76
CA ARG A 1162 1.93 14.63 -16.48
C ARG A 1162 1.23 13.35 -16.88
N ILE A 1163 1.80 12.17 -16.60
CA ILE A 1163 1.08 10.94 -16.92
C ILE A 1163 0.07 10.58 -15.83
N HIS A 1164 0.10 11.27 -14.69
CA HIS A 1164 -0.82 10.98 -13.59
C HIS A 1164 -1.43 12.26 -13.00
N PRO B 64 -17.60 -17.40 22.29
CA PRO B 64 -17.30 -16.57 21.12
C PRO B 64 -16.37 -17.25 20.10
N PRO B 65 -16.83 -17.36 18.85
CA PRO B 65 -16.02 -18.02 17.81
C PRO B 65 -14.85 -17.18 17.33
N VAL B 66 -13.87 -17.86 16.69
CA VAL B 66 -12.63 -17.26 16.20
C VAL B 66 -12.84 -16.64 14.83
N LYS B 67 -12.23 -15.47 14.61
CA LYS B 67 -12.24 -14.80 13.31
C LYS B 67 -11.18 -15.46 12.43
N ARG B 68 -11.61 -16.38 11.55
CA ARG B 68 -10.68 -17.23 10.80
C ARG B 68 -10.82 -17.16 9.28
N SER B 69 -11.87 -16.56 8.72
CA SER B 69 -12.04 -16.59 7.27
C SER B 69 -11.02 -15.72 6.55
N LEU B 70 -10.47 -16.24 5.45
CA LEU B 70 -9.51 -15.46 4.69
C LEU B 70 -10.14 -14.24 4.05
N VAL B 71 -11.46 -14.23 3.82
CA VAL B 71 -12.05 -13.01 3.28
C VAL B 71 -12.02 -11.89 4.31
N TYR B 72 -12.27 -12.21 5.59
CA TYR B 72 -12.03 -11.21 6.63
C TYR B 72 -10.61 -10.71 6.53
N TYR B 73 -9.65 -11.63 6.45
CA TYR B 73 -8.24 -11.25 6.35
C TYR B 73 -7.99 -10.37 5.13
N LEU B 74 -8.61 -10.70 4.00
CA LEU B 74 -8.39 -9.95 2.76
C LEU B 74 -8.97 -8.55 2.85
N LYS B 75 -10.21 -8.44 3.33
CA LYS B 75 -10.81 -7.11 3.50
C LYS B 75 -10.08 -6.32 4.58
N ASN B 76 -9.80 -6.96 5.71
CA ASN B 76 -9.03 -6.33 6.77
C ASN B 76 -7.68 -5.87 6.23
N ARG B 77 -7.06 -6.67 5.37
CA ARG B 77 -5.79 -6.31 4.75
C ARG B 77 -5.95 -5.12 3.82
N GLU B 78 -7.04 -5.09 3.05
CA GLU B 78 -7.35 -3.90 2.25
C GLU B 78 -7.49 -2.67 3.13
N VAL B 79 -7.89 -2.87 4.40
CA VAL B 79 -8.05 -1.81 5.40
C VAL B 79 -6.83 -1.67 6.30
N ARG B 80 -5.83 -2.55 6.16
CA ARG B 80 -4.68 -2.72 7.07
C ARG B 80 -5.11 -2.98 8.52
N LEU B 81 -6.30 -3.56 8.72
CA LEU B 81 -6.86 -3.81 10.04
C LEU B 81 -6.28 -5.07 10.69
N GLN B 82 -5.03 -4.96 11.17
CA GLN B 82 -4.29 -6.02 11.89
C GLN B 82 -4.34 -7.37 11.18
N ASN B 83 -4.04 -7.34 9.88
CA ASN B 83 -3.84 -8.49 9.01
C ASN B 83 -2.49 -9.18 9.24
N GLU B 84 -2.11 -9.36 10.51
CA GLU B 84 -0.80 -9.84 10.90
C GLU B 84 -0.84 -11.33 11.25
N THR B 85 0.08 -11.76 12.13
CA THR B 85 0.33 -13.17 12.45
C THR B 85 -0.89 -13.96 12.93
N SER B 86 -1.96 -13.30 13.38
CA SER B 86 -3.16 -14.02 13.81
C SER B 86 -3.70 -14.93 12.70
N TYR B 87 -3.42 -14.58 11.45
CA TYR B 87 -3.84 -15.34 10.27
C TYR B 87 -2.74 -16.23 9.68
N SER B 88 -1.54 -16.24 10.28
CA SER B 88 -0.40 -17.00 9.75
C SER B 88 -0.74 -18.47 9.49
N ARG B 89 -1.30 -19.15 10.49
CA ARG B 89 -1.61 -20.58 10.34
C ARG B 89 -2.68 -20.83 9.28
N VAL B 90 -3.60 -19.88 9.09
CA VAL B 90 -4.62 -20.00 8.05
C VAL B 90 -4.01 -19.89 6.66
N LEU B 91 -3.22 -18.83 6.45
CA LEU B 91 -2.57 -18.58 5.16
C LEU B 91 -1.73 -19.78 4.71
N HIS B 92 -0.74 -20.15 5.53
CA HIS B 92 0.15 -21.23 5.14
C HIS B 92 -0.57 -22.58 5.11
N GLY B 93 -1.56 -22.81 6.00
CA GLY B 93 -2.27 -24.08 5.96
C GLY B 93 -3.05 -24.28 4.67
N TYR B 94 -3.76 -23.24 4.23
CA TYR B 94 -4.49 -23.33 2.97
C TYR B 94 -3.55 -23.71 1.83
N ALA B 95 -2.41 -23.00 1.75
CA ALA B 95 -1.42 -23.29 0.72
C ALA B 95 -0.98 -24.75 0.74
N ALA B 96 -0.69 -25.27 1.93
CA ALA B 96 -0.24 -26.64 2.07
C ALA B 96 -1.23 -27.64 1.47
N GLN B 97 -2.53 -27.37 1.57
CA GLN B 97 -3.50 -28.27 0.93
C GLN B 97 -3.58 -28.10 -0.58
N GLN B 98 -3.38 -26.88 -1.08
CA GLN B 98 -3.56 -26.63 -2.51
C GLN B 98 -2.32 -26.98 -3.34
N LEU B 99 -1.12 -26.67 -2.82
CA LEU B 99 0.11 -26.77 -3.61
C LEU B 99 0.38 -28.12 -4.28
N PRO B 100 0.17 -29.28 -3.63
CA PRO B 100 0.52 -30.56 -4.27
C PRO B 100 -0.11 -30.79 -5.63
N SER B 101 -1.26 -30.20 -5.90
CA SER B 101 -1.94 -30.39 -7.18
C SER B 101 -1.39 -29.50 -8.27
N LEU B 102 -0.61 -28.49 -7.90
CA LEU B 102 -0.11 -27.49 -8.83
C LEU B 102 1.32 -27.75 -9.24
N LEU B 103 1.96 -28.76 -8.69
CA LEU B 103 3.38 -29.01 -8.91
C LEU B 103 3.61 -29.75 -10.22
N LYS B 104 4.65 -29.34 -10.94
CA LYS B 104 5.13 -30.01 -12.15
C LYS B 104 6.59 -30.36 -11.99
N GLU B 105 7.00 -31.50 -12.55
CA GLU B 105 8.38 -31.96 -12.43
C GLU B 105 9.32 -31.21 -13.35
N ARG B 106 10.51 -30.92 -12.85
CA ARG B 106 11.63 -30.49 -13.70
C ARG B 106 12.89 -31.26 -13.31
N GLU B 107 13.22 -32.28 -14.10
CA GLU B 107 14.39 -33.10 -13.83
C GLU B 107 15.68 -32.32 -14.01
N PHE B 108 16.71 -32.74 -13.28
CA PHE B 108 18.04 -32.18 -13.41
C PHE B 108 18.97 -33.18 -14.11
N HIS B 109 19.91 -32.64 -14.89
CA HIS B 109 20.92 -33.46 -15.55
C HIS B 109 22.16 -33.50 -14.65
N LEU B 110 22.18 -34.45 -13.73
CA LEU B 110 23.28 -34.55 -12.77
C LEU B 110 24.52 -35.23 -13.35
N GLY B 111 24.39 -35.92 -14.48
CA GLY B 111 25.49 -36.71 -15.00
C GLY B 111 25.45 -38.13 -14.50
N THR B 112 26.61 -38.69 -14.17
CA THR B 112 26.76 -40.10 -13.87
C THR B 112 26.83 -40.41 -12.37
N LEU B 113 26.37 -39.50 -11.51
CA LEU B 113 26.44 -39.71 -10.07
C LEU B 113 25.60 -40.92 -9.64
N ASN B 114 25.97 -41.52 -8.50
CA ASN B 114 25.36 -42.76 -8.04
C ASN B 114 23.91 -42.58 -7.61
N LYS B 115 23.68 -41.85 -6.51
CA LYS B 115 22.37 -41.67 -5.90
C LYS B 115 22.47 -40.44 -5.00
N VAL B 116 21.53 -39.49 -5.12
CA VAL B 116 21.46 -38.37 -4.18
C VAL B 116 20.70 -38.86 -2.94
N PHE B 117 21.43 -39.06 -1.84
CA PHE B 117 20.93 -39.62 -0.59
C PHE B 117 20.47 -38.56 0.40
N ALA B 118 20.98 -37.33 0.30
CA ALA B 118 20.63 -36.26 1.22
C ALA B 118 20.60 -34.94 0.47
N SER B 119 19.69 -34.04 0.87
CA SER B 119 19.61 -32.71 0.29
C SER B 119 18.90 -31.74 1.23
N GLN B 120 19.25 -30.45 1.13
CA GLN B 120 18.52 -29.39 1.83
C GLN B 120 18.63 -28.05 1.11
N TRP B 121 17.60 -27.23 1.26
CA TRP B 121 17.63 -25.83 0.82
C TRP B 121 18.55 -25.01 1.71
N LEU B 122 19.70 -24.60 1.17
CA LEU B 122 20.54 -23.59 1.80
C LEU B 122 19.85 -22.24 1.81
N ASN B 123 19.09 -21.95 0.75
CA ASN B 123 18.38 -20.71 0.47
C ASN B 123 17.19 -21.08 -0.41
N HIS B 124 16.28 -20.13 -0.61
CA HIS B 124 15.09 -20.33 -1.46
C HIS B 124 15.41 -20.84 -2.87
N ARG B 125 16.64 -20.59 -3.36
CA ARG B 125 17.06 -20.97 -4.71
C ARG B 125 18.14 -22.05 -4.75
N GLN B 126 18.72 -22.43 -3.61
CA GLN B 126 19.93 -23.25 -3.60
C GLN B 126 19.74 -24.54 -2.81
N VAL B 127 19.96 -25.69 -3.46
CA VAL B 127 19.89 -27.00 -2.80
C VAL B 127 21.25 -27.71 -2.90
N VAL B 128 21.81 -28.11 -1.74
CA VAL B 128 22.99 -28.98 -1.71
C VAL B 128 22.53 -30.44 -1.78
N CYS B 129 23.32 -31.29 -2.45
CA CYS B 129 23.02 -32.72 -2.59
C CYS B 129 24.21 -33.58 -2.18
N GLY B 130 23.97 -34.46 -1.21
CA GLY B 130 24.98 -35.41 -0.74
C GLY B 130 24.69 -36.82 -1.23
N THR B 131 25.74 -37.48 -1.72
CA THR B 131 25.61 -38.71 -2.51
C THR B 131 26.15 -39.95 -1.79
N LYS B 132 25.57 -41.10 -2.14
CA LYS B 132 26.08 -42.42 -1.76
C LYS B 132 27.53 -42.64 -2.17
N CYS B 133 28.09 -41.77 -3.01
CA CYS B 133 29.43 -41.95 -3.55
C CYS B 133 30.35 -40.78 -3.20
N ASN B 134 30.03 -40.06 -2.12
CA ASN B 134 30.96 -39.13 -1.45
C ASN B 134 31.34 -37.89 -2.23
N THR B 135 30.69 -37.61 -3.35
CA THR B 135 30.75 -36.28 -3.95
C THR B 135 29.63 -35.42 -3.37
N LEU B 136 29.94 -34.12 -3.17
CA LEU B 136 29.01 -33.14 -2.62
C LEU B 136 28.94 -31.95 -3.57
N PHE B 137 27.73 -31.42 -3.78
CA PHE B 137 27.53 -30.39 -4.82
C PHE B 137 26.24 -29.61 -4.58
N VAL B 138 26.15 -28.46 -5.26
CA VAL B 138 24.97 -27.60 -5.24
C VAL B 138 24.23 -27.73 -6.57
N VAL B 139 22.90 -27.85 -6.50
CA VAL B 139 22.01 -27.65 -7.64
C VAL B 139 21.37 -26.28 -7.48
N ASP B 140 21.67 -25.37 -8.42
CA ASP B 140 20.83 -24.18 -8.58
C ASP B 140 19.52 -24.62 -9.22
N VAL B 141 18.44 -24.62 -8.44
CA VAL B 141 17.21 -25.22 -8.92
C VAL B 141 16.62 -24.44 -10.08
N GLN B 142 17.00 -23.17 -10.23
CA GLN B 142 16.48 -22.35 -11.32
C GLN B 142 17.17 -22.67 -12.65
N THR B 143 18.50 -22.76 -12.64
CA THR B 143 19.26 -22.97 -13.87
C THR B 143 19.73 -24.40 -14.03
N SER B 144 19.57 -25.24 -13.01
CA SER B 144 20.08 -26.60 -12.97
C SER B 144 21.59 -26.65 -13.00
N GLN B 145 22.26 -25.53 -12.75
CA GLN B 145 23.72 -25.50 -12.73
C GLN B 145 24.25 -26.29 -11.53
N ILE B 146 25.27 -27.12 -11.79
CA ILE B 146 25.99 -27.91 -10.80
C ILE B 146 27.18 -27.11 -10.29
N THR B 147 27.55 -27.30 -9.02
CA THR B 147 28.84 -26.83 -8.50
C THR B 147 29.28 -27.72 -7.35
N LYS B 148 30.44 -28.37 -7.49
CA LYS B 148 30.94 -29.29 -6.46
C LYS B 148 31.58 -28.55 -5.28
N ILE B 149 31.60 -29.21 -4.12
CA ILE B 149 32.04 -28.69 -2.83
C ILE B 149 33.13 -29.59 -2.27
N PRO B 150 34.12 -29.10 -1.51
CA PRO B 150 35.12 -30.00 -0.91
C PRO B 150 34.50 -31.06 -0.02
N ILE B 151 35.13 -32.24 0.00
CA ILE B 151 34.67 -33.38 0.79
C ILE B 151 35.58 -33.50 2.02
N LEU B 152 35.01 -33.36 3.22
CA LEU B 152 35.85 -33.19 4.40
C LEU B 152 36.40 -34.53 4.90
N LYS B 153 37.70 -34.55 5.17
CA LYS B 153 38.46 -35.73 5.57
C LYS B 153 38.72 -35.73 7.07
N ASP B 154 39.29 -36.83 7.58
CA ASP B 154 39.62 -36.90 9.00
C ASP B 154 40.92 -36.15 9.30
N ARG B 155 41.24 -36.04 10.59
CA ARG B 155 42.45 -35.38 11.07
C ARG B 155 43.71 -36.05 10.54
N CYS B 165 31.06 -46.03 1.00
CA CYS B 165 30.93 -44.83 1.83
C CYS B 165 30.20 -43.70 1.09
N GLY B 166 29.50 -42.83 1.85
CA GLY B 166 28.75 -41.74 1.27
C GLY B 166 28.18 -40.78 2.31
N ILE B 167 27.59 -39.69 1.81
CA ILE B 167 27.12 -38.57 2.61
C ILE B 167 25.69 -38.81 3.08
N HIS B 168 25.48 -39.86 3.86
CA HIS B 168 24.15 -40.42 4.10
C HIS B 168 23.24 -39.54 4.97
N ALA B 169 23.74 -38.41 5.52
CA ALA B 169 22.94 -37.47 6.31
C ALA B 169 23.51 -36.05 6.26
N ILE B 170 22.62 -35.04 6.20
CA ILE B 170 22.97 -33.62 6.15
C ILE B 170 22.02 -32.81 7.04
N GLU B 171 22.52 -31.73 7.67
CA GLU B 171 21.76 -30.93 8.64
C GLU B 171 22.22 -29.46 8.71
N LEU B 172 21.27 -28.58 9.07
CA LEU B 172 21.49 -27.13 9.22
C LEU B 172 21.21 -26.70 10.65
N ASN B 173 22.08 -25.88 11.26
CA ASN B 173 21.77 -25.38 12.60
C ASN B 173 20.64 -24.35 12.52
N PRO B 174 19.82 -24.22 13.58
CA PRO B 174 18.60 -23.38 13.46
C PRO B 174 18.87 -21.93 13.03
N SER B 175 20.04 -21.37 13.36
CA SER B 175 20.45 -20.06 12.86
C SER B 175 20.84 -20.04 11.38
N ARG B 176 20.92 -21.22 10.75
CA ARG B 176 21.40 -21.36 9.37
C ARG B 176 22.75 -20.67 9.16
N THR B 177 23.66 -20.88 10.15
CA THR B 177 25.07 -20.52 10.04
C THR B 177 26.01 -21.73 9.86
N LEU B 178 25.58 -22.95 10.20
CA LEU B 178 26.46 -24.11 10.05
C LEU B 178 25.73 -25.29 9.42
N LEU B 179 26.42 -25.93 8.46
CA LEU B 179 25.99 -27.13 7.77
C LEU B 179 26.78 -28.32 8.31
N ALA B 180 26.10 -29.43 8.56
CA ALA B 180 26.72 -30.65 9.08
C ALA B 180 26.45 -31.82 8.12
N THR B 181 27.49 -32.57 7.75
CA THR B 181 27.36 -33.69 6.81
C THR B 181 28.24 -34.88 7.24
N GLY B 182 27.99 -36.05 6.66
CA GLY B 182 28.94 -37.14 6.79
C GLY B 182 30.21 -36.83 6.02
N GLY B 183 31.35 -37.35 6.49
CA GLY B 183 32.65 -37.02 5.91
C GLY B 183 33.11 -38.00 4.83
N ASP B 184 34.39 -37.84 4.44
CA ASP B 184 35.07 -38.82 3.59
C ASP B 184 35.07 -40.20 4.23
N ASN B 185 35.55 -40.26 5.47
CA ASN B 185 35.39 -41.45 6.28
C ASN B 185 33.92 -41.52 6.70
N PRO B 186 33.20 -42.60 6.37
CA PRO B 186 31.80 -42.65 6.78
C PRO B 186 31.60 -42.57 8.28
N ASN B 187 32.63 -42.89 9.08
CA ASN B 187 32.57 -42.81 10.54
C ASN B 187 32.62 -41.38 11.09
N SER B 188 32.99 -40.37 10.29
CA SER B 188 33.39 -39.06 10.79
C SER B 188 32.46 -37.92 10.35
N LEU B 189 32.19 -36.98 11.27
CA LEU B 189 31.33 -35.83 11.01
C LEU B 189 32.09 -34.66 10.38
N ALA B 190 31.42 -33.96 9.44
CA ALA B 190 31.97 -32.83 8.69
C ALA B 190 31.10 -31.58 8.91
N ILE B 191 31.73 -30.41 9.10
CA ILE B 191 31.01 -29.13 9.32
C ILE B 191 31.47 -28.08 8.31
N TYR B 192 30.51 -27.34 7.72
CA TYR B 192 30.77 -26.23 6.80
C TYR B 192 30.00 -24.98 7.23
N ARG B 193 30.51 -23.80 6.86
CA ARG B 193 29.84 -22.52 7.17
C ARG B 193 28.72 -22.22 6.18
N LEU B 194 27.52 -21.90 6.69
CA LEU B 194 26.47 -21.37 5.81
C LEU B 194 26.60 -19.85 5.69
N PRO B 195 26.41 -19.26 4.49
CA PRO B 195 26.03 -19.88 3.22
C PRO B 195 27.19 -20.25 2.29
N THR B 196 28.45 -19.92 2.64
CA THR B 196 29.57 -20.07 1.72
C THR B 196 30.01 -21.51 1.52
N LEU B 197 29.67 -22.40 2.45
CA LEU B 197 30.18 -23.78 2.52
C LEU B 197 31.72 -23.82 2.57
N ASP B 198 32.31 -22.84 3.26
CA ASP B 198 33.71 -22.95 3.69
C ASP B 198 33.86 -24.11 4.68
N PRO B 199 34.93 -24.91 4.57
CA PRO B 199 35.11 -26.01 5.53
C PRO B 199 35.46 -25.49 6.92
N VAL B 200 34.94 -26.16 7.96
CA VAL B 200 35.16 -25.74 9.35
C VAL B 200 36.14 -26.66 10.09
N CYS B 201 35.85 -27.97 10.14
CA CYS B 201 36.65 -28.85 10.98
C CYS B 201 36.84 -30.27 10.41
N VAL B 202 37.84 -30.98 10.98
CA VAL B 202 38.24 -32.33 10.58
C VAL B 202 37.26 -33.40 11.08
N GLY B 203 37.30 -34.55 10.41
CA GLY B 203 36.51 -35.70 10.84
C GLY B 203 37.06 -36.32 12.13
N ASP B 204 36.14 -36.73 13.00
CA ASP B 204 36.40 -37.22 14.35
C ASP B 204 36.66 -38.74 14.40
N ASP B 205 36.69 -39.29 15.63
CA ASP B 205 36.85 -40.72 15.88
C ASP B 205 35.87 -41.22 16.94
N GLY B 206 34.75 -40.53 17.13
CA GLY B 206 33.82 -40.93 18.18
C GLY B 206 33.13 -42.25 17.86
N HIS B 207 32.66 -42.38 16.63
CA HIS B 207 32.04 -43.60 16.15
C HIS B 207 33.10 -44.55 15.64
N LYS B 208 32.89 -45.84 15.91
CA LYS B 208 33.75 -46.90 15.39
C LYS B 208 33.22 -47.44 14.07
N ASP B 209 32.09 -46.88 13.61
CA ASP B 209 31.32 -47.27 12.43
C ASP B 209 30.73 -46.01 11.81
N TRP B 210 29.98 -46.18 10.71
CA TRP B 210 29.48 -45.07 9.89
C TRP B 210 28.50 -44.14 10.61
N ILE B 211 28.58 -42.84 10.32
CA ILE B 211 27.62 -41.86 10.82
C ILE B 211 26.36 -41.93 9.98
N PHE B 212 25.29 -42.36 10.62
CA PHE B 212 24.01 -42.61 10.00
C PHE B 212 23.01 -41.46 10.19
N SER B 213 23.26 -40.49 11.08
CA SER B 213 22.29 -39.42 11.34
C SER B 213 22.91 -38.20 12.03
N ILE B 214 22.22 -37.04 11.96
CA ILE B 214 22.67 -35.75 12.51
C ILE B 214 21.47 -34.92 13.01
N ALA B 215 21.69 -34.04 14.02
CA ALA B 215 20.66 -33.12 14.53
C ALA B 215 21.27 -31.97 15.35
N TRP B 216 20.92 -30.72 15.03
CA TRP B 216 21.48 -29.54 15.72
C TRP B 216 20.69 -29.16 16.96
N ILE B 217 21.27 -29.38 18.15
CA ILE B 217 20.61 -29.08 19.43
C ILE B 217 20.82 -27.65 19.92
N SER B 218 21.83 -26.94 19.41
CA SER B 218 21.97 -25.49 19.51
C SER B 218 22.65 -25.03 18.22
N ASP B 219 23.10 -23.78 18.18
CA ASP B 219 23.86 -23.36 17.01
C ASP B 219 25.35 -23.64 17.14
N THR B 220 25.83 -24.01 18.32
CA THR B 220 27.18 -24.53 18.49
C THR B 220 27.22 -26.06 18.58
N MET B 221 26.15 -26.70 19.06
CA MET B 221 26.15 -28.13 19.33
C MET B 221 25.24 -28.92 18.40
N ALA B 222 25.78 -30.04 17.89
CA ALA B 222 25.09 -30.99 17.04
C ALA B 222 25.31 -32.40 17.59
N VAL B 223 24.32 -33.26 17.48
CA VAL B 223 24.44 -34.67 17.84
C VAL B 223 24.42 -35.50 16.56
N SER B 224 25.18 -36.59 16.55
CA SER B 224 25.29 -37.46 15.39
C SER B 224 25.13 -38.92 15.81
N GLY B 225 24.26 -39.67 15.09
CA GLY B 225 24.09 -41.08 15.32
C GLY B 225 24.93 -41.94 14.36
N SER B 226 24.88 -43.26 14.56
CA SER B 226 25.80 -44.14 13.84
C SER B 226 25.26 -45.56 13.71
N ARG B 227 25.84 -46.29 12.75
CA ARG B 227 25.48 -47.68 12.49
C ARG B 227 25.90 -48.62 13.62
N ASP B 228 26.80 -48.21 14.52
CA ASP B 228 27.16 -49.00 15.69
C ASP B 228 26.29 -48.72 16.92
N GLY B 229 25.30 -47.83 16.82
CA GLY B 229 24.44 -47.50 17.94
C GLY B 229 25.00 -46.47 18.91
N SER B 230 26.19 -45.94 18.66
CA SER B 230 26.71 -44.86 19.48
C SER B 230 26.15 -43.52 19.01
N MET B 231 26.15 -42.52 19.91
CA MET B 231 25.71 -41.17 19.60
C MET B 231 26.76 -40.17 20.08
N GLY B 232 27.44 -39.54 19.13
CA GLY B 232 28.43 -38.52 19.47
C GLY B 232 27.78 -37.15 19.58
N LEU B 233 28.13 -36.44 20.64
CA LEU B 233 27.75 -35.04 20.85
C LEU B 233 28.96 -34.15 20.57
N TRP B 234 28.76 -33.08 19.78
CA TRP B 234 29.83 -32.18 19.32
C TRP B 234 29.50 -30.73 19.68
N GLU B 235 30.51 -29.93 20.03
CA GLU B 235 30.34 -28.48 20.05
C GLU B 235 31.36 -27.79 19.17
N VAL B 236 30.86 -27.09 18.16
CA VAL B 236 31.64 -26.12 17.40
C VAL B 236 31.59 -24.85 18.23
N THR B 237 32.52 -24.72 19.19
CA THR B 237 32.71 -23.48 19.96
C THR B 237 33.18 -22.35 19.04
N ASP B 238 33.11 -21.12 19.57
CA ASP B 238 33.66 -19.98 18.82
C ASP B 238 35.14 -20.17 18.52
N ASP B 239 35.87 -20.88 19.39
CA ASP B 239 37.28 -21.17 19.15
C ASP B 239 37.47 -22.00 17.88
N VAL B 240 36.59 -23.00 17.64
CA VAL B 240 36.68 -23.81 16.42
C VAL B 240 36.50 -22.92 15.19
N LEU B 241 35.52 -22.03 15.22
CA LEU B 241 35.26 -21.14 14.09
C LEU B 241 36.42 -20.17 13.88
N THR B 242 36.86 -19.49 14.95
CA THR B 242 37.96 -18.53 14.83
C THR B 242 39.27 -19.20 14.42
N LYS B 243 39.51 -20.44 14.88
CA LYS B 243 40.68 -21.19 14.44
C LYS B 243 40.59 -21.54 12.96
N SER B 244 39.41 -21.95 12.48
CA SER B 244 39.25 -22.18 11.05
C SER B 244 39.49 -20.89 10.25
N ASP B 245 38.94 -19.76 10.72
CA ASP B 245 39.11 -18.48 10.02
C ASP B 245 40.56 -18.01 10.04
N ALA B 246 41.22 -18.06 11.20
CA ALA B 246 42.62 -17.68 11.31
C ALA B 246 43.51 -18.52 10.40
N ARG B 247 43.31 -19.84 10.43
CA ARG B 247 44.05 -20.74 9.55
C ARG B 247 43.80 -20.44 8.08
N HIS B 248 42.54 -20.14 7.70
CA HIS B 248 42.22 -19.81 6.32
C HIS B 248 42.74 -18.44 5.88
N ASN B 249 43.06 -17.56 6.84
CA ASN B 249 43.72 -16.29 6.48
C ASN B 249 45.23 -16.46 6.34
N VAL B 250 45.85 -17.29 7.19
CA VAL B 250 47.30 -17.49 7.13
C VAL B 250 47.68 -18.35 5.91
N SER B 251 46.94 -19.44 5.67
CA SER B 251 47.20 -20.35 4.56
C SER B 251 46.18 -20.15 3.45
N ARG B 252 46.66 -20.01 2.21
CA ARG B 252 45.77 -19.88 1.06
C ARG B 252 44.94 -21.15 0.84
N VAL B 253 45.57 -22.32 0.99
CA VAL B 253 44.84 -23.60 1.00
C VAL B 253 44.05 -23.72 2.29
N PRO B 254 42.77 -24.12 2.25
CA PRO B 254 41.98 -24.26 3.49
C PRO B 254 42.54 -25.32 4.42
N VAL B 255 42.85 -24.90 5.65
CA VAL B 255 43.31 -25.80 6.71
C VAL B 255 42.30 -25.76 7.85
N TYR B 256 41.76 -26.93 8.19
CA TYR B 256 40.63 -27.14 9.09
C TYR B 256 40.97 -26.93 10.57
N ALA B 257 39.92 -26.69 11.35
CA ALA B 257 39.98 -26.68 12.82
C ALA B 257 39.77 -28.11 13.36
N HIS B 258 40.20 -28.34 14.58
CA HIS B 258 40.12 -29.67 15.20
C HIS B 258 38.93 -29.76 16.15
N ILE B 259 38.27 -30.93 16.19
CA ILE B 259 37.12 -31.18 17.05
C ILE B 259 37.17 -32.60 17.64
N THR B 260 36.49 -32.78 18.77
CA THR B 260 36.34 -34.04 19.49
C THR B 260 34.98 -34.04 20.17
N HIS B 261 34.44 -35.23 20.41
CA HIS B 261 33.12 -35.35 20.99
C HIS B 261 33.07 -34.84 22.44
N LYS B 262 32.11 -33.96 22.72
CA LYS B 262 31.84 -33.49 24.07
C LYS B 262 31.35 -34.62 24.95
N ALA B 263 30.64 -35.59 24.36
CA ALA B 263 30.31 -36.86 25.00
C ALA B 263 30.08 -37.92 23.93
N LEU B 264 30.28 -39.17 24.32
CA LEU B 264 30.03 -40.34 23.49
C LEU B 264 29.15 -41.29 24.29
N LYS B 265 27.91 -41.53 23.87
CA LYS B 265 26.97 -42.35 24.63
C LYS B 265 26.28 -43.36 23.71
N ASP B 266 26.13 -44.60 24.18
CA ASP B 266 25.41 -45.61 23.42
C ASP B 266 23.90 -45.58 23.75
N ILE B 267 23.12 -46.07 22.80
CA ILE B 267 21.68 -46.33 22.97
C ILE B 267 21.45 -47.49 23.95
N PRO B 268 20.34 -47.48 24.69
CA PRO B 268 19.87 -48.72 25.34
C PRO B 268 19.59 -49.79 24.31
N LYS B 269 20.15 -50.98 24.52
CA LYS B 269 19.97 -52.11 23.61
C LYS B 269 18.80 -52.95 24.10
N GLU B 270 17.81 -53.15 23.22
CA GLU B 270 16.53 -53.79 23.52
C GLU B 270 16.55 -55.27 23.09
N ASP B 271 15.39 -55.93 23.18
CA ASP B 271 15.25 -57.36 22.88
C ASP B 271 15.42 -57.70 21.40
N THR B 272 15.50 -56.71 20.51
CA THR B 272 15.68 -56.92 19.07
C THR B 272 17.16 -57.22 18.72
N ASN B 273 17.40 -57.55 17.44
CA ASN B 273 18.64 -58.11 16.92
C ASN B 273 19.89 -57.33 17.37
N PRO B 274 20.86 -57.97 18.05
CA PRO B 274 22.01 -57.25 18.62
C PRO B 274 23.07 -56.80 17.62
N ASP B 275 23.04 -57.28 16.38
CA ASP B 275 23.93 -56.76 15.34
C ASP B 275 23.34 -55.53 14.64
N ASN B 276 22.01 -55.43 14.63
CA ASN B 276 21.28 -54.32 14.02
C ASN B 276 21.04 -53.17 15.01
N CYS B 277 22.12 -52.61 15.55
CA CYS B 277 22.04 -51.50 16.50
C CYS B 277 22.05 -50.13 15.81
N LYS B 278 21.84 -50.10 14.49
CA LYS B 278 22.04 -48.93 13.66
C LYS B 278 21.10 -47.79 14.04
N VAL B 279 21.63 -46.59 14.34
CA VAL B 279 20.82 -45.39 14.59
C VAL B 279 20.78 -44.57 13.30
N ARG B 280 19.66 -44.61 12.58
CA ARG B 280 19.62 -44.04 11.23
C ARG B 280 18.97 -42.67 11.14
N ALA B 281 18.26 -42.19 12.17
CA ALA B 281 17.64 -40.86 12.05
C ALA B 281 17.64 -40.12 13.40
N LEU B 282 17.70 -38.78 13.30
CA LEU B 282 17.70 -37.86 14.44
C LEU B 282 16.88 -36.61 14.10
N ALA B 283 16.24 -36.02 15.11
CA ALA B 283 15.46 -34.79 14.95
C ALA B 283 15.47 -34.03 16.27
N PHE B 284 15.61 -32.71 16.23
CA PHE B 284 15.71 -31.91 17.46
C PHE B 284 14.44 -31.08 17.68
N ASN B 285 13.79 -31.34 18.81
CA ASN B 285 12.65 -30.56 19.31
C ASN B 285 13.21 -29.36 20.07
N ASN B 286 13.18 -28.20 19.42
CA ASN B 286 13.72 -26.97 19.99
C ASN B 286 12.91 -26.46 21.18
N LYS B 287 11.62 -26.80 21.25
CA LYS B 287 10.75 -26.29 22.30
C LYS B 287 11.13 -26.87 23.66
N ASN B 288 11.19 -28.21 23.76
CA ASN B 288 11.59 -28.90 24.98
C ASN B 288 13.10 -29.14 25.06
N LYS B 289 13.86 -28.69 24.07
CA LYS B 289 15.29 -29.04 23.93
C LYS B 289 15.50 -30.56 24.05
N GLU B 290 14.64 -31.32 23.39
CA GLU B 290 14.75 -32.78 23.33
C GLU B 290 15.23 -33.24 21.96
N LEU B 291 16.03 -34.30 21.96
CA LEU B 291 16.56 -34.93 20.76
C LEU B 291 15.88 -36.28 20.58
N GLY B 292 15.22 -36.47 19.44
CA GLY B 292 14.68 -37.77 19.10
C GLY B 292 15.65 -38.56 18.24
N ALA B 293 15.58 -39.88 18.32
CA ALA B 293 16.50 -40.75 17.61
C ALA B 293 15.81 -42.05 17.25
N VAL B 294 16.14 -42.63 16.09
CA VAL B 294 15.50 -43.84 15.59
C VAL B 294 16.56 -44.84 15.10
N SER B 295 16.40 -46.10 15.50
CA SER B 295 17.24 -47.20 15.05
C SER B 295 16.53 -48.07 14.02
N LEU B 296 17.32 -48.83 13.25
CA LEU B 296 16.77 -49.74 12.25
C LEU B 296 16.39 -51.11 12.80
N ASP B 297 16.69 -51.42 14.06
CA ASP B 297 15.97 -52.51 14.72
C ASP B 297 14.64 -52.05 15.31
N GLY B 298 14.24 -50.80 15.04
CA GLY B 298 12.89 -50.35 15.32
C GLY B 298 12.65 -49.64 16.63
N TYR B 299 13.69 -49.13 17.28
CA TYR B 299 13.50 -48.44 18.56
C TYR B 299 13.80 -46.94 18.45
N PHE B 300 12.99 -46.15 19.16
CA PHE B 300 13.19 -44.72 19.31
C PHE B 300 13.85 -44.45 20.65
N HIS B 301 14.87 -43.59 20.64
CA HIS B 301 15.56 -43.19 21.85
C HIS B 301 15.44 -41.68 22.01
N LEU B 302 15.06 -41.24 23.21
CA LEU B 302 14.80 -39.84 23.50
C LEU B 302 15.89 -39.31 24.44
N TRP B 303 16.41 -38.13 24.15
CA TRP B 303 17.51 -37.56 24.93
C TRP B 303 17.27 -36.08 25.19
N LYS B 304 17.58 -35.63 26.40
CA LYS B 304 17.61 -34.20 26.69
C LYS B 304 18.88 -33.62 26.12
N ALA B 305 18.79 -32.38 25.63
CA ALA B 305 19.88 -31.77 24.91
C ALA B 305 19.96 -30.27 25.22
N GLU B 306 19.74 -29.93 26.49
CA GLU B 306 19.85 -28.55 26.95
C GLU B 306 21.28 -28.04 26.87
N ASN B 307 22.18 -28.68 27.60
CA ASN B 307 23.61 -28.41 27.58
C ASN B 307 24.45 -29.67 27.38
N THR B 308 23.89 -30.86 27.55
CA THR B 308 24.60 -32.11 27.29
C THR B 308 23.59 -33.20 26.93
N LEU B 309 24.11 -34.29 26.35
CA LEU B 309 23.29 -35.41 25.88
C LEU B 309 22.91 -36.32 27.05
N SER B 310 21.61 -36.48 27.33
CA SER B 310 21.15 -37.26 28.48
C SER B 310 19.89 -38.05 28.16
N LYS B 311 19.94 -39.38 28.34
CA LYS B 311 18.80 -40.26 28.07
C LYS B 311 17.57 -39.88 28.87
N LEU B 312 16.41 -39.91 28.22
CA LEU B 312 15.13 -39.69 28.88
C LEU B 312 14.25 -40.94 28.86
N LEU B 313 14.11 -41.59 27.70
CA LEU B 313 13.38 -42.85 27.58
C LEU B 313 13.73 -43.52 26.24
N SER B 314 13.28 -44.77 26.08
CA SER B 314 13.33 -45.47 24.80
C SER B 314 12.11 -46.38 24.64
N THR B 315 11.66 -46.56 23.40
CA THR B 315 10.39 -47.22 23.11
C THR B 315 10.38 -47.77 21.68
N LYS B 316 9.60 -48.84 21.45
CA LYS B 316 9.54 -49.52 20.15
C LYS B 316 8.64 -48.77 19.16
N LEU B 317 9.08 -48.71 17.88
CA LEU B 317 8.27 -48.14 16.81
C LEU B 317 7.21 -49.16 16.35
N PRO B 318 5.99 -48.70 16.00
CA PRO B 318 4.92 -49.66 15.65
C PRO B 318 5.18 -50.45 14.37
N TYR B 319 6.04 -49.94 13.49
CA TYR B 319 6.61 -50.69 12.37
C TYR B 319 8.12 -50.76 12.61
N CYS B 320 8.66 -51.98 12.68
CA CYS B 320 9.97 -52.19 13.30
C CYS B 320 11.06 -52.58 12.28
N ARG B 321 10.98 -52.02 11.07
CA ARG B 321 11.95 -52.28 10.01
C ARG B 321 12.09 -51.06 9.10
N GLU B 322 13.32 -50.81 8.66
CA GLU B 322 13.64 -49.84 7.58
C GLU B 322 13.24 -48.40 7.95
N ASN B 323 13.32 -48.09 9.23
CA ASN B 323 12.99 -46.77 9.78
C ASN B 323 14.16 -45.81 9.54
N VAL B 324 14.28 -45.36 8.28
CA VAL B 324 15.46 -44.58 7.85
C VAL B 324 15.27 -43.07 7.94
N CYS B 325 14.06 -42.58 8.23
CA CYS B 325 13.77 -41.16 8.25
C CYS B 325 12.89 -40.79 9.44
N LEU B 326 13.14 -39.58 9.97
CA LEU B 326 12.48 -39.01 11.14
C LEU B 326 12.40 -37.50 10.94
N ALA B 327 11.25 -36.90 11.28
CA ALA B 327 11.10 -35.45 11.25
C ALA B 327 10.26 -35.00 12.44
N TYR B 328 10.50 -33.77 12.91
CA TYR B 328 9.80 -33.25 14.08
C TYR B 328 9.00 -32.00 13.71
N GLY B 329 7.70 -32.02 13.99
CA GLY B 329 6.80 -30.92 13.71
C GLY B 329 6.56 -30.02 14.90
N SER B 330 7.28 -28.88 14.95
CA SER B 330 7.19 -27.95 16.06
C SER B 330 5.80 -27.33 16.22
N GLU B 331 4.96 -27.39 15.18
CA GLU B 331 3.61 -26.85 15.25
C GLU B 331 2.59 -27.88 15.74
N TRP B 332 3.03 -29.12 16.00
CA TRP B 332 2.17 -30.22 16.40
C TRP B 332 2.77 -31.10 17.49
N SER B 333 3.98 -30.77 17.96
CA SER B 333 4.67 -31.44 19.08
C SER B 333 4.89 -32.93 18.83
N VAL B 334 4.96 -33.33 17.57
CA VAL B 334 4.93 -34.74 17.18
C VAL B 334 6.02 -35.01 16.15
N TYR B 335 6.65 -36.16 16.28
CA TYR B 335 7.63 -36.70 15.37
C TYR B 335 6.94 -37.62 14.36
N ALA B 336 7.27 -37.46 13.08
CA ALA B 336 6.85 -38.40 12.04
C ALA B 336 8.01 -39.32 11.69
N VAL B 337 7.74 -40.63 11.57
CA VAL B 337 8.75 -41.68 11.43
C VAL B 337 8.40 -42.60 10.26
N GLY B 338 9.39 -42.91 9.39
CA GLY B 338 9.19 -43.83 8.28
C GLY B 338 9.39 -45.31 8.66
N SER B 339 9.13 -46.19 7.69
CA SER B 339 9.25 -47.65 7.82
C SER B 339 9.13 -48.28 6.43
N GLN B 340 9.05 -49.62 6.38
CA GLN B 340 8.91 -50.31 5.08
C GLN B 340 7.56 -50.04 4.41
N ALA B 341 6.56 -49.52 5.12
CA ALA B 341 5.23 -49.30 4.54
C ALA B 341 4.47 -48.09 5.08
N HIS B 342 4.69 -47.72 6.35
CA HIS B 342 3.85 -46.76 7.06
C HIS B 342 4.63 -45.54 7.53
N VAL B 343 3.93 -44.39 7.65
CA VAL B 343 4.42 -43.23 8.43
C VAL B 343 3.73 -43.26 9.79
N SER B 344 4.52 -43.17 10.86
CA SER B 344 4.04 -43.26 12.23
C SER B 344 4.23 -41.93 12.94
N PHE B 345 3.28 -41.56 13.81
CA PHE B 345 3.27 -40.25 14.47
C PHE B 345 3.44 -40.41 15.98
N LEU B 346 4.56 -39.88 16.51
CA LEU B 346 4.97 -40.07 17.89
C LEU B 346 5.10 -38.75 18.64
N ASP B 347 4.48 -38.66 19.80
CA ASP B 347 4.97 -37.81 20.88
C ASP B 347 5.69 -38.74 21.84
N PRO B 348 7.01 -38.63 22.00
CA PRO B 348 7.78 -39.71 22.65
C PRO B 348 7.45 -39.87 24.12
N ARG B 349 6.85 -38.86 24.74
CA ARG B 349 6.43 -38.92 26.14
C ARG B 349 5.20 -39.81 26.34
N GLN B 350 4.43 -40.07 25.27
CA GLN B 350 3.14 -40.75 25.37
C GLN B 350 3.29 -42.27 25.30
N PRO B 351 2.27 -43.01 25.79
CA PRO B 351 2.28 -44.48 25.65
C PRO B 351 2.18 -44.94 24.21
N SER B 352 2.48 -46.23 24.01
CA SER B 352 2.58 -46.82 22.67
C SER B 352 1.26 -46.82 21.90
N TYR B 353 0.12 -46.81 22.60
CA TYR B 353 -1.17 -46.77 21.92
C TYR B 353 -1.48 -45.38 21.33
N ASN B 354 -0.83 -44.34 21.84
CA ASN B 354 -0.97 -42.96 21.37
C ASN B 354 0.00 -42.66 20.22
N VAL B 355 0.18 -43.62 19.32
CA VAL B 355 1.16 -43.58 18.23
C VAL B 355 0.49 -44.10 16.96
N LYS B 356 -0.21 -43.20 16.25
CA LYS B 356 -1.07 -43.56 15.12
C LYS B 356 -0.26 -43.54 13.80
N SER B 357 -0.63 -44.43 12.87
CA SER B 357 0.19 -44.71 11.69
C SER B 357 -0.64 -44.82 10.41
N VAL B 358 -0.16 -44.20 9.32
CA VAL B 358 -0.82 -44.23 8.01
C VAL B 358 0.02 -45.03 7.01
N CYS B 359 -0.62 -45.92 6.25
CA CYS B 359 0.07 -46.75 5.27
C CYS B 359 0.18 -46.04 3.92
N SER B 360 1.39 -46.02 3.34
CA SER B 360 1.65 -45.36 2.06
C SER B 360 1.02 -46.08 0.87
N ARG B 361 0.66 -47.35 1.02
CA ARG B 361 0.17 -48.25 -0.03
C ARG B 361 1.21 -48.57 -1.11
N GLU B 362 2.37 -47.92 -1.08
CA GLU B 362 3.49 -48.25 -1.97
C GLU B 362 4.28 -49.42 -1.38
N ARG B 363 3.56 -50.51 -1.08
CA ARG B 363 4.02 -51.54 -0.16
C ARG B 363 5.17 -52.35 -0.73
N GLY B 364 6.15 -52.65 0.14
CA GLY B 364 7.37 -53.33 -0.23
C GLY B 364 8.54 -52.41 -0.54
N SER B 365 8.28 -51.12 -0.79
CA SER B 365 9.31 -50.21 -1.26
C SER B 365 9.90 -49.31 -0.18
N GLY B 366 9.22 -49.16 0.95
CA GLY B 366 9.71 -48.32 2.03
C GLY B 366 9.45 -46.84 1.83
N ILE B 367 9.20 -46.13 2.93
CA ILE B 367 9.28 -44.68 2.93
C ILE B 367 10.74 -44.31 3.06
N ARG B 368 11.18 -43.34 2.26
CA ARG B 368 12.59 -43.05 2.10
C ARG B 368 12.98 -41.62 2.50
N SER B 369 12.00 -40.73 2.70
CA SER B 369 12.16 -39.47 3.41
C SER B 369 10.79 -38.94 3.82
N VAL B 370 10.76 -37.99 4.78
CA VAL B 370 9.51 -37.41 5.29
C VAL B 370 9.77 -35.98 5.79
N SER B 371 8.75 -35.11 5.71
CA SER B 371 8.85 -33.70 6.12
C SER B 371 7.48 -33.10 6.42
N PHE B 372 7.46 -31.94 7.10
CA PHE B 372 6.24 -31.22 7.49
C PHE B 372 6.15 -29.85 6.79
N TYR B 373 4.96 -29.52 6.28
CA TYR B 373 4.62 -28.16 5.87
C TYR B 373 3.21 -27.88 6.40
N GLU B 374 3.14 -27.09 7.48
CA GLU B 374 1.95 -26.93 8.29
C GLU B 374 1.34 -28.31 8.61
N HIS B 375 0.02 -28.45 8.53
CA HIS B 375 -0.61 -29.72 8.88
C HIS B 375 -0.46 -30.81 7.79
N ILE B 376 0.40 -30.62 6.78
CA ILE B 376 0.58 -31.57 5.69
C ILE B 376 1.97 -32.21 5.78
N ILE B 377 2.01 -33.53 5.79
CA ILE B 377 3.25 -34.32 5.81
C ILE B 377 3.53 -34.81 4.39
N THR B 378 4.74 -34.60 3.91
CA THR B 378 5.15 -35.02 2.59
C THR B 378 6.02 -36.27 2.71
N VAL B 379 5.65 -37.31 1.96
CA VAL B 379 6.14 -38.66 2.15
C VAL B 379 6.81 -39.13 0.85
N GLY B 380 8.12 -39.26 0.87
CA GLY B 380 8.85 -39.74 -0.30
C GLY B 380 9.05 -41.25 -0.24
N THR B 381 8.67 -41.95 -1.30
CA THR B 381 8.54 -43.40 -1.21
C THR B 381 9.52 -44.13 -2.11
N GLY B 382 9.68 -45.43 -1.84
CA GLY B 382 10.57 -46.27 -2.64
C GLY B 382 10.05 -46.52 -4.04
N GLN B 383 8.73 -46.45 -4.23
CA GLN B 383 8.13 -46.43 -5.56
C GLN B 383 8.23 -45.06 -6.24
N GLY B 384 9.06 -44.15 -5.74
CA GLY B 384 9.27 -42.87 -6.39
C GLY B 384 8.11 -41.90 -6.35
N SER B 385 7.03 -42.29 -5.70
CA SER B 385 5.87 -41.43 -5.57
C SER B 385 6.07 -40.53 -4.36
N LEU B 386 5.59 -39.30 -4.45
CA LEU B 386 5.51 -38.42 -3.29
C LEU B 386 4.05 -38.29 -2.89
N LEU B 387 3.74 -38.71 -1.66
CA LEU B 387 2.39 -38.61 -1.12
C LEU B 387 2.31 -37.42 -0.16
N PHE B 388 1.08 -36.93 0.08
CA PHE B 388 0.86 -35.79 0.97
C PHE B 388 -0.28 -36.10 1.92
N TYR B 389 0.00 -36.10 3.23
CA TYR B 389 -0.96 -36.55 4.22
C TYR B 389 -1.39 -35.39 5.10
N ASP B 390 -2.69 -35.30 5.32
CA ASP B 390 -3.32 -34.22 6.07
C ASP B 390 -3.61 -34.71 7.49
N ILE B 391 -2.91 -34.14 8.47
CA ILE B 391 -3.12 -34.51 9.88
C ILE B 391 -4.58 -34.33 10.26
N ARG B 392 -5.13 -33.16 9.91
CA ARG B 392 -6.46 -32.79 10.38
C ARG B 392 -7.54 -33.63 9.72
N ALA B 393 -7.37 -33.93 8.43
CA ALA B 393 -8.31 -34.79 7.73
C ALA B 393 -8.02 -36.26 7.99
N GLN B 394 -6.83 -36.57 8.49
CA GLN B 394 -6.41 -37.94 8.74
C GLN B 394 -6.47 -38.78 7.46
N ARG B 395 -6.03 -38.20 6.33
CA ARG B 395 -6.00 -38.91 5.04
C ARG B 395 -5.03 -38.20 4.09
N PHE B 396 -4.68 -38.89 3.00
CA PHE B 396 -3.90 -38.26 1.95
C PHE B 396 -4.73 -37.22 1.19
N LEU B 397 -4.04 -36.24 0.61
CA LEU B 397 -4.68 -35.23 -0.23
C LEU B 397 -5.05 -35.81 -1.58
N GLU B 398 -6.01 -35.16 -2.24
CA GLU B 398 -6.51 -35.60 -3.55
C GLU B 398 -6.43 -34.47 -4.57
N GLU B 414 -8.49 -41.70 -4.04
CA GLU B 414 -7.58 -41.48 -5.16
C GLU B 414 -6.49 -40.47 -4.79
N ASN B 415 -5.48 -40.95 -4.07
CA ASN B 415 -4.46 -40.08 -3.48
C ASN B 415 -3.67 -39.33 -4.55
N LEU B 416 -3.53 -38.01 -4.37
CA LEU B 416 -2.74 -37.18 -5.27
C LEU B 416 -1.25 -37.40 -5.00
N LYS B 417 -0.51 -37.83 -6.02
CA LYS B 417 0.91 -38.07 -5.85
C LYS B 417 1.70 -37.68 -7.10
N LEU B 418 2.74 -36.87 -6.91
CA LEU B 418 3.80 -36.76 -7.89
C LEU B 418 4.48 -38.12 -8.04
N THR B 419 5.23 -38.30 -9.12
CA THR B 419 6.10 -39.48 -9.19
C THR B 419 7.37 -39.13 -9.94
N THR B 420 8.51 -39.49 -9.34
CA THR B 420 9.83 -39.20 -9.87
C THR B 420 9.97 -39.71 -11.30
N GLY B 421 10.54 -38.89 -12.17
CA GLY B 421 10.87 -39.29 -13.53
C GLY B 421 11.98 -40.33 -13.58
N LYS B 422 12.36 -40.76 -14.79
CA LYS B 422 13.31 -41.86 -14.94
C LYS B 422 14.69 -41.54 -14.38
N GLY B 423 15.01 -40.27 -14.22
CA GLY B 423 16.34 -39.86 -13.75
C GLY B 423 17.41 -40.33 -14.72
N TRP B 424 18.33 -41.16 -14.21
CA TRP B 424 19.33 -41.83 -15.02
C TRP B 424 19.68 -43.16 -14.38
N LEU B 425 20.28 -44.04 -15.18
CA LEU B 425 20.67 -45.38 -14.75
C LEU B 425 21.93 -45.80 -15.50
N ASN B 426 22.91 -46.35 -14.78
CA ASN B 426 24.12 -46.90 -15.35
C ASN B 426 23.88 -48.34 -15.80
N HIS B 427 24.62 -48.77 -16.83
CA HIS B 427 24.44 -50.12 -17.36
C HIS B 427 25.70 -50.94 -17.23
N ASP B 428 26.28 -50.97 -16.03
CA ASP B 428 27.47 -51.75 -15.75
C ASP B 428 27.11 -53.22 -15.55
N GLU B 429 28.11 -54.01 -15.19
CA GLU B 429 27.95 -55.46 -15.06
C GLU B 429 26.94 -55.83 -13.98
N THR B 430 26.80 -55.03 -12.93
CA THR B 430 25.87 -55.38 -11.86
C THR B 430 24.43 -55.38 -12.38
N TRP B 431 24.04 -54.30 -13.08
CA TRP B 431 22.75 -54.27 -13.74
C TRP B 431 22.63 -55.42 -14.74
N ARG B 432 23.72 -55.69 -15.46
CA ARG B 432 23.74 -56.75 -16.46
C ARG B 432 23.43 -58.11 -15.85
N ASN B 433 23.92 -58.34 -14.63
CA ASN B 433 23.77 -59.64 -13.98
C ASN B 433 22.39 -59.81 -13.37
N TYR B 434 21.89 -58.79 -12.68
CA TYR B 434 20.68 -58.99 -11.88
C TYR B 434 19.46 -58.29 -12.44
N PHE B 435 19.63 -57.29 -13.28
CA PHE B 435 18.54 -56.46 -13.73
C PHE B 435 18.57 -56.36 -15.25
N SER B 436 18.77 -57.52 -15.90
CA SER B 436 19.16 -57.61 -17.31
C SER B 436 18.17 -56.98 -18.25
N ASP B 437 16.90 -56.81 -17.84
CA ASP B 437 15.87 -56.35 -18.75
C ASP B 437 15.09 -55.16 -18.21
N ILE B 438 15.63 -54.41 -17.25
CA ILE B 438 14.91 -53.29 -16.64
C ILE B 438 15.57 -51.97 -17.09
N ASP B 439 14.84 -51.17 -17.88
CA ASP B 439 15.32 -49.90 -18.41
C ASP B 439 14.86 -48.68 -17.60
N PHE B 440 14.05 -48.89 -16.56
CA PHE B 440 13.47 -47.82 -15.75
C PHE B 440 13.33 -48.30 -14.31
N PHE B 441 13.54 -47.40 -13.35
CA PHE B 441 13.31 -47.73 -11.95
C PHE B 441 12.40 -46.69 -11.29
N PRO B 442 11.46 -47.15 -10.42
CA PRO B 442 10.48 -46.24 -9.78
C PRO B 442 11.14 -45.40 -8.71
N ASN B 443 11.90 -44.39 -9.13
CA ASN B 443 13.03 -43.88 -8.37
C ASN B 443 12.72 -43.41 -6.96
N ALA B 444 13.14 -44.24 -6.00
CA ALA B 444 12.99 -44.03 -4.57
C ALA B 444 13.43 -42.64 -4.11
N VAL B 445 12.55 -41.98 -3.35
CA VAL B 445 12.75 -40.60 -2.90
C VAL B 445 13.63 -40.56 -1.65
N TYR B 446 14.95 -40.72 -1.83
CA TYR B 446 15.87 -40.71 -0.70
C TYR B 446 15.86 -39.37 0.05
N THR B 447 15.58 -38.26 -0.64
CA THR B 447 15.54 -36.96 0.02
C THR B 447 14.54 -36.03 -0.69
N HIS B 448 13.85 -35.21 0.11
CA HIS B 448 13.02 -34.12 -0.41
C HIS B 448 12.91 -33.02 0.64
N CYS B 449 12.70 -31.78 0.18
CA CYS B 449 12.56 -30.66 1.11
C CYS B 449 11.82 -29.50 0.46
N TYR B 450 11.14 -28.72 1.30
CA TYR B 450 10.45 -27.50 0.90
C TYR B 450 11.36 -26.30 1.01
N ASP B 451 11.25 -25.38 0.06
CA ASP B 451 11.95 -24.10 0.15
C ASP B 451 11.37 -23.27 1.31
N SER B 452 11.98 -22.10 1.56
CA SER B 452 11.57 -21.26 2.68
C SER B 452 10.15 -20.69 2.53
N SER B 453 9.59 -20.66 1.32
CA SER B 453 8.17 -20.34 1.15
C SER B 453 7.28 -21.58 1.23
N GLY B 454 7.80 -22.73 0.84
CA GLY B 454 7.01 -23.95 0.71
C GLY B 454 6.37 -24.16 -0.64
N THR B 455 6.49 -23.20 -1.58
CA THR B 455 5.93 -23.38 -2.92
C THR B 455 6.81 -24.24 -3.83
N LYS B 456 8.10 -24.40 -3.49
CA LYS B 456 9.05 -25.18 -4.29
C LYS B 456 9.51 -26.39 -3.49
N LEU B 457 9.27 -27.58 -4.04
CA LEU B 457 9.58 -28.86 -3.38
C LEU B 457 10.70 -29.55 -4.17
N PHE B 458 11.93 -29.51 -3.65
CA PHE B 458 13.04 -30.23 -4.26
C PHE B 458 12.96 -31.71 -3.91
N VAL B 459 13.29 -32.57 -4.87
CA VAL B 459 13.15 -34.02 -4.72
C VAL B 459 14.36 -34.71 -5.36
N ALA B 460 14.91 -35.72 -4.67
CA ALA B 460 15.99 -36.50 -5.27
C ALA B 460 16.01 -37.94 -4.73
N GLY B 461 16.70 -38.80 -5.48
CA GLY B 461 16.63 -40.24 -5.31
C GLY B 461 17.43 -41.06 -6.31
N GLY B 462 16.93 -42.25 -6.64
CA GLY B 462 17.58 -43.21 -7.52
C GLY B 462 16.83 -44.54 -7.44
N PRO B 463 17.38 -45.62 -8.01
CA PRO B 463 16.69 -46.91 -7.95
C PRO B 463 16.61 -47.44 -6.52
N LEU B 464 15.62 -48.29 -6.26
CA LEU B 464 15.45 -48.79 -4.90
C LEU B 464 16.47 -49.87 -4.52
N PRO B 465 16.74 -50.91 -5.31
CA PRO B 465 17.70 -51.94 -4.87
C PRO B 465 19.13 -51.44 -4.64
N SER B 466 19.87 -52.24 -3.85
CA SER B 466 21.17 -51.86 -3.29
C SER B 466 22.30 -51.90 -4.31
N GLY B 467 22.24 -52.80 -5.29
CA GLY B 467 23.33 -52.96 -6.24
C GLY B 467 23.33 -51.97 -7.40
N LEU B 468 22.28 -51.19 -7.54
CA LEU B 468 22.10 -50.33 -8.70
C LEU B 468 22.76 -48.96 -8.51
N HIS B 469 23.25 -48.40 -9.61
CA HIS B 469 23.90 -47.09 -9.64
C HIS B 469 23.17 -46.24 -10.68
N GLY B 470 22.56 -45.14 -10.23
CA GLY B 470 21.66 -44.34 -11.05
C GLY B 470 20.95 -43.21 -10.31
N ASN B 471 21.38 -41.97 -10.54
CA ASN B 471 20.81 -40.86 -9.80
C ASN B 471 19.42 -40.48 -10.35
N TYR B 472 18.65 -39.80 -9.51
CA TYR B 472 17.48 -39.05 -9.94
C TYR B 472 17.46 -37.73 -9.17
N ALA B 473 17.17 -36.63 -9.86
CA ALA B 473 16.77 -35.40 -9.18
C ALA B 473 15.80 -34.61 -10.04
N GLY B 474 14.93 -33.85 -9.39
CA GLY B 474 14.02 -32.95 -10.07
C GLY B 474 13.33 -31.99 -9.11
N LEU B 475 13.25 -30.72 -9.46
CA LEU B 475 12.42 -29.80 -8.71
C LEU B 475 10.95 -30.06 -9.05
N TRP B 476 10.07 -29.81 -8.09
CA TRP B 476 8.65 -29.73 -8.38
C TRP B 476 8.14 -28.36 -7.95
N SER B 477 7.44 -27.68 -8.86
CA SER B 477 6.92 -26.34 -8.62
C SER B 477 5.75 -26.02 -9.54
#